data_8STT
#
_entry.id   8STT
#
_cell.length_a   111.695
_cell.length_b   73.006
_cell.length_c   170.474
_cell.angle_alpha   90.00
_cell.angle_beta   97.60
_cell.angle_gamma   90.00
#
_symmetry.space_group_name_H-M   'P 1 21 1'
#
loop_
_entity.id
_entity.type
_entity.pdbx_description
1 polymer 'Reverse transcriptase/ribonuclease H'
2 polymer 'p51 RT'
3 non-polymer 'MAGNESIUM ION'
4 non-polymer 8-{2-[2-(2,4-dioxo-3,4-dihydropyrimidin-1(2H)-yl)ethoxy]phenoxy}indolizine-2-carbonitrile
5 water water
#
loop_
_entity_poly.entity_id
_entity_poly.type
_entity_poly.pdbx_seq_one_letter_code
_entity_poly.pdbx_strand_id
1 'polypeptide(L)'
;MVPISPIETVPVKLKPGMDGPKVKQWPLTEEKIKALVEICTEMEKEGKISKIGPENPYNTPVFAIKKKDSTKWRKLVDFR
ELNKRTQDFWEVQLGIPHPAGLKKKKSATVLDVGDAYFSVPLDEDFRKYTAFTIPSINNETPGIRYQYNVLPQGWKGSPA
IFQSSMTKILEPFAAQNPDIVICQYMDDLYVGSDLEIGQHRTKIEELRQHLLRWGLTTPDKKHQKEPPFLWMGYELHPDK
WTVQPIVLPEKDSWTVNDIQKLVGKLNWASQIYPGIKVRQLSKLLRGTKALTEVIPLTEEAELELAENREILKEPVHGVY
YDPSKDLIAEIQKQGQGQWTYQIYQEPFKNLKTGKYARMRGAHTNDVKQLTEAVQKITTESIVIWGKTPKFKLPIQKETW
ETWWTEYWQATWIPEWEFVNTPPLVKLWYQLEKEPIVGAETFYVDGAANRETKLGKAGYVTNKGRQKVVPLTNTTNQKTE
LQAIYLALQDSGLEVNIVTDSQYALGIIQAQPDKSESELVNQIIEQLIKKEKVYLAWVPAHKGIGGNEQVDKLVSAGI
;
A,C
2 'polypeptide(L)'
;PISPIETVPVKLKPGMDGPKVKQWPLTEEKIKALVEICTEMEKEGKISKIGPENPYNTPVFAIKKKDSTKWRKLVDFREL
NKRTQDFWEVQLGIPHPAGLKKKKSVTVLDVGDAYFSVPLDEDFRKYTAFTIPSINNETPGIRYQYNVLPQGWKGSPAIF
QSSMTKILEPFKKQNPDIVIYQYMDDLYVGSDLEIGQHRTKIEELRQHLLRWGLTTPDKKHQKEPPFLWMGYELHPDKWT
VQPIVLPEKDSWTVNDIQKLVGKLNWASQIYPGIKVRQLSKLLRGTKALTEVIPLTEEAELELAENREILKEPVHGVYYD
PSKDLIAEIQKQGQGQWTYQIYQEPFKNLKTGKYARMRGAHTNDVKQLTEAVQKITTESIVIWGKTPKFKLPIQKETWET
WWTEYWQATWIPEWEFVNTPPLVKLWYQ
;
B,D
#
loop_
_chem_comp.id
_chem_comp.type
_chem_comp.name
_chem_comp.formula
29T non-polymer 8-{2-[2-(2,4-dioxo-3,4-dihydropyrimidin-1(2H)-yl)ethoxy]phenoxy}indolizine-2-carbonitrile 'C21 H16 N4 O4'
MG non-polymer 'MAGNESIUM ION' 'Mg 2'
#
# COMPACT_ATOMS: atom_id res chain seq x y z
N PRO A 6 -16.97 -27.73 14.14
CA PRO A 6 -16.15 -27.00 15.12
C PRO A 6 -16.59 -25.55 15.22
N ILE A 7 -16.06 -24.81 16.20
CA ILE A 7 -16.36 -23.39 16.36
C ILE A 7 -15.04 -22.63 16.45
N GLU A 8 -14.93 -21.55 15.70
CA GLU A 8 -13.71 -20.76 15.67
C GLU A 8 -13.42 -20.16 17.03
N THR A 9 -12.15 -20.14 17.43
CA THR A 9 -11.79 -19.56 18.71
C THR A 9 -11.46 -18.09 18.55
N VAL A 10 -11.82 -17.34 19.57
CA VAL A 10 -11.41 -15.95 19.70
C VAL A 10 -10.02 -15.93 20.32
N PRO A 11 -9.02 -15.40 19.60
CA PRO A 11 -7.68 -15.24 20.20
C PRO A 11 -7.75 -14.33 21.41
N VAL A 12 -7.29 -14.86 22.54
CA VAL A 12 -7.31 -14.17 23.81
C VAL A 12 -5.87 -13.98 24.25
N LYS A 13 -5.64 -12.92 25.03
CA LYS A 13 -4.33 -12.59 25.53
C LYS A 13 -4.47 -12.09 26.96
N LEU A 14 -3.36 -12.13 27.70
CA LEU A 14 -3.31 -11.54 29.02
C LEU A 14 -2.89 -10.08 28.95
N LYS A 15 -3.03 -9.38 30.07
CA LYS A 15 -2.62 -7.99 30.14
C LYS A 15 -1.10 -7.89 29.93
N PRO A 16 -0.62 -6.73 29.45
CA PRO A 16 0.79 -6.67 29.00
C PRO A 16 1.81 -7.04 30.07
N GLY A 17 1.66 -6.51 31.29
CA GLY A 17 2.68 -6.71 32.31
C GLY A 17 2.36 -7.80 33.30
N MET A 18 1.45 -8.70 32.95
CA MET A 18 0.98 -9.71 33.87
C MET A 18 1.23 -11.10 33.31
N ASP A 19 1.18 -12.09 34.21
CA ASP A 19 1.40 -13.48 33.86
C ASP A 19 0.28 -14.33 34.45
N GLY A 20 0.22 -15.57 33.97
CA GLY A 20 -0.82 -16.51 34.37
C GLY A 20 -0.86 -16.72 35.87
N PRO A 21 -2.04 -17.06 36.39
CA PRO A 21 -2.20 -17.16 37.85
C PRO A 21 -1.37 -18.29 38.44
N LYS A 22 -1.01 -18.13 39.72
CA LYS A 22 -0.28 -19.14 40.46
C LYS A 22 -0.83 -19.13 41.89
N VAL A 23 -1.85 -19.94 42.11
CA VAL A 23 -2.53 -20.04 43.40
C VAL A 23 -2.61 -21.53 43.77
N LYS A 24 -2.18 -21.85 45.00
CA LYS A 24 -2.21 -23.22 45.49
C LYS A 24 -3.59 -23.55 46.04
N GLN A 25 -4.12 -24.70 45.62
CA GLN A 25 -5.46 -25.07 46.06
C GLN A 25 -5.48 -25.36 47.56
N TRP A 26 -6.55 -24.93 48.19
CA TRP A 26 -6.76 -25.18 49.61
C TRP A 26 -7.19 -26.63 49.83
N PRO A 27 -6.83 -27.20 50.99
CA PRO A 27 -7.26 -28.57 51.30
C PRO A 27 -8.79 -28.67 51.34
N LEU A 28 -9.30 -29.82 50.90
CA LEU A 28 -10.74 -30.04 50.85
C LEU A 28 -11.08 -31.42 51.40
N THR A 29 -12.31 -31.56 51.88
CA THR A 29 -12.76 -32.84 52.42
C THR A 29 -12.74 -33.91 51.35
N GLU A 30 -12.36 -35.13 51.73
CA GLU A 30 -12.17 -36.20 50.75
C GLU A 30 -13.48 -36.61 50.08
N GLU A 31 -14.61 -36.41 50.76
CA GLU A 31 -15.90 -36.68 50.12
C GLU A 31 -16.09 -35.79 48.89
N LYS A 32 -15.84 -34.49 49.06
CA LYS A 32 -15.89 -33.58 47.92
C LYS A 32 -14.83 -33.92 46.88
N ILE A 33 -13.62 -34.29 47.34
CA ILE A 33 -12.52 -34.54 46.42
C ILE A 33 -12.89 -35.64 45.43
N LYS A 34 -13.48 -36.72 45.92
CA LYS A 34 -13.90 -37.79 45.03
C LYS A 34 -14.96 -37.30 44.04
N ALA A 35 -15.89 -36.47 44.52
CA ALA A 35 -16.90 -35.91 43.63
C ALA A 35 -16.27 -35.03 42.57
N LEU A 36 -15.27 -34.24 42.94
CA LEU A 36 -14.52 -33.48 41.94
C LEU A 36 -13.87 -34.40 40.93
N VAL A 37 -13.35 -35.54 41.39
CA VAL A 37 -12.75 -36.51 40.47
C VAL A 37 -13.78 -37.03 39.50
N GLU A 38 -14.99 -37.30 39.99
CA GLU A 38 -16.05 -37.80 39.11
C GLU A 38 -16.42 -36.77 38.05
N ILE A 39 -16.56 -35.50 38.45
CA ILE A 39 -16.94 -34.46 37.49
C ILE A 39 -15.85 -34.25 36.44
N CYS A 40 -14.58 -34.20 36.88
CA CYS A 40 -13.50 -33.91 35.95
C CYS A 40 -13.20 -35.08 35.01
N THR A 41 -13.36 -36.32 35.48
CA THR A 41 -13.22 -37.44 34.57
C THR A 41 -14.30 -37.41 33.50
N GLU A 42 -15.53 -37.05 33.88
CA GLU A 42 -16.61 -36.94 32.91
C GLU A 42 -16.32 -35.82 31.90
N MET A 43 -15.91 -34.65 32.40
CA MET A 43 -15.59 -33.55 31.49
C MET A 43 -14.42 -33.92 30.60
N GLU A 44 -13.44 -34.67 31.13
CA GLU A 44 -12.36 -35.17 30.29
C GLU A 44 -12.93 -36.01 29.14
N LYS A 45 -13.97 -36.80 29.42
CA LYS A 45 -14.53 -37.67 28.39
C LYS A 45 -15.11 -36.86 27.24
N GLU A 46 -15.81 -35.77 27.54
CA GLU A 46 -16.51 -35.00 26.52
C GLU A 46 -15.61 -33.98 25.82
N GLY A 47 -14.33 -33.89 26.21
CA GLY A 47 -13.39 -32.99 25.57
C GLY A 47 -13.30 -31.61 26.16
N LYS A 48 -13.99 -31.35 27.28
CA LYS A 48 -14.05 -30.01 27.84
C LYS A 48 -12.78 -29.64 28.60
N ILE A 49 -12.19 -30.58 29.32
CA ILE A 49 -10.93 -30.35 30.02
C ILE A 49 -9.96 -31.47 29.64
N SER A 50 -8.69 -31.21 29.90
CA SER A 50 -7.63 -32.17 29.59
C SER A 50 -6.57 -32.15 30.68
N LYS A 51 -6.07 -33.32 31.03
CA LYS A 51 -5.07 -33.45 32.09
C LYS A 51 -3.76 -32.80 31.67
N ILE A 52 -3.17 -32.03 32.58
CA ILE A 52 -1.98 -31.23 32.30
C ILE A 52 -0.80 -31.87 33.01
N GLY A 53 0.36 -31.84 32.33
CA GLY A 53 1.60 -32.31 32.91
C GLY A 53 2.19 -31.29 33.86
N PRO A 54 3.27 -31.68 34.53
CA PRO A 54 3.94 -30.76 35.47
C PRO A 54 4.63 -29.59 34.78
N GLU A 55 4.77 -29.65 33.45
CA GLU A 55 5.38 -28.55 32.71
C GLU A 55 4.56 -27.27 32.85
N ASN A 56 3.25 -27.38 33.05
CA ASN A 56 2.41 -26.20 33.24
C ASN A 56 2.60 -25.64 34.63
N PRO A 57 3.06 -24.39 34.78
CA PRO A 57 3.28 -23.83 36.12
C PRO A 57 2.04 -23.21 36.74
N TYR A 58 1.09 -22.78 35.92
CA TYR A 58 -0.02 -21.99 36.41
C TYR A 58 -1.01 -22.85 37.19
N ASN A 59 -1.73 -22.21 38.11
CA ASN A 59 -2.77 -22.90 38.84
C ASN A 59 -3.77 -21.87 39.37
N THR A 60 -5.02 -22.30 39.48
CA THR A 60 -6.14 -21.51 39.99
C THR A 60 -6.92 -22.35 40.98
N PRO A 61 -7.49 -21.73 42.02
CA PRO A 61 -8.13 -22.51 43.09
C PRO A 61 -9.41 -23.19 42.62
N VAL A 62 -9.58 -24.43 43.09
CA VAL A 62 -10.75 -25.24 42.75
C VAL A 62 -11.53 -25.54 44.03
N PHE A 63 -12.81 -25.24 44.00
CA PHE A 63 -13.72 -25.57 45.07
C PHE A 63 -14.79 -26.52 44.55
N ALA A 64 -15.69 -26.90 45.43
CA ALA A 64 -16.79 -27.79 45.04
C ALA A 64 -17.91 -27.68 46.06
N ILE A 65 -19.07 -28.19 45.65
CA ILE A 65 -20.18 -28.50 46.53
C ILE A 65 -20.40 -29.99 46.43
N LYS A 66 -20.52 -30.65 47.58
CA LYS A 66 -20.66 -32.10 47.59
C LYS A 66 -22.04 -32.54 47.10
N LYS A 67 -22.05 -33.61 46.32
CA LYS A 67 -23.26 -34.05 45.63
C LYS A 67 -24.37 -34.40 46.61
N LYS A 68 -25.59 -34.02 46.24
CA LYS A 68 -26.75 -34.21 47.09
C LYS A 68 -27.99 -34.11 46.22
N ASP A 69 -29.15 -34.36 46.84
CA ASP A 69 -30.43 -34.25 46.14
C ASP A 69 -30.67 -32.81 45.69
N SER A 70 -30.36 -31.84 46.56
CA SER A 70 -30.40 -30.45 46.14
C SER A 70 -29.26 -30.20 45.16
N THR A 71 -29.35 -29.08 44.43
CA THR A 71 -28.39 -28.78 43.39
C THR A 71 -27.05 -28.40 44.02
N LYS A 72 -26.46 -29.35 44.74
CA LYS A 72 -25.19 -29.15 45.40
C LYS A 72 -24.09 -30.01 44.79
N TRP A 73 -24.30 -30.60 43.61
CA TRP A 73 -23.28 -31.44 42.96
C TRP A 73 -22.61 -30.67 41.83
N ARG A 74 -21.76 -29.73 42.21
CA ARG A 74 -21.23 -28.79 41.22
C ARG A 74 -19.75 -28.50 41.49
N LYS A 75 -19.02 -28.24 40.40
CA LYS A 75 -17.63 -27.83 40.44
C LYS A 75 -17.55 -26.32 40.26
N LEU A 76 -16.87 -25.66 41.19
CA LEU A 76 -16.63 -24.22 41.13
C LEU A 76 -15.13 -23.96 41.03
N VAL A 77 -14.78 -22.92 40.29
CA VAL A 77 -13.39 -22.48 40.17
C VAL A 77 -13.37 -20.96 40.30
N ASP A 78 -12.50 -20.45 41.18
CA ASP A 78 -12.32 -19.01 41.33
C ASP A 78 -11.24 -18.57 40.36
N PHE A 79 -11.63 -17.75 39.37
CA PHE A 79 -10.70 -17.22 38.38
C PHE A 79 -10.39 -15.75 38.62
N ARG A 80 -10.61 -15.27 39.84
CA ARG A 80 -10.45 -13.84 40.12
C ARG A 80 -9.04 -13.35 39.79
N GLU A 81 -8.03 -14.14 40.13
CA GLU A 81 -6.67 -13.76 39.77
C GLU A 81 -6.44 -13.93 38.27
N LEU A 82 -6.96 -15.01 37.69
CA LEU A 82 -6.89 -15.12 36.23
C LEU A 82 -7.67 -13.99 35.57
N ASN A 83 -8.81 -13.61 36.14
CA ASN A 83 -9.58 -12.51 35.58
C ASN A 83 -8.83 -11.19 35.68
N LYS A 84 -8.14 -10.96 36.81
CA LYS A 84 -7.35 -9.74 36.96
C LYS A 84 -6.20 -9.71 35.98
N ARG A 85 -5.70 -10.87 35.54
CA ARG A 85 -4.61 -10.91 34.57
C ARG A 85 -5.10 -10.96 33.13
N THR A 86 -6.38 -11.24 32.91
CA THR A 86 -6.93 -11.38 31.57
C THR A 86 -7.28 -10.03 30.98
N GLN A 87 -7.06 -9.90 29.67
CA GLN A 87 -7.36 -8.66 28.96
C GLN A 87 -8.79 -8.20 29.17
N ASP A 88 -9.03 -6.94 28.86
CA ASP A 88 -10.38 -6.45 28.74
C ASP A 88 -10.99 -6.91 27.41
N PHE A 89 -12.31 -7.11 27.42
CA PHE A 89 -13.04 -7.46 26.21
C PHE A 89 -14.08 -6.39 25.92
N TRP A 90 -14.68 -6.50 24.74
CA TRP A 90 -15.83 -5.65 24.46
C TRP A 90 -16.99 -6.10 25.34
N GLU A 91 -17.40 -5.23 26.25
CA GLU A 91 -18.39 -5.60 27.26
C GLU A 91 -19.73 -5.94 26.60
N VAL A 92 -20.31 -7.07 27.00
CA VAL A 92 -21.67 -7.40 26.60
C VAL A 92 -22.62 -6.39 27.22
N GLN A 93 -23.68 -6.04 26.48
CA GLN A 93 -24.49 -4.89 26.82
C GLN A 93 -25.17 -5.04 28.19
N LEU A 94 -25.04 -4.00 29.02
CA LEU A 94 -25.69 -3.99 30.32
C LEU A 94 -27.18 -3.70 30.23
N GLY A 95 -27.58 -2.88 29.25
CA GLY A 95 -29.00 -2.60 29.08
C GLY A 95 -29.78 -3.86 28.75
N ILE A 96 -30.93 -4.00 29.39
CA ILE A 96 -31.79 -5.16 29.23
C ILE A 96 -32.99 -4.74 28.38
N PRO A 97 -33.42 -5.56 27.43
CA PRO A 97 -34.55 -5.15 26.57
C PRO A 97 -35.79 -4.82 27.38
N HIS A 98 -36.41 -3.70 27.04
CA HIS A 98 -37.57 -3.37 27.84
C HIS A 98 -38.84 -3.93 27.21
N PRO A 99 -39.73 -4.55 27.99
CA PRO A 99 -40.93 -5.16 27.39
C PRO A 99 -41.80 -4.19 26.61
N ALA A 100 -41.88 -2.93 27.01
CA ALA A 100 -42.68 -1.96 26.27
C ALA A 100 -42.13 -1.65 24.88
N GLY A 101 -40.92 -2.10 24.57
CA GLY A 101 -40.39 -1.97 23.22
C GLY A 101 -40.58 -3.18 22.36
N LEU A 102 -41.10 -4.27 22.93
CA LEU A 102 -41.38 -5.46 22.15
C LEU A 102 -42.59 -5.24 21.25
N LYS A 103 -42.54 -5.82 20.05
CA LYS A 103 -43.68 -5.81 19.14
C LYS A 103 -44.41 -7.15 19.27
N LYS A 104 -45.72 -7.10 19.53
CA LYS A 104 -46.51 -8.31 19.66
C LYS A 104 -46.35 -9.19 18.43
N LYS A 105 -46.00 -10.44 18.66
CA LYS A 105 -45.90 -11.44 17.60
C LYS A 105 -46.94 -12.53 17.82
N LYS A 106 -47.24 -13.26 16.76
CA LYS A 106 -48.23 -14.32 16.87
C LYS A 106 -47.82 -15.36 17.89
N SER A 107 -46.54 -15.72 17.90
CA SER A 107 -46.00 -16.68 18.83
C SER A 107 -44.58 -16.28 19.18
N ALA A 108 -44.13 -16.73 20.35
CA ALA A 108 -42.80 -16.37 20.84
C ALA A 108 -42.32 -17.46 21.77
N THR A 109 -41.22 -18.12 21.40
CA THR A 109 -40.68 -19.23 22.16
C THR A 109 -39.32 -18.86 22.74
N VAL A 110 -39.07 -19.32 23.95
CA VAL A 110 -37.78 -19.17 24.61
C VAL A 110 -36.99 -20.45 24.44
N LEU A 111 -35.81 -20.34 23.86
CA LEU A 111 -34.86 -21.44 23.73
C LEU A 111 -33.63 -21.10 24.56
N ASP A 112 -33.45 -21.77 25.70
CA ASP A 112 -32.24 -21.59 26.49
C ASP A 112 -31.20 -22.64 26.10
N VAL A 113 -29.95 -22.22 25.99
CA VAL A 113 -28.84 -23.10 25.63
C VAL A 113 -28.31 -23.77 26.88
N GLY A 114 -28.03 -25.07 26.77
CA GLY A 114 -27.48 -25.83 27.87
C GLY A 114 -25.98 -26.00 27.70
N ASP A 115 -25.25 -25.85 28.81
CA ASP A 115 -23.79 -25.88 28.82
C ASP A 115 -23.23 -24.95 27.76
N ALA A 116 -23.75 -23.73 27.77
CA ALA A 116 -23.44 -22.77 26.72
C ALA A 116 -21.94 -22.50 26.64
N TYR A 117 -21.32 -22.15 27.77
CA TYR A 117 -19.90 -21.83 27.77
C TYR A 117 -19.07 -23.05 27.40
N PHE A 118 -19.51 -24.24 27.81
CA PHE A 118 -18.74 -25.45 27.54
C PHE A 118 -18.86 -25.93 26.10
N SER A 119 -19.72 -25.31 25.30
CA SER A 119 -19.83 -25.68 23.91
C SER A 119 -18.93 -24.87 22.99
N VAL A 120 -18.26 -23.85 23.50
CA VAL A 120 -17.40 -22.97 22.70
C VAL A 120 -15.96 -23.21 23.10
N PRO A 121 -15.06 -23.53 22.16
CA PRO A 121 -13.67 -23.79 22.52
C PRO A 121 -12.97 -22.54 23.02
N LEU A 122 -11.94 -22.78 23.82
CA LEU A 122 -11.07 -21.71 24.30
C LEU A 122 -9.82 -21.66 23.44
N ASP A 123 -9.28 -20.45 23.30
CA ASP A 123 -8.03 -20.28 22.58
C ASP A 123 -6.95 -21.16 23.19
N GLU A 124 -6.32 -21.99 22.34
CA GLU A 124 -5.34 -22.96 22.84
C GLU A 124 -4.19 -22.28 23.54
N ASP A 125 -3.74 -21.13 23.03
CA ASP A 125 -2.63 -20.45 23.68
C ASP A 125 -3.01 -19.95 25.06
N PHE A 126 -4.30 -19.70 25.29
CA PHE A 126 -4.75 -19.24 26.60
C PHE A 126 -5.09 -20.40 27.55
N ARG A 127 -5.29 -21.60 27.03
CA ARG A 127 -5.77 -22.71 27.85
C ARG A 127 -4.87 -22.95 29.06
N LYS A 128 -3.56 -22.82 28.87
CA LYS A 128 -2.61 -23.10 29.94
C LYS A 128 -2.92 -22.31 31.20
N TYR A 129 -3.39 -21.07 31.05
CA TYR A 129 -3.64 -20.22 32.21
C TYR A 129 -4.86 -20.67 33.00
N THR A 130 -5.76 -21.46 32.41
CA THR A 130 -6.93 -21.94 33.13
C THR A 130 -6.65 -23.18 33.95
N ALA A 131 -5.38 -23.56 34.06
CA ALA A 131 -5.01 -24.82 34.70
C ALA A 131 -5.47 -24.86 36.15
N PHE A 132 -6.03 -26.00 36.54
CA PHE A 132 -6.49 -26.23 37.89
C PHE A 132 -6.04 -27.62 38.33
N THR A 133 -5.71 -27.72 39.61
CA THR A 133 -5.23 -28.95 40.21
C THR A 133 -6.29 -29.50 41.14
N ILE A 134 -6.59 -30.78 40.99
CA ILE A 134 -7.59 -31.43 41.84
C ILE A 134 -6.92 -31.81 43.16
N PRO A 135 -7.60 -31.62 44.29
CA PRO A 135 -6.95 -31.88 45.58
C PRO A 135 -6.65 -33.35 45.77
N SER A 136 -5.62 -33.60 46.56
CA SER A 136 -5.18 -34.96 46.89
C SER A 136 -5.78 -35.37 48.23
N ILE A 137 -6.34 -36.58 48.27
CA ILE A 137 -7.01 -37.06 49.48
C ILE A 137 -6.04 -37.07 50.65
N ASN A 138 -4.87 -37.66 50.45
CA ASN A 138 -3.79 -37.64 51.43
C ASN A 138 -2.79 -36.56 51.04
N ASN A 139 -2.28 -35.84 52.03
CA ASN A 139 -1.34 -34.76 51.77
C ASN A 139 -0.09 -35.27 51.03
N GLU A 140 0.24 -36.56 51.19
CA GLU A 140 1.42 -37.11 50.51
C GLU A 140 1.18 -37.31 49.02
N THR A 141 -0.05 -37.59 48.62
CA THR A 141 -0.34 -37.80 47.21
C THR A 141 -0.15 -36.51 46.43
N PRO A 142 0.54 -36.55 45.28
CA PRO A 142 0.49 -35.39 44.39
C PRO A 142 -0.88 -35.25 43.76
N GLY A 143 -1.32 -34.01 43.56
CA GLY A 143 -2.62 -33.77 42.97
C GLY A 143 -2.61 -34.00 41.47
N ILE A 144 -3.80 -34.29 40.93
CA ILE A 144 -3.99 -34.41 39.48
C ILE A 144 -4.46 -33.07 38.93
N ARG A 145 -3.98 -32.72 37.75
CA ARG A 145 -4.17 -31.38 37.18
C ARG A 145 -4.81 -31.47 35.81
N TYR A 146 -5.72 -30.54 35.53
CA TYR A 146 -6.38 -30.39 34.24
C TYR A 146 -6.30 -28.93 33.79
N GLN A 147 -6.62 -28.70 32.52
CA GLN A 147 -6.81 -27.35 31.98
C GLN A 147 -8.04 -27.36 31.08
N TYR A 148 -8.70 -26.20 30.94
CA TYR A 148 -9.91 -26.12 30.13
C TYR A 148 -9.59 -26.00 28.65
N ASN A 149 -10.35 -26.73 27.83
CA ASN A 149 -10.36 -26.53 26.39
C ASN A 149 -11.57 -25.74 25.91
N VAL A 150 -12.45 -25.36 26.82
CA VAL A 150 -13.64 -24.58 26.51
C VAL A 150 -13.72 -23.45 27.52
N LEU A 151 -14.74 -22.61 27.36
CA LEU A 151 -14.85 -21.38 28.14
C LEU A 151 -15.22 -21.67 29.60
N PRO A 152 -14.35 -21.35 30.55
CA PRO A 152 -14.66 -21.65 31.96
C PRO A 152 -15.79 -20.78 32.48
N GLN A 153 -16.53 -21.33 33.45
CA GLN A 153 -17.78 -20.71 33.87
C GLN A 153 -17.58 -19.43 34.66
N GLY A 154 -16.45 -19.28 35.34
CA GLY A 154 -16.20 -18.05 36.07
C GLY A 154 -15.32 -17.06 35.36
N TRP A 155 -14.80 -17.40 34.17
CA TRP A 155 -13.77 -16.60 33.53
C TRP A 155 -14.32 -15.27 32.99
N LYS A 156 -13.45 -14.27 32.96
CA LYS A 156 -13.86 -12.93 32.55
C LYS A 156 -14.32 -12.88 31.10
N GLY A 157 -13.80 -13.76 30.24
CA GLY A 157 -14.10 -13.69 28.82
C GLY A 157 -15.21 -14.56 28.30
N SER A 158 -15.78 -15.43 29.13
CA SER A 158 -16.76 -16.39 28.65
C SER A 158 -18.06 -15.74 28.16
N PRO A 159 -18.63 -14.78 28.88
CA PRO A 159 -19.88 -14.17 28.39
C PRO A 159 -19.74 -13.56 27.02
N ALA A 160 -18.69 -12.74 26.82
CA ALA A 160 -18.53 -12.02 25.56
C ALA A 160 -18.12 -12.95 24.43
N ILE A 161 -17.26 -13.93 24.73
CA ILE A 161 -16.90 -14.88 23.68
C ILE A 161 -18.06 -15.82 23.37
N PHE A 162 -18.90 -16.13 24.35
CA PHE A 162 -20.09 -16.91 24.00
C PHE A 162 -21.04 -16.11 23.12
N GLN A 163 -21.27 -14.83 23.46
CA GLN A 163 -22.18 -14.00 22.66
C GLN A 163 -21.71 -13.89 21.23
N SER A 164 -20.43 -13.60 21.02
CA SER A 164 -19.97 -13.38 19.65
C SER A 164 -20.03 -14.68 18.86
N SER A 165 -19.76 -15.81 19.52
CA SER A 165 -19.87 -17.10 18.82
C SER A 165 -21.31 -17.38 18.42
N MET A 166 -22.26 -17.04 19.30
CA MET A 166 -23.67 -17.27 19.01
C MET A 166 -24.15 -16.39 17.86
N THR A 167 -23.65 -15.15 17.80
CA THR A 167 -24.04 -14.27 16.70
C THR A 167 -23.63 -14.85 15.36
N LYS A 168 -22.39 -15.37 15.27
CA LYS A 168 -21.90 -15.92 14.00
C LYS A 168 -22.66 -17.18 13.60
N ILE A 169 -23.04 -18.00 14.57
CA ILE A 169 -23.82 -19.19 14.25
C ILE A 169 -25.20 -18.80 13.74
N LEU A 170 -25.80 -17.75 14.31
CA LEU A 170 -27.16 -17.37 13.95
C LEU A 170 -27.24 -16.61 12.62
N GLU A 171 -26.13 -16.04 12.13
CA GLU A 171 -26.20 -15.13 10.99
C GLU A 171 -26.80 -15.77 9.74
N PRO A 172 -26.39 -16.97 9.31
CA PRO A 172 -27.05 -17.56 8.13
C PRO A 172 -28.54 -17.80 8.31
N PHE A 173 -28.95 -18.39 9.44
CA PHE A 173 -30.37 -18.70 9.64
C PHE A 173 -31.20 -17.44 9.67
N ALA A 174 -30.69 -16.37 10.30
CA ALA A 174 -31.38 -15.09 10.26
C ALA A 174 -31.49 -14.58 8.83
N ALA A 175 -30.43 -14.73 8.04
CA ALA A 175 -30.51 -14.39 6.62
C ALA A 175 -31.52 -15.28 5.91
N GLN A 176 -31.47 -16.59 6.18
CA GLN A 176 -32.38 -17.51 5.52
C GLN A 176 -33.84 -17.23 5.84
N ASN A 177 -34.13 -16.73 7.05
CA ASN A 177 -35.49 -16.56 7.53
C ASN A 177 -35.65 -15.19 8.19
N PRO A 178 -35.73 -14.12 7.39
CA PRO A 178 -35.75 -12.77 7.98
C PRO A 178 -37.06 -12.41 8.65
N ASP A 179 -38.17 -13.06 8.30
CA ASP A 179 -39.43 -12.77 8.97
C ASP A 179 -39.35 -13.11 10.45
N ILE A 180 -38.51 -14.07 10.81
CA ILE A 180 -38.36 -14.51 12.19
C ILE A 180 -37.46 -13.54 12.94
N VAL A 181 -37.92 -13.06 14.10
CA VAL A 181 -37.16 -12.14 14.94
C VAL A 181 -36.52 -12.93 16.08
N ILE A 182 -35.19 -12.85 16.17
CA ILE A 182 -34.42 -13.55 17.20
C ILE A 182 -33.78 -12.52 18.11
N CYS A 183 -34.12 -12.59 19.39
CA CYS A 183 -33.48 -11.75 20.40
C CYS A 183 -32.50 -12.58 21.21
N GLN A 184 -31.35 -12.00 21.52
CA GLN A 184 -30.32 -12.69 22.27
C GLN A 184 -30.18 -12.06 23.65
N TYR A 185 -30.16 -12.90 24.67
CA TYR A 185 -29.89 -12.54 26.04
C TYR A 185 -29.05 -13.69 26.62
N MET A 186 -28.43 -13.44 27.77
CA MET A 186 -27.42 -14.38 28.29
C MET A 186 -27.94 -15.81 28.34
N ASP A 187 -27.36 -16.68 27.50
CA ASP A 187 -27.68 -18.12 27.42
C ASP A 187 -29.04 -18.39 26.77
N ASP A 188 -29.85 -17.36 26.54
CA ASP A 188 -31.20 -17.54 26.02
C ASP A 188 -31.32 -16.98 24.61
N LEU A 189 -32.21 -17.59 23.82
CA LEU A 189 -32.67 -17.04 22.55
C LEU A 189 -34.18 -16.95 22.61
N TYR A 190 -34.72 -15.75 22.40
CA TYR A 190 -36.17 -15.54 22.32
C TYR A 190 -36.54 -15.34 20.86
N VAL A 191 -37.35 -16.25 20.33
CA VAL A 191 -37.67 -16.31 18.92
C VAL A 191 -39.17 -16.06 18.76
N GLY A 192 -39.52 -15.02 18.00
CA GLY A 192 -40.91 -14.72 17.73
C GLY A 192 -41.15 -14.56 16.24
N SER A 193 -42.41 -14.78 15.86
CA SER A 193 -42.80 -14.62 14.46
C SER A 193 -44.31 -14.39 14.39
N ASP A 194 -44.75 -13.97 13.21
CA ASP A 194 -46.16 -13.86 12.89
C ASP A 194 -46.59 -14.91 11.88
N LEU A 195 -45.79 -15.95 11.69
CA LEU A 195 -46.21 -17.05 10.84
C LEU A 195 -47.35 -17.82 11.52
N GLU A 196 -48.06 -18.62 10.73
CA GLU A 196 -49.08 -19.48 11.30
C GLU A 196 -48.44 -20.49 12.24
N ILE A 197 -49.20 -20.89 13.27
CA ILE A 197 -48.65 -21.66 14.38
C ILE A 197 -47.89 -22.88 13.87
N GLY A 198 -48.39 -23.49 12.79
CA GLY A 198 -47.70 -24.65 12.25
C GLY A 198 -46.31 -24.31 11.71
N GLN A 199 -46.22 -23.23 10.95
CA GLN A 199 -44.92 -22.85 10.38
C GLN A 199 -43.97 -22.30 11.43
N HIS A 200 -44.49 -21.67 12.47
CA HIS A 200 -43.64 -21.15 13.55
C HIS A 200 -42.93 -22.28 14.30
N ARG A 201 -43.66 -23.35 14.64
CA ARG A 201 -43.02 -24.48 15.30
C ARG A 201 -42.10 -25.24 14.34
N THR A 202 -42.31 -25.10 13.03
CA THR A 202 -41.43 -25.72 12.05
C THR A 202 -40.06 -25.03 12.01
N LYS A 203 -40.06 -23.69 11.95
CA LYS A 203 -38.79 -22.98 11.86
C LYS A 203 -38.01 -23.06 13.16
N ILE A 204 -38.72 -23.17 14.29
CA ILE A 204 -38.02 -23.37 15.57
C ILE A 204 -37.23 -24.66 15.55
N GLU A 205 -37.85 -25.72 15.03
CA GLU A 205 -37.12 -26.98 14.90
C GLU A 205 -35.98 -26.87 13.89
N GLU A 206 -36.18 -26.11 12.79
CA GLU A 206 -35.07 -25.87 11.89
C GLU A 206 -33.94 -25.16 12.63
N LEU A 207 -34.28 -24.10 13.37
CA LEU A 207 -33.31 -23.42 14.22
C LEU A 207 -32.75 -24.36 15.27
N ARG A 208 -33.63 -25.11 15.94
CA ARG A 208 -33.18 -26.05 16.95
C ARG A 208 -32.20 -27.07 16.36
N GLN A 209 -32.49 -27.56 15.15
CA GLN A 209 -31.57 -28.49 14.50
C GLN A 209 -30.30 -27.80 14.03
N HIS A 210 -30.40 -26.53 13.61
CA HIS A 210 -29.22 -25.84 13.10
C HIS A 210 -28.22 -25.53 14.19
N LEU A 211 -28.68 -25.27 15.41
CA LEU A 211 -27.75 -25.06 16.51
C LEU A 211 -27.09 -26.35 16.94
N LEU A 212 -27.78 -27.48 16.80
CA LEU A 212 -27.21 -28.75 17.23
C LEU A 212 -26.01 -29.13 16.38
N ARG A 213 -26.07 -28.83 15.08
CA ARG A 213 -24.91 -29.08 14.22
C ARG A 213 -23.69 -28.31 14.70
N TRP A 214 -23.88 -27.23 15.44
CA TRP A 214 -22.80 -26.47 16.06
C TRP A 214 -22.62 -26.82 17.54
N GLY A 215 -23.29 -27.86 18.04
CA GLY A 215 -23.08 -28.30 19.40
C GLY A 215 -23.83 -27.51 20.46
N LEU A 216 -24.95 -26.89 20.10
CA LEU A 216 -25.76 -26.14 21.05
C LEU A 216 -27.09 -26.85 21.22
N THR A 217 -27.40 -27.24 22.45
CA THR A 217 -28.63 -27.95 22.77
C THR A 217 -29.70 -26.96 23.23
N THR A 218 -30.90 -27.10 22.66
CA THR A 218 -32.06 -26.28 22.88
C THR A 218 -33.15 -27.10 23.57
N PRO A 219 -34.02 -26.46 24.35
CA PRO A 219 -35.11 -27.18 25.03
C PRO A 219 -36.25 -27.51 24.07
N ASP A 220 -35.97 -28.38 23.11
CA ASP A 220 -36.94 -28.66 22.05
C ASP A 220 -38.18 -29.38 22.59
N LYS A 221 -37.97 -30.40 23.44
CA LYS A 221 -39.11 -31.16 23.96
C LYS A 221 -39.98 -30.30 24.87
N LYS A 222 -39.37 -29.57 25.81
CA LYS A 222 -40.11 -28.77 26.78
C LYS A 222 -39.68 -27.33 26.61
N HIS A 223 -40.48 -26.53 25.90
CA HIS A 223 -40.08 -25.20 25.46
C HIS A 223 -40.32 -24.11 26.49
N GLN A 224 -40.83 -24.44 27.67
CA GLN A 224 -41.32 -23.44 28.61
C GLN A 224 -42.34 -22.54 27.91
N LYS A 225 -43.18 -23.17 27.09
CA LYS A 225 -44.07 -22.44 26.20
C LYS A 225 -45.14 -21.65 26.93
N GLU A 226 -45.22 -21.75 28.26
CA GLU A 226 -46.20 -21.01 29.06
C GLU A 226 -46.16 -19.55 28.64
N PRO A 227 -47.19 -19.06 27.96
CA PRO A 227 -47.13 -17.72 27.40
C PRO A 227 -46.77 -16.68 28.45
N PRO A 228 -47.26 -16.79 29.72
CA PRO A 228 -46.71 -15.86 30.73
C PRO A 228 -45.29 -16.25 31.13
N PHE A 229 -44.33 -15.41 30.77
CA PHE A 229 -42.92 -15.64 31.09
C PHE A 229 -42.54 -14.82 32.30
N LEU A 230 -41.84 -15.47 33.24
CA LEU A 230 -41.28 -14.80 34.42
C LEU A 230 -39.86 -14.42 34.07
N TRP A 231 -39.69 -13.26 33.44
CA TRP A 231 -38.42 -12.86 32.88
C TRP A 231 -37.95 -11.55 33.49
N MET A 232 -36.81 -11.60 34.18
CA MET A 232 -36.09 -10.42 34.64
C MET A 232 -36.99 -9.45 35.40
N GLY A 233 -37.88 -10.00 36.23
CA GLY A 233 -38.79 -9.18 37.02
C GLY A 233 -40.09 -8.79 36.34
N TYR A 234 -40.32 -9.22 35.12
CA TYR A 234 -41.53 -8.86 34.37
C TYR A 234 -42.43 -10.07 34.15
N GLU A 235 -43.68 -9.80 33.78
CA GLU A 235 -44.59 -10.81 33.26
C GLU A 235 -44.81 -10.50 31.79
N LEU A 236 -44.39 -11.39 30.92
CA LEU A 236 -44.58 -11.21 29.49
C LEU A 236 -45.74 -12.08 29.05
N HIS A 237 -46.95 -11.49 28.98
CA HIS A 237 -48.11 -12.18 28.43
C HIS A 237 -48.16 -12.01 26.92
N PRO A 238 -48.85 -12.90 26.20
CA PRO A 238 -48.94 -12.73 24.74
C PRO A 238 -49.68 -11.48 24.32
N ASP A 239 -50.49 -10.89 25.19
CA ASP A 239 -51.25 -9.69 24.89
C ASP A 239 -50.76 -8.45 25.64
N LYS A 240 -49.93 -8.61 26.66
CA LYS A 240 -49.55 -7.50 27.52
C LYS A 240 -48.30 -7.88 28.29
N TRP A 241 -47.80 -6.93 29.08
CA TRP A 241 -46.70 -7.13 30.01
C TRP A 241 -47.02 -6.37 31.28
N THR A 242 -46.47 -6.83 32.39
CA THR A 242 -46.54 -6.08 33.63
C THR A 242 -45.28 -6.40 34.43
N VAL A 243 -45.22 -5.84 35.61
CA VAL A 243 -44.18 -6.14 36.58
C VAL A 243 -44.63 -7.35 37.39
N GLN A 244 -43.67 -8.15 37.84
CA GLN A 244 -43.99 -9.23 38.77
C GLN A 244 -44.53 -8.65 40.07
N PRO A 245 -45.35 -9.40 40.80
CA PRO A 245 -45.96 -8.85 42.01
C PRO A 245 -44.92 -8.32 42.99
N ILE A 246 -45.22 -7.18 43.59
CA ILE A 246 -44.28 -6.46 44.44
C ILE A 246 -44.83 -6.48 45.86
N VAL A 247 -44.03 -7.01 46.79
CA VAL A 247 -44.43 -7.00 48.19
C VAL A 247 -44.35 -5.58 48.72
N LEU A 248 -45.31 -5.19 49.54
CA LEU A 248 -45.43 -3.81 49.98
C LEU A 248 -44.30 -3.41 50.93
N SER A 253 -42.83 -2.14 59.87
CA SER A 253 -41.63 -1.64 60.52
C SER A 253 -40.42 -1.89 59.63
N TRP A 254 -39.65 -0.83 59.37
CA TRP A 254 -38.54 -0.90 58.42
C TRP A 254 -37.28 -0.27 59.01
N THR A 255 -36.18 -1.02 58.97
CA THR A 255 -34.86 -0.47 59.25
C THR A 255 -34.31 0.21 57.98
N VAL A 256 -33.11 0.80 58.09
CA VAL A 256 -32.57 1.62 57.00
C VAL A 256 -32.50 0.84 55.69
N ASN A 257 -32.00 -0.40 55.75
CA ASN A 257 -31.90 -1.20 54.52
C ASN A 257 -33.28 -1.57 53.99
N ASP A 258 -34.24 -1.82 54.89
CA ASP A 258 -35.60 -2.12 54.48
C ASP A 258 -36.19 -0.95 53.69
N ILE A 259 -35.74 0.28 53.97
CA ILE A 259 -36.16 1.42 53.18
C ILE A 259 -35.57 1.36 51.78
N GLN A 260 -34.27 1.07 51.68
CA GLN A 260 -33.60 1.11 50.38
C GLN A 260 -34.22 0.11 49.42
N LYS A 261 -34.41 -1.13 49.87
CA LYS A 261 -35.05 -2.13 49.03
C LYS A 261 -36.49 -1.75 48.73
N LEU A 262 -37.16 -1.05 49.65
CA LEU A 262 -38.50 -0.56 49.38
C LEU A 262 -38.50 0.46 48.25
N VAL A 263 -37.58 1.42 48.32
CA VAL A 263 -37.49 2.43 47.26
C VAL A 263 -37.16 1.79 45.93
N GLY A 264 -36.25 0.81 45.94
CA GLY A 264 -35.97 0.08 44.72
C GLY A 264 -37.20 -0.60 44.15
N LYS A 265 -37.95 -1.29 45.00
CA LYS A 265 -39.18 -1.93 44.53
C LYS A 265 -40.21 -0.90 44.08
N LEU A 266 -40.22 0.28 44.70
CA LEU A 266 -41.14 1.33 44.26
C LEU A 266 -40.75 1.86 42.89
N ASN A 267 -39.46 2.14 42.70
CA ASN A 267 -39.00 2.59 41.39
C ASN A 267 -39.25 1.54 40.32
N TRP A 268 -38.97 0.27 40.64
CA TRP A 268 -39.28 -0.80 39.70
C TRP A 268 -40.77 -0.84 39.38
N ALA A 269 -41.60 -0.48 40.36
CA ALA A 269 -43.04 -0.45 40.12
C ALA A 269 -43.44 0.73 39.26
N SER A 270 -42.68 1.82 39.30
CA SER A 270 -43.01 3.04 38.57
C SER A 270 -42.85 2.89 37.06
N GLN A 271 -42.27 1.77 36.58
CA GLN A 271 -42.26 1.50 35.15
C GLN A 271 -43.67 1.43 34.59
N ILE A 272 -44.62 0.87 35.36
CA ILE A 272 -45.96 0.69 34.83
C ILE A 272 -47.05 1.21 35.77
N TYR A 273 -46.77 1.26 37.08
CA TYR A 273 -47.76 1.77 38.04
C TYR A 273 -47.61 3.28 38.14
N PRO A 274 -48.58 4.06 37.68
CA PRO A 274 -48.43 5.51 37.71
C PRO A 274 -48.64 6.08 39.11
N GLY A 275 -47.95 7.18 39.38
CA GLY A 275 -48.10 7.88 40.63
C GLY A 275 -47.34 7.29 41.80
N ILE A 276 -46.36 6.41 41.57
CA ILE A 276 -45.51 5.95 42.66
C ILE A 276 -44.58 7.07 43.08
N LYS A 277 -44.45 7.27 44.39
CA LYS A 277 -43.70 8.39 44.94
C LYS A 277 -42.62 7.88 45.89
N VAL A 278 -41.41 8.40 45.74
CA VAL A 278 -40.26 7.94 46.52
C VAL A 278 -39.46 9.13 47.07
N ARG A 279 -39.98 10.35 46.87
CA ARG A 279 -39.20 11.54 47.24
C ARG A 279 -39.03 11.67 48.75
N GLN A 280 -40.09 11.45 49.53
CA GLN A 280 -39.98 11.59 50.97
C GLN A 280 -39.04 10.55 51.56
N LEU A 281 -39.14 9.29 51.10
CA LEU A 281 -38.27 8.25 51.59
C LEU A 281 -36.82 8.51 51.18
N SER A 282 -36.60 9.05 49.98
CA SER A 282 -35.24 9.33 49.52
C SER A 282 -34.58 10.40 50.38
N LYS A 283 -35.34 11.41 50.81
CA LYS A 283 -34.80 12.40 51.74
C LYS A 283 -34.43 11.75 53.07
N LEU A 284 -35.22 10.76 53.51
CA LEU A 284 -34.87 10.00 54.70
C LEU A 284 -33.56 9.23 54.51
N LEU A 285 -33.33 8.71 53.31
CA LEU A 285 -32.10 7.97 53.02
C LEU A 285 -30.98 8.94 52.62
N ARG A 286 -30.65 9.84 53.55
CA ARG A 286 -29.56 10.79 53.38
C ARG A 286 -28.50 10.50 54.43
N GLY A 287 -27.25 10.37 53.99
CA GLY A 287 -26.21 9.92 54.90
C GLY A 287 -26.58 8.57 55.46
N THR A 288 -26.44 8.42 56.77
CA THR A 288 -26.88 7.23 57.51
C THR A 288 -26.47 5.95 56.78
N LYS A 289 -25.17 5.80 56.54
CA LYS A 289 -24.68 4.72 55.70
C LYS A 289 -24.74 3.35 56.39
N ALA A 290 -25.06 3.31 57.67
CA ALA A 290 -25.18 2.04 58.40
C ALA A 290 -26.56 1.45 58.17
N LEU A 291 -26.61 0.28 57.54
CA LEU A 291 -27.90 -0.37 57.29
C LEU A 291 -28.58 -0.78 58.59
N THR A 292 -27.78 -1.17 59.59
CA THR A 292 -28.33 -1.61 60.87
C THR A 292 -29.05 -0.48 61.59
N GLU A 293 -28.47 0.72 61.58
CA GLU A 293 -29.11 1.86 62.22
C GLU A 293 -30.51 2.06 61.63
N VAL A 294 -31.47 2.38 62.49
CA VAL A 294 -32.86 2.49 62.05
C VAL A 294 -33.10 3.92 61.58
N ILE A 295 -34.12 4.08 60.74
CA ILE A 295 -34.56 5.40 60.29
C ILE A 295 -35.83 5.76 61.04
N PRO A 296 -35.99 7.01 61.49
CA PRO A 296 -37.22 7.39 62.17
C PRO A 296 -38.36 7.56 61.19
N LEU A 297 -39.52 7.03 61.57
CA LEU A 297 -40.69 7.07 60.70
C LEU A 297 -41.28 8.49 60.66
N THR A 298 -41.52 9.01 59.46
CA THR A 298 -42.09 10.33 59.25
C THR A 298 -43.52 10.19 58.75
N GLU A 299 -44.45 10.93 59.37
CA GLU A 299 -45.86 10.82 59.00
C GLU A 299 -46.06 11.10 57.51
N GLU A 300 -45.35 12.10 56.97
CA GLU A 300 -45.42 12.37 55.54
C GLU A 300 -44.83 11.22 54.72
N ALA A 301 -43.70 10.66 55.18
CA ALA A 301 -43.15 9.49 54.51
C ALA A 301 -44.05 8.28 54.67
N GLU A 302 -44.63 8.08 55.86
CA GLU A 302 -45.58 6.99 56.05
C GLU A 302 -46.82 7.17 55.18
N LEU A 303 -47.26 8.42 55.01
CA LEU A 303 -48.34 8.70 54.08
C LEU A 303 -47.95 8.30 52.66
N GLU A 304 -46.69 8.59 52.28
CA GLU A 304 -46.21 8.22 50.96
C GLU A 304 -46.36 6.72 50.73
N LEU A 305 -46.08 5.90 51.75
CA LEU A 305 -46.23 4.46 51.59
C LEU A 305 -47.70 4.06 51.50
N ALA A 306 -48.56 4.72 52.28
CA ALA A 306 -50.00 4.41 52.23
C ALA A 306 -50.55 4.67 50.84
N GLU A 307 -50.21 5.81 50.25
CA GLU A 307 -50.66 6.11 48.90
C GLU A 307 -50.14 5.08 47.91
N ASN A 308 -48.87 4.69 48.04
CA ASN A 308 -48.30 3.68 47.15
C ASN A 308 -48.99 2.34 47.29
N ARG A 309 -49.29 1.93 48.54
CA ARG A 309 -50.00 0.67 48.75
C ARG A 309 -51.36 0.69 48.08
N GLU A 310 -52.04 1.85 48.11
CA GLU A 310 -53.31 1.97 47.41
CA GLU A 310 -53.31 1.97 47.41
C GLU A 310 -53.13 1.78 45.91
N ILE A 311 -52.09 2.36 45.34
CA ILE A 311 -51.83 2.22 43.90
C ILE A 311 -51.54 0.77 43.56
N LEU A 312 -50.65 0.14 44.33
CA LEU A 312 -50.24 -1.23 44.05
C LEU A 312 -51.39 -2.22 44.14
N LYS A 313 -52.47 -1.85 44.82
CA LYS A 313 -53.63 -2.74 44.90
C LYS A 313 -54.28 -2.93 43.53
N GLU A 314 -54.36 -1.87 42.73
CA GLU A 314 -54.99 -1.95 41.41
C GLU A 314 -54.02 -2.57 40.42
N PRO A 315 -54.35 -3.71 39.80
CA PRO A 315 -53.42 -4.34 38.86
C PRO A 315 -53.27 -3.49 37.60
N VAL A 316 -52.03 -3.32 37.17
CA VAL A 316 -51.70 -2.52 36.00
C VAL A 316 -50.95 -3.39 35.00
N HIS A 317 -51.26 -3.21 33.72
CA HIS A 317 -50.59 -3.91 32.66
C HIS A 317 -50.20 -2.92 31.57
N GLY A 318 -49.06 -3.19 30.94
CA GLY A 318 -48.61 -2.40 29.80
C GLY A 318 -48.85 -3.11 28.49
N VAL A 319 -49.02 -2.34 27.44
CA VAL A 319 -49.21 -2.86 26.09
C VAL A 319 -47.87 -2.90 25.36
N TYR A 320 -47.75 -3.83 24.42
CA TYR A 320 -46.59 -3.90 23.55
C TYR A 320 -46.68 -2.81 22.47
N TYR A 321 -45.57 -2.62 21.75
CA TYR A 321 -45.40 -1.49 20.85
C TYR A 321 -45.85 -1.80 19.44
N ASP A 322 -46.56 -0.84 18.82
CA ASP A 322 -47.08 -0.94 17.46
C ASP A 322 -46.35 0.07 16.57
N PRO A 323 -45.45 -0.39 15.70
CA PRO A 323 -44.63 0.55 14.91
C PRO A 323 -45.44 1.47 14.02
N SER A 324 -46.72 1.17 13.78
CA SER A 324 -47.52 1.94 12.84
C SER A 324 -48.24 3.12 13.48
N LYS A 325 -48.10 3.32 14.79
CA LYS A 325 -48.81 4.38 15.48
C LYS A 325 -47.82 5.32 16.15
N ASP A 326 -48.27 6.53 16.43
CA ASP A 326 -47.40 7.51 17.07
C ASP A 326 -47.19 7.15 18.53
N LEU A 327 -45.99 7.47 19.02
CA LEU A 327 -45.76 7.49 20.46
C LEU A 327 -46.18 8.84 21.01
N ILE A 328 -47.02 8.80 22.04
CA ILE A 328 -47.40 9.99 22.79
C ILE A 328 -46.76 9.90 24.17
N ALA A 329 -46.13 10.99 24.59
CA ALA A 329 -45.65 11.14 25.96
C ALA A 329 -46.38 12.31 26.60
N GLU A 330 -46.92 12.07 27.79
CA GLU A 330 -47.68 13.08 28.50
C GLU A 330 -47.12 13.20 29.91
N ILE A 331 -46.95 14.45 30.37
CA ILE A 331 -46.24 14.74 31.61
C ILE A 331 -47.20 15.46 32.56
N GLN A 332 -47.14 15.08 33.83
CA GLN A 332 -47.84 15.80 34.89
C GLN A 332 -46.82 16.23 35.94
N LYS A 333 -46.89 17.50 36.33
CA LYS A 333 -46.20 17.97 37.52
C LYS A 333 -46.97 17.46 38.72
N GLN A 334 -46.45 16.42 39.37
CA GLN A 334 -47.03 15.93 40.61
C GLN A 334 -46.10 16.36 41.74
N GLY A 335 -46.60 17.21 42.63
CA GLY A 335 -45.78 17.65 43.74
C GLY A 335 -44.69 18.61 43.33
N GLN A 336 -43.95 19.13 44.30
CA GLN A 336 -42.87 20.05 44.03
C GLN A 336 -41.60 19.27 43.74
N GLY A 337 -40.94 19.62 42.63
CA GLY A 337 -39.74 18.97 42.20
C GLY A 337 -39.93 17.60 41.59
N GLN A 338 -41.15 17.05 41.65
CA GLN A 338 -41.44 15.71 41.16
C GLN A 338 -42.30 15.78 39.91
N TRP A 339 -42.01 14.90 38.95
CA TRP A 339 -42.76 14.84 37.71
C TRP A 339 -43.09 13.40 37.38
N THR A 340 -44.25 13.19 36.79
CA THR A 340 -44.68 11.88 36.36
C THR A 340 -45.10 11.96 34.89
N TYR A 341 -44.86 10.88 34.17
CA TYR A 341 -45.12 10.84 32.74
C TYR A 341 -45.61 9.46 32.33
N GLN A 342 -46.45 9.45 31.30
CA GLN A 342 -46.97 8.22 30.72
C GLN A 342 -46.63 8.22 29.24
N ILE A 343 -46.42 7.03 28.70
CA ILE A 343 -46.17 6.86 27.26
C ILE A 343 -47.17 5.85 26.72
N TYR A 344 -47.87 6.23 25.65
CA TYR A 344 -48.93 5.39 25.11
C TYR A 344 -49.08 5.67 23.62
N GLN A 345 -49.75 4.75 22.94
CA GLN A 345 -50.16 4.91 21.54
C GLN A 345 -51.68 5.01 21.36
N GLU A 346 -52.44 4.23 22.10
CA GLU A 346 -53.90 4.27 22.16
C GLU A 346 -54.34 5.01 23.42
N PRO A 347 -55.50 5.65 23.40
CA PRO A 347 -55.79 6.68 24.42
C PRO A 347 -55.66 6.27 25.87
N PHE A 348 -56.03 5.04 26.26
CA PHE A 348 -55.93 4.67 27.67
C PHE A 348 -55.02 3.48 27.95
N LYS A 349 -54.43 2.88 26.93
CA LYS A 349 -53.53 1.74 27.11
C LYS A 349 -52.10 2.26 27.06
N ASN A 350 -51.40 2.20 28.20
CA ASN A 350 -50.06 2.74 28.32
C ASN A 350 -49.03 1.71 27.87
N LEU A 351 -48.02 2.19 27.12
CA LEU A 351 -46.85 1.35 26.88
C LEU A 351 -46.03 1.19 28.16
N LYS A 352 -45.82 2.27 28.90
CA LYS A 352 -45.12 2.22 30.18
C LYS A 352 -45.29 3.58 30.86
N THR A 353 -44.68 3.70 32.04
CA THR A 353 -44.84 4.83 32.94
C THR A 353 -43.45 5.19 33.47
N GLY A 354 -43.34 6.38 34.08
CA GLY A 354 -42.11 6.70 34.77
C GLY A 354 -42.24 8.01 35.52
N LYS A 355 -41.15 8.36 36.19
CA LYS A 355 -41.05 9.58 36.97
C LYS A 355 -39.72 10.24 36.65
N TYR A 356 -39.63 11.52 37.03
CA TYR A 356 -38.42 12.31 36.89
C TYR A 356 -38.38 13.26 38.07
N ALA A 357 -37.19 13.47 38.62
CA ALA A 357 -37.04 14.34 39.78
C ALA A 357 -35.97 15.39 39.51
N ARG A 358 -36.09 16.52 40.20
CA ARG A 358 -35.23 17.69 39.99
C ARG A 358 -33.75 17.34 40.07
N MET A 359 -32.89 18.13 39.42
CA MET A 359 -31.45 17.98 39.61
C MET A 359 -31.04 18.53 40.98
N ARG A 360 -29.78 18.30 41.34
CA ARG A 360 -29.32 18.67 42.67
C ARG A 360 -29.25 20.18 42.87
N GLY A 361 -29.04 20.93 41.78
CA GLY A 361 -28.83 22.37 41.91
C GLY A 361 -30.05 23.11 42.42
N ALA A 362 -29.80 24.19 43.13
CA ALA A 362 -30.86 25.05 43.65
C ALA A 362 -31.25 26.09 42.60
N HIS A 363 -32.25 26.90 42.93
CA HIS A 363 -32.74 27.98 42.07
C HIS A 363 -33.15 27.44 40.71
N THR A 364 -34.16 26.58 40.72
CA THR A 364 -34.71 26.03 39.50
C THR A 364 -36.07 26.65 39.20
N ASN A 365 -36.50 26.43 37.98
CA ASN A 365 -37.75 26.93 37.44
C ASN A 365 -38.58 25.73 37.00
N ASP A 366 -39.89 25.80 37.19
CA ASP A 366 -40.76 24.73 36.70
C ASP A 366 -40.62 24.56 35.19
N VAL A 367 -40.36 25.65 34.47
CA VAL A 367 -40.17 25.53 33.02
C VAL A 367 -38.86 24.82 32.70
N LYS A 368 -37.78 25.17 33.41
CA LYS A 368 -36.52 24.43 33.23
C LYS A 368 -36.72 22.95 33.54
N GLN A 369 -37.38 22.64 34.65
CA GLN A 369 -37.59 21.24 35.00
C GLN A 369 -38.44 20.53 33.95
N LEU A 370 -39.48 21.19 33.45
CA LEU A 370 -40.30 20.55 32.43
C LEU A 370 -39.48 20.24 31.18
N THR A 371 -38.65 21.18 30.74
CA THR A 371 -37.84 20.98 29.55
C THR A 371 -36.85 19.84 29.75
N GLU A 372 -36.24 19.76 30.94
CA GLU A 372 -35.34 18.65 31.24
C GLU A 372 -36.09 17.33 31.23
N ALA A 373 -37.30 17.30 31.80
CA ALA A 373 -38.09 16.07 31.80
C ALA A 373 -38.41 15.61 30.40
N VAL A 374 -38.79 16.54 29.52
CA VAL A 374 -38.97 16.20 28.11
C VAL A 374 -37.68 15.63 27.56
N GLN A 375 -36.54 16.22 27.94
CA GLN A 375 -35.24 15.71 27.51
C GLN A 375 -35.04 14.26 27.97
N LYS A 376 -35.35 13.98 29.24
CA LYS A 376 -35.16 12.63 29.76
C LYS A 376 -36.03 11.62 29.00
N ILE A 377 -37.31 11.96 28.80
CA ILE A 377 -38.23 11.05 28.12
C ILE A 377 -37.79 10.83 26.67
N THR A 378 -37.26 11.87 26.03
CA THR A 378 -36.86 11.76 24.63
C THR A 378 -35.74 10.73 24.46
N THR A 379 -34.72 10.78 25.33
CA THR A 379 -33.64 9.81 25.25
C THR A 379 -34.15 8.40 25.55
N GLU A 380 -35.05 8.28 26.53
CA GLU A 380 -35.60 6.97 26.83
C GLU A 380 -36.32 6.39 25.63
N SER A 381 -37.08 7.21 24.91
CA SER A 381 -37.84 6.70 23.76
C SER A 381 -36.91 6.17 22.68
N ILE A 382 -35.85 6.92 22.39
CA ILE A 382 -34.93 6.50 21.34
C ILE A 382 -34.29 5.17 21.70
N VAL A 383 -33.99 4.96 22.98
CA VAL A 383 -33.39 3.69 23.38
C VAL A 383 -34.39 2.56 23.21
N ILE A 384 -35.65 2.79 23.61
CA ILE A 384 -36.62 1.70 23.65
C ILE A 384 -37.24 1.47 22.27
N TRP A 385 -37.66 2.55 21.60
CA TRP A 385 -38.43 2.41 20.37
C TRP A 385 -37.70 2.84 19.11
N GLY A 386 -36.66 3.66 19.22
CA GLY A 386 -35.95 4.16 18.05
C GLY A 386 -36.49 5.44 17.46
N LYS A 387 -37.52 6.06 18.05
CA LYS A 387 -37.96 7.37 17.63
C LYS A 387 -38.32 8.19 18.85
N THR A 388 -38.53 9.47 18.63
CA THR A 388 -38.97 10.33 19.72
C THR A 388 -40.50 10.41 19.72
N PRO A 389 -41.10 10.64 20.87
CA PRO A 389 -42.55 10.70 20.97
C PRO A 389 -43.07 12.12 20.69
N LYS A 390 -44.38 12.20 20.50
CA LYS A 390 -45.09 13.47 20.53
C LYS A 390 -45.49 13.74 21.97
N PHE A 391 -45.46 15.00 22.36
CA PHE A 391 -45.62 15.35 23.77
C PHE A 391 -46.95 16.03 24.04
N LYS A 392 -47.48 15.78 25.23
CA LYS A 392 -48.63 16.47 25.76
C LYS A 392 -48.23 17.07 27.10
N LEU A 393 -48.19 18.40 27.17
CA LEU A 393 -47.56 19.06 28.30
C LEU A 393 -48.49 20.09 28.93
N PRO A 394 -48.46 20.22 30.25
CA PRO A 394 -49.29 21.19 30.95
C PRO A 394 -48.65 22.57 31.01
N ILE A 395 -48.28 23.11 29.84
CA ILE A 395 -47.74 24.46 29.74
C ILE A 395 -48.34 25.13 28.51
N GLN A 396 -48.80 26.36 28.65
CA GLN A 396 -49.33 27.08 27.50
C GLN A 396 -48.23 27.35 26.48
N LYS A 397 -48.61 27.42 25.20
CA LYS A 397 -47.64 27.78 24.18
C LYS A 397 -47.09 29.18 24.38
N GLU A 398 -47.88 30.06 24.98
CA GLU A 398 -47.43 31.42 25.21
C GLU A 398 -46.40 31.48 26.33
N THR A 399 -46.58 30.66 27.37
CA THR A 399 -45.59 30.60 28.44
C THR A 399 -44.24 30.10 27.90
N TRP A 400 -44.27 29.02 27.12
CA TRP A 400 -43.04 28.46 26.58
C TRP A 400 -42.37 29.43 25.62
N GLU A 401 -43.14 30.03 24.72
CA GLU A 401 -42.54 30.95 23.75
C GLU A 401 -41.90 32.14 24.44
N THR A 402 -42.56 32.68 25.47
CA THR A 402 -41.95 33.76 26.23
C THR A 402 -40.67 33.29 26.90
N TRP A 403 -40.68 32.07 27.44
CA TRP A 403 -39.50 31.59 28.14
C TRP A 403 -38.34 31.35 27.19
N TRP A 404 -38.60 30.64 26.08
CA TRP A 404 -37.50 30.33 25.17
C TRP A 404 -36.90 31.60 24.57
N THR A 405 -37.74 32.55 24.17
CA THR A 405 -37.21 33.72 23.48
C THR A 405 -36.28 34.53 24.37
N GLU A 406 -36.52 34.53 25.68
CA GLU A 406 -35.76 35.36 26.62
C GLU A 406 -34.74 34.57 27.43
N TYR A 407 -34.63 33.27 27.20
CA TYR A 407 -33.74 32.43 28.00
C TYR A 407 -32.36 32.41 27.36
N TRP A 408 -31.33 32.67 28.17
CA TRP A 408 -29.97 32.80 27.65
C TRP A 408 -29.48 31.53 26.98
N GLN A 409 -30.05 30.37 27.30
CA GLN A 409 -29.57 29.14 26.69
C GLN A 409 -30.38 28.78 25.45
N ALA A 410 -29.77 27.97 24.59
CA ALA A 410 -30.51 27.36 23.52
C ALA A 410 -31.34 26.23 24.10
N THR A 411 -32.64 26.26 23.83
CA THR A 411 -33.55 25.24 24.31
C THR A 411 -34.44 24.81 23.18
N TRP A 412 -34.90 23.57 23.24
CA TRP A 412 -35.85 23.10 22.26
C TRP A 412 -36.71 22.01 22.88
N ILE A 413 -37.93 21.90 22.37
CA ILE A 413 -38.79 20.75 22.66
C ILE A 413 -39.35 20.29 21.32
N PRO A 414 -39.54 18.99 21.12
CA PRO A 414 -40.22 18.52 19.89
C PRO A 414 -41.66 19.00 19.82
N GLU A 415 -42.37 18.57 18.77
CA GLU A 415 -43.78 18.94 18.62
C GLU A 415 -44.57 18.52 19.84
N TRP A 416 -45.44 19.41 20.30
CA TRP A 416 -46.14 19.17 21.55
C TRP A 416 -47.46 19.93 21.53
N GLU A 417 -48.43 19.41 22.28
CA GLU A 417 -49.74 20.01 22.36
C GLU A 417 -50.05 20.29 23.83
N PHE A 418 -50.57 21.48 24.10
CA PHE A 418 -51.01 21.83 25.44
C PHE A 418 -52.09 20.86 25.90
N VAL A 419 -52.07 20.55 27.19
CA VAL A 419 -53.08 19.72 27.82
C VAL A 419 -53.53 20.46 29.07
N ASN A 420 -54.81 20.80 29.13
CA ASN A 420 -55.32 21.60 30.23
C ASN A 420 -55.56 20.73 31.47
N THR A 421 -54.48 20.14 31.96
CA THR A 421 -54.49 19.37 33.21
C THR A 421 -53.70 20.11 34.27
N PRO A 422 -54.34 20.71 35.27
CA PRO A 422 -53.58 21.34 36.36
C PRO A 422 -52.83 20.29 37.18
N PRO A 423 -51.76 20.68 37.88
CA PRO A 423 -51.12 22.00 37.96
C PRO A 423 -50.48 22.45 36.65
N LEU A 424 -50.84 23.63 36.14
CA LEU A 424 -50.24 24.14 34.93
C LEU A 424 -48.87 24.76 35.24
N VAL A 425 -47.93 24.58 34.32
CA VAL A 425 -46.58 25.12 34.47
C VAL A 425 -46.55 26.56 33.99
N LYS A 426 -46.17 27.49 34.87
CA LYS A 426 -46.20 28.91 34.53
C LYS A 426 -45.03 29.65 35.17
N LEU A 427 -44.86 30.90 34.73
CA LEU A 427 -43.82 31.80 35.21
C LEU A 427 -44.42 32.71 36.28
N TRP A 428 -43.93 32.59 37.51
CA TRP A 428 -44.51 33.32 38.64
C TRP A 428 -44.27 34.82 38.59
N TYR A 429 -43.35 35.29 37.76
CA TYR A 429 -43.09 36.72 37.65
C TYR A 429 -42.22 36.97 36.44
N GLN A 430 -42.13 38.25 36.04
CA GLN A 430 -41.25 38.69 34.98
C GLN A 430 -40.65 40.02 35.37
N LEU A 431 -39.33 40.13 35.26
CA LEU A 431 -38.64 41.39 35.54
C LEU A 431 -38.82 42.38 34.38
N GLU A 432 -38.79 43.66 34.70
CA GLU A 432 -38.94 44.69 33.68
C GLU A 432 -37.63 44.91 32.95
N LYS A 433 -37.71 45.07 31.62
CA LYS A 433 -36.50 45.31 30.83
C LYS A 433 -35.97 46.72 31.01
N GLU A 434 -36.84 47.68 31.34
CA GLU A 434 -36.46 49.07 31.39
C GLU A 434 -36.85 49.68 32.73
N PRO A 435 -36.14 50.72 33.17
CA PRO A 435 -36.46 51.34 34.46
C PRO A 435 -37.87 51.88 34.48
N ILE A 436 -38.46 51.92 35.68
CA ILE A 436 -39.83 52.35 35.87
C ILE A 436 -39.84 53.80 36.31
N VAL A 437 -40.57 54.64 35.59
CA VAL A 437 -40.63 56.06 35.89
C VAL A 437 -41.52 56.31 37.09
N GLY A 438 -41.06 57.15 38.01
CA GLY A 438 -41.85 57.45 39.17
C GLY A 438 -41.89 56.35 40.21
N ALA A 439 -41.05 55.33 40.06
CA ALA A 439 -40.89 54.31 41.09
C ALA A 439 -39.59 54.60 41.83
N GLU A 440 -39.66 54.51 43.15
CA GLU A 440 -38.51 54.80 43.99
C GLU A 440 -37.34 53.88 43.64
N THR A 441 -36.13 54.44 43.64
CA THR A 441 -34.93 53.73 43.25
C THR A 441 -34.14 53.38 44.51
N PHE A 442 -34.02 52.08 44.80
CA PHE A 442 -33.27 51.60 45.96
C PHE A 442 -31.88 51.17 45.53
N TYR A 443 -30.85 51.80 46.13
CA TYR A 443 -29.46 51.38 45.98
C TYR A 443 -29.09 50.51 47.18
N VAL A 444 -28.93 49.21 46.94
CA VAL A 444 -28.70 48.28 48.03
C VAL A 444 -27.25 47.81 48.01
N ASP A 445 -26.79 47.39 49.18
CA ASP A 445 -25.50 46.71 49.26
C ASP A 445 -25.49 45.90 50.55
N GLY A 446 -24.62 44.90 50.56
CA GLY A 446 -24.38 44.11 51.75
C GLY A 446 -22.89 43.92 51.95
N ALA A 447 -22.53 43.62 53.20
CA ALA A 447 -21.15 43.35 53.55
C ALA A 447 -21.13 42.50 54.81
N ALA A 448 -20.03 41.78 55.00
CA ALA A 448 -19.88 40.93 56.17
C ALA A 448 -18.41 40.66 56.39
N ASN A 449 -18.09 40.27 57.62
CA ASN A 449 -16.72 39.92 57.99
C ASN A 449 -16.53 38.41 57.86
N ARG A 450 -15.48 38.00 57.15
CA ARG A 450 -15.20 36.58 57.03
C ARG A 450 -14.77 35.97 58.36
N GLU A 451 -14.07 36.74 59.19
CA GLU A 451 -13.62 36.21 60.48
C GLU A 451 -14.76 36.12 61.48
N THR A 452 -15.57 37.17 61.58
CA THR A 452 -16.75 37.18 62.44
C THR A 452 -17.97 37.10 61.55
N LYS A 453 -18.75 36.03 61.70
CA LYS A 453 -19.84 35.76 60.78
C LYS A 453 -20.92 36.84 60.76
N LEU A 454 -20.86 37.84 61.64
CA LEU A 454 -21.87 38.89 61.66
C LEU A 454 -21.65 39.89 60.52
N GLY A 455 -22.74 40.55 60.13
CA GLY A 455 -22.73 41.51 59.04
C GLY A 455 -23.92 42.44 59.08
N LYS A 456 -24.03 43.26 58.03
CA LYS A 456 -25.06 44.29 57.93
C LYS A 456 -25.61 44.29 56.50
N ALA A 457 -26.78 44.90 56.33
CA ALA A 457 -27.40 45.03 55.02
C ALA A 457 -28.35 46.21 55.04
N GLY A 458 -28.61 46.79 53.87
CA GLY A 458 -29.54 47.91 53.82
C GLY A 458 -29.64 48.50 52.43
N TYR A 459 -30.24 49.70 52.38
CA TYR A 459 -30.48 50.42 51.14
C TYR A 459 -30.48 51.91 51.40
N VAL A 460 -30.36 52.67 50.32
CA VAL A 460 -30.59 54.12 50.30
C VAL A 460 -31.33 54.44 49.01
N THR A 461 -32.33 55.32 49.09
CA THR A 461 -33.17 55.61 47.94
C THR A 461 -33.10 57.09 47.57
N ASN A 462 -33.61 57.39 46.37
CA ASN A 462 -33.62 58.76 45.86
C ASN A 462 -34.46 59.68 46.75
N LYS A 463 -35.55 59.16 47.31
CA LYS A 463 -36.40 59.93 48.20
C LYS A 463 -35.77 60.15 49.58
N GLY A 464 -34.54 59.71 49.80
CA GLY A 464 -33.87 59.92 51.07
C GLY A 464 -34.05 58.82 52.08
N ARG A 465 -34.91 57.83 51.79
CA ARG A 465 -35.07 56.68 52.69
C ARG A 465 -33.76 55.92 52.84
N GLN A 466 -33.51 55.42 54.05
CA GLN A 466 -32.33 54.63 54.34
C GLN A 466 -32.68 53.58 55.38
N LYS A 467 -31.93 52.49 55.38
CA LYS A 467 -32.09 51.45 56.38
C LYS A 467 -30.79 50.67 56.47
N VAL A 468 -30.47 50.21 57.67
CA VAL A 468 -29.41 49.24 57.90
C VAL A 468 -29.92 48.25 58.93
N VAL A 469 -29.78 46.95 58.66
CA VAL A 469 -30.14 45.97 59.69
C VAL A 469 -28.91 45.12 59.98
N PRO A 470 -28.65 44.80 61.23
CA PRO A 470 -27.49 43.96 61.54
C PRO A 470 -27.85 42.48 61.39
N LEU A 471 -26.86 41.71 60.95
CA LEU A 471 -27.06 40.30 60.63
C LEU A 471 -26.05 39.46 61.38
N THR A 472 -26.45 38.22 61.67
CA THR A 472 -25.59 37.25 62.35
C THR A 472 -25.46 36.00 61.49
N ASN A 473 -24.25 35.43 61.44
CA ASN A 473 -24.00 34.18 60.74
C ASN A 473 -24.37 34.28 59.26
N THR A 474 -23.89 35.33 58.61
CA THR A 474 -24.16 35.56 57.20
C THR A 474 -22.85 35.74 56.45
N THR A 475 -22.79 35.20 55.24
CA THR A 475 -21.66 35.46 54.36
C THR A 475 -21.90 36.74 53.57
N ASN A 476 -20.87 37.20 52.87
CA ASN A 476 -21.04 38.39 52.03
C ASN A 476 -22.13 38.19 50.99
N GLN A 477 -22.30 36.97 50.50
CA GLN A 477 -23.31 36.76 49.47
C GLN A 477 -24.71 36.78 50.06
N LYS A 478 -24.87 36.26 51.29
CA LYS A 478 -26.18 36.34 51.94
C LYS A 478 -26.58 37.79 52.19
N THR A 479 -25.61 38.63 52.57
CA THR A 479 -25.93 40.03 52.82
C THR A 479 -26.37 40.72 51.54
N GLU A 480 -25.62 40.52 50.45
CA GLU A 480 -25.97 41.13 49.17
C GLU A 480 -27.36 40.71 48.72
N LEU A 481 -27.76 39.48 49.05
CA LEU A 481 -29.08 38.99 48.72
C LEU A 481 -30.12 39.49 49.72
N GLN A 482 -29.72 39.66 50.99
CA GLN A 482 -30.63 40.19 52.00
C GLN A 482 -30.93 41.66 51.75
N ALA A 483 -29.93 42.42 51.29
CA ALA A 483 -30.12 43.83 50.99
C ALA A 483 -31.19 44.03 49.93
N ILE A 484 -31.23 43.14 48.94
CA ILE A 484 -32.30 43.19 47.97
C ILE A 484 -33.63 42.84 48.62
N TYR A 485 -33.61 41.88 49.54
CA TYR A 485 -34.85 41.48 50.22
C TYR A 485 -35.44 42.64 51.00
N LEU A 486 -34.61 43.40 51.71
CA LEU A 486 -35.09 44.54 52.48
C LEU A 486 -35.77 45.55 51.56
N ALA A 487 -35.15 45.84 50.41
CA ALA A 487 -35.68 46.84 49.50
C ALA A 487 -37.05 46.43 48.96
N LEU A 488 -37.22 45.14 48.65
CA LEU A 488 -38.54 44.67 48.21
C LEU A 488 -39.57 44.82 49.30
N GLN A 489 -39.20 44.50 50.55
CA GLN A 489 -40.16 44.54 51.65
C GLN A 489 -40.66 45.96 51.91
N ASP A 490 -39.77 46.94 51.85
CA ASP A 490 -40.11 48.33 52.15
C ASP A 490 -40.49 49.13 50.90
N SER A 491 -40.81 48.47 49.80
CA SER A 491 -41.11 49.18 48.56
C SER A 491 -42.59 49.06 48.22
N GLY A 492 -43.04 50.00 47.40
CA GLY A 492 -44.37 49.95 46.84
C GLY A 492 -44.51 48.84 45.82
N LEU A 493 -45.54 48.92 44.99
CA LEU A 493 -45.73 47.91 43.96
C LEU A 493 -44.74 48.06 42.81
N GLU A 494 -44.18 49.25 42.63
CA GLU A 494 -43.25 49.50 41.53
C GLU A 494 -41.94 50.00 42.13
N VAL A 495 -40.87 49.24 41.91
CA VAL A 495 -39.58 49.53 42.52
C VAL A 495 -38.45 49.30 41.52
N ASN A 496 -37.47 50.19 41.54
CA ASN A 496 -36.21 49.99 40.84
C ASN A 496 -35.11 49.73 41.86
N ILE A 497 -34.38 48.63 41.68
CA ILE A 497 -33.32 48.23 42.59
C ILE A 497 -31.99 48.27 41.85
N VAL A 498 -30.97 48.84 42.48
CA VAL A 498 -29.62 48.90 41.92
C VAL A 498 -28.67 48.23 42.90
N THR A 499 -27.96 47.21 42.42
CA THR A 499 -27.02 46.43 43.21
C THR A 499 -25.73 46.27 42.44
N ASP A 500 -24.62 46.06 43.16
CA ASP A 500 -23.36 45.70 42.54
C ASP A 500 -23.10 44.21 42.58
N SER A 501 -23.92 43.44 43.29
CA SER A 501 -23.64 42.03 43.50
C SER A 501 -23.89 41.23 42.23
N GLN A 502 -22.81 40.83 41.56
CA GLN A 502 -22.95 39.97 40.40
C GLN A 502 -23.67 38.68 40.78
N TYR A 503 -23.39 38.16 41.98
CA TYR A 503 -24.03 36.93 42.46
C TYR A 503 -25.54 37.10 42.58
N ALA A 504 -25.98 38.16 43.24
CA ALA A 504 -27.42 38.36 43.46
C ALA A 504 -28.15 38.59 42.15
N LEU A 505 -27.55 39.38 41.25
CA LEU A 505 -28.14 39.55 39.93
C LEU A 505 -28.42 38.21 39.28
N GLY A 506 -27.44 37.30 39.33
CA GLY A 506 -27.58 36.02 38.64
C GLY A 506 -28.76 35.20 39.12
N ILE A 507 -28.90 35.07 40.44
CA ILE A 507 -29.98 34.26 41.01
C ILE A 507 -31.33 34.79 40.56
N ILE A 508 -31.52 36.11 40.65
CA ILE A 508 -32.80 36.70 40.28
C ILE A 508 -33.02 36.66 38.78
N GLN A 509 -31.97 36.91 37.98
CA GLN A 509 -32.12 36.86 36.53
C GLN A 509 -32.61 35.49 36.07
N ALA A 510 -32.09 34.41 36.66
CA ALA A 510 -32.52 33.07 36.29
C ALA A 510 -34.00 32.81 36.60
N GLN A 511 -34.72 33.74 37.20
CA GLN A 511 -36.14 33.61 37.49
C GLN A 511 -36.52 32.27 38.14
N PRO A 512 -35.91 31.92 39.27
CA PRO A 512 -36.21 30.62 39.87
C PRO A 512 -37.60 30.61 40.48
N ASP A 513 -38.27 29.47 40.31
CA ASP A 513 -39.60 29.30 40.89
C ASP A 513 -39.51 29.06 42.40
N LYS A 514 -38.54 28.24 42.81
CA LYS A 514 -38.38 27.88 44.21
C LYS A 514 -36.91 27.58 44.44
N SER A 515 -36.56 27.39 45.71
CA SER A 515 -35.15 27.22 46.07
C SER A 515 -35.04 26.43 47.36
N GLU A 516 -33.83 25.94 47.61
CA GLU A 516 -33.50 25.33 48.89
C GLU A 516 -33.24 26.39 49.96
N SER A 517 -32.57 27.47 49.59
CA SER A 517 -32.26 28.55 50.54
C SER A 517 -33.51 29.33 50.90
N GLU A 518 -33.71 29.55 52.19
CA GLU A 518 -34.92 30.19 52.67
C GLU A 518 -34.98 31.66 52.25
N LEU A 519 -33.83 32.34 52.22
CA LEU A 519 -33.82 33.73 51.82
C LEU A 519 -34.31 33.92 50.39
N VAL A 520 -33.88 33.05 49.47
CA VAL A 520 -34.26 33.20 48.07
C VAL A 520 -35.76 32.99 47.90
N ASN A 521 -36.34 32.07 48.68
CA ASN A 521 -37.79 31.87 48.61
C ASN A 521 -38.53 33.12 49.07
N GLN A 522 -38.02 33.78 50.10
CA GLN A 522 -38.63 35.02 50.54
C GLN A 522 -38.58 36.08 49.45
N ILE A 523 -37.47 36.13 48.72
CA ILE A 523 -37.34 37.09 47.62
C ILE A 523 -38.36 36.78 46.52
N ILE A 524 -38.48 35.51 46.15
CA ILE A 524 -39.43 35.14 45.10
C ILE A 524 -40.84 35.55 45.49
N GLU A 525 -41.23 35.29 46.74
CA GLU A 525 -42.58 35.62 47.17
C GLU A 525 -42.83 37.13 47.17
N GLN A 526 -41.81 37.93 47.50
CA GLN A 526 -41.96 39.37 47.35
C GLN A 526 -42.08 39.78 45.88
N LEU A 527 -41.31 39.14 45.00
CA LEU A 527 -41.39 39.46 43.58
C LEU A 527 -42.77 39.16 43.02
N ILE A 528 -43.37 38.06 43.47
CA ILE A 528 -44.69 37.68 42.98
C ILE A 528 -45.73 38.73 43.39
N LYS A 529 -45.57 39.32 44.58
CA LYS A 529 -46.49 40.34 45.07
C LYS A 529 -46.32 41.68 44.38
N LYS A 530 -45.17 41.94 43.76
CA LYS A 530 -44.94 43.24 43.14
C LYS A 530 -45.59 43.30 41.75
N GLU A 531 -45.95 44.51 41.35
CA GLU A 531 -46.48 44.75 40.01
C GLU A 531 -45.37 44.98 38.99
N LYS A 532 -44.28 45.62 39.40
CA LYS A 532 -43.18 45.97 38.51
C LYS A 532 -41.90 46.05 39.31
N VAL A 533 -40.89 45.30 38.88
CA VAL A 533 -39.56 45.32 39.50
C VAL A 533 -38.52 45.45 38.39
N TYR A 534 -37.63 46.43 38.54
CA TYR A 534 -36.50 46.57 37.63
C TYR A 534 -35.21 46.43 38.44
N LEU A 535 -34.35 45.52 38.02
CA LEU A 535 -33.06 45.29 38.65
C LEU A 535 -31.96 45.72 37.70
N ALA A 536 -31.06 46.55 38.20
CA ALA A 536 -29.95 47.08 37.42
C ALA A 536 -28.65 46.83 38.16
N TRP A 537 -27.60 46.56 37.40
CA TRP A 537 -26.30 46.23 37.94
C TRP A 537 -25.32 47.37 37.68
N VAL A 538 -24.47 47.65 38.66
CA VAL A 538 -23.44 48.67 38.53
C VAL A 538 -22.11 48.12 39.03
N PRO A 539 -21.00 48.52 38.42
CA PRO A 539 -19.69 48.13 38.94
C PRO A 539 -19.49 48.64 40.36
N ALA A 540 -18.98 47.77 41.22
CA ALA A 540 -18.69 48.14 42.59
C ALA A 540 -17.48 49.07 42.63
N HIS A 541 -17.39 49.86 43.71
CA HIS A 541 -16.22 50.67 44.02
C HIS A 541 -15.81 51.59 42.88
N LYS A 542 -16.76 52.10 42.10
CA LYS A 542 -16.45 53.03 41.02
C LYS A 542 -17.05 54.41 41.27
N GLY A 543 -17.47 54.70 42.49
CA GLY A 543 -18.08 55.98 42.81
C GLY A 543 -19.29 56.26 41.95
N ILE A 544 -20.17 55.27 41.83
CA ILE A 544 -21.37 55.38 41.01
C ILE A 544 -22.56 55.58 41.92
N GLY A 545 -23.34 56.62 41.65
CA GLY A 545 -24.67 56.76 42.25
C GLY A 545 -24.67 56.63 43.76
N GLY A 546 -25.73 56.04 44.28
CA GLY A 546 -25.81 55.68 45.68
C GLY A 546 -25.11 54.39 46.02
N ASN A 547 -24.49 53.73 45.03
CA ASN A 547 -23.73 52.52 45.30
C ASN A 547 -22.57 52.81 46.25
N GLU A 548 -21.89 53.93 46.06
CA GLU A 548 -20.82 54.29 46.99
C GLU A 548 -21.39 54.65 48.37
N GLN A 549 -22.56 55.29 48.40
CA GLN A 549 -23.15 55.69 49.69
C GLN A 549 -23.59 54.48 50.49
N VAL A 550 -24.27 53.53 49.85
CA VAL A 550 -24.69 52.33 50.54
C VAL A 550 -23.48 51.46 50.90
N ASP A 551 -22.40 51.55 50.12
CA ASP A 551 -21.19 50.81 50.44
C ASP A 551 -20.63 51.25 51.79
N LYS A 552 -20.64 52.55 52.06
CA LYS A 552 -20.16 53.05 53.34
C LYS A 552 -21.17 52.78 54.45
N LEU A 553 -22.47 52.85 54.13
CA LEU A 553 -23.52 52.69 55.13
C LEU A 553 -23.53 51.31 55.76
N VAL A 554 -22.98 50.30 55.08
CA VAL A 554 -23.04 48.93 55.53
C VAL A 554 -21.67 48.35 55.91
N SER A 555 -20.59 48.84 55.30
CA SER A 555 -19.24 48.33 55.59
C SER A 555 -18.52 49.13 56.67
N ALA A 556 -19.13 50.19 57.19
CA ALA A 556 -18.47 51.04 58.18
C ALA A 556 -18.22 50.28 59.47
N ILE B 5 0.70 -0.01 -1.67
CA ILE B 5 0.52 -1.29 -0.98
C ILE B 5 1.19 -1.26 0.38
N GLU B 6 2.33 -0.57 0.48
CA GLU B 6 2.99 -0.42 1.77
C GLU B 6 2.11 0.42 2.69
N THR B 7 2.01 0.01 3.95
CA THR B 7 1.24 0.73 4.96
C THR B 7 2.19 1.47 5.89
N VAL B 8 1.95 2.76 6.08
CA VAL B 8 2.70 3.53 7.06
C VAL B 8 2.38 2.96 8.44
N PRO B 9 3.37 2.52 9.20
CA PRO B 9 3.09 2.08 10.56
C PRO B 9 2.68 3.26 11.42
N VAL B 10 1.66 3.04 12.24
CA VAL B 10 1.11 4.08 13.10
C VAL B 10 1.18 3.59 14.53
N LYS B 11 1.66 4.46 15.42
CA LYS B 11 1.75 4.18 16.84
C LYS B 11 0.89 5.17 17.61
N LEU B 12 0.43 4.74 18.79
CA LEU B 12 -0.21 5.67 19.70
C LEU B 12 0.85 6.42 20.51
N LYS B 13 0.43 7.51 21.13
CA LYS B 13 1.30 8.19 22.07
C LYS B 13 1.62 7.25 23.23
N PRO B 14 2.88 7.17 23.68
CA PRO B 14 3.24 6.22 24.73
C PRO B 14 2.50 6.49 26.02
N GLY B 15 2.11 5.42 26.72
CA GLY B 15 1.30 5.58 27.89
C GLY B 15 -0.15 5.93 27.61
N MET B 16 -0.65 5.62 26.41
CA MET B 16 -2.03 5.86 26.04
C MET B 16 -2.63 4.58 25.46
N ASP B 17 -3.80 4.20 25.97
CA ASP B 17 -4.58 3.11 25.41
C ASP B 17 -5.58 3.64 24.39
N GLY B 18 -6.01 2.76 23.48
CA GLY B 18 -7.00 3.09 22.48
C GLY B 18 -8.30 3.64 23.05
N PRO B 19 -9.13 4.23 22.18
CA PRO B 19 -10.36 4.88 22.64
C PRO B 19 -11.40 3.88 23.15
N LYS B 20 -12.07 4.24 24.25
CA LYS B 20 -13.18 3.45 24.78
C LYS B 20 -14.33 4.41 25.05
N VAL B 21 -15.09 4.72 24.01
CA VAL B 21 -16.16 5.71 24.09
C VAL B 21 -17.48 5.03 23.78
N LYS B 22 -18.50 5.36 24.58
CA LYS B 22 -19.81 4.75 24.46
C LYS B 22 -20.53 5.23 23.21
N GLN B 23 -21.24 4.31 22.56
CA GLN B 23 -22.09 4.65 21.42
C GLN B 23 -23.36 5.32 21.92
N TRP B 24 -23.58 6.58 21.51
CA TRP B 24 -24.83 7.25 21.84
C TRP B 24 -25.98 6.54 21.12
N PRO B 25 -27.17 6.47 21.74
CA PRO B 25 -28.31 5.81 21.09
C PRO B 25 -28.75 6.53 19.83
N LEU B 26 -29.14 5.75 18.83
CA LEU B 26 -29.53 6.31 17.54
C LEU B 26 -31.01 6.04 17.24
N THR B 27 -31.55 6.79 16.29
CA THR B 27 -32.89 6.54 15.80
C THR B 27 -32.88 5.42 14.77
N GLU B 28 -34.05 4.81 14.58
CA GLU B 28 -34.16 3.64 13.71
C GLU B 28 -33.81 3.98 12.27
N GLU B 29 -34.18 5.18 11.80
CA GLU B 29 -33.78 5.57 10.46
C GLU B 29 -32.26 5.64 10.34
N LYS B 30 -31.59 6.18 11.37
CA LYS B 30 -30.15 6.32 11.36
C LYS B 30 -29.45 4.96 11.44
N ILE B 31 -29.97 4.05 12.26
CA ILE B 31 -29.37 2.71 12.34
C ILE B 31 -29.49 1.99 11.00
N LYS B 32 -30.68 2.03 10.40
CA LYS B 32 -30.88 1.36 9.12
C LYS B 32 -29.96 1.94 8.06
N ALA B 33 -29.74 3.26 8.09
CA ALA B 33 -28.80 3.86 7.16
C ALA B 33 -27.40 3.29 7.38
N LEU B 34 -26.98 3.23 8.64
CA LEU B 34 -25.63 2.77 8.95
C LEU B 34 -25.39 1.33 8.51
N VAL B 35 -26.40 0.45 8.68
CA VAL B 35 -26.20 -0.93 8.26
C VAL B 35 -26.06 -1.01 6.74
N GLU B 36 -26.85 -0.24 5.99
CA GLU B 36 -26.70 -0.20 4.53
C GLU B 36 -25.29 0.20 4.13
N ILE B 37 -24.83 1.32 4.67
CA ILE B 37 -23.50 1.84 4.33
C ILE B 37 -22.43 0.83 4.72
N CYS B 38 -22.53 0.25 5.91
CA CYS B 38 -21.45 -0.59 6.41
C CYS B 38 -21.46 -1.97 5.75
N THR B 39 -22.65 -2.47 5.37
CA THR B 39 -22.68 -3.69 4.57
C THR B 39 -21.89 -3.51 3.28
N GLU B 40 -22.11 -2.41 2.57
CA GLU B 40 -21.42 -2.16 1.32
C GLU B 40 -19.92 -1.88 1.54
N MET B 41 -19.57 -1.20 2.63
CA MET B 41 -18.15 -1.00 2.93
C MET B 41 -17.47 -2.33 3.24
N GLU B 42 -18.19 -3.23 3.93
CA GLU B 42 -17.66 -4.55 4.24
C GLU B 42 -17.43 -5.36 2.96
N LYS B 43 -18.36 -5.27 2.01
CA LYS B 43 -18.15 -5.92 0.72
C LYS B 43 -16.89 -5.39 0.03
N GLU B 44 -16.62 -4.10 0.19
CA GLU B 44 -15.54 -3.44 -0.53
C GLU B 44 -14.19 -3.57 0.18
N GLY B 45 -14.12 -4.32 1.26
CA GLY B 45 -12.88 -4.49 2.01
C GLY B 45 -12.49 -3.33 2.90
N LYS B 46 -13.27 -2.25 2.94
CA LYS B 46 -12.85 -1.09 3.71
C LYS B 46 -12.92 -1.33 5.21
N ILE B 47 -13.91 -2.10 5.66
CA ILE B 47 -14.08 -2.43 7.06
C ILE B 47 -14.32 -3.93 7.16
N SER B 48 -14.09 -4.48 8.36
CA SER B 48 -14.34 -5.89 8.57
C SER B 48 -14.85 -6.15 9.99
N LYS B 49 -15.59 -7.24 10.14
CA LYS B 49 -16.16 -7.64 11.42
C LYS B 49 -15.05 -7.96 12.42
N ILE B 50 -15.33 -7.70 13.70
CA ILE B 50 -14.35 -7.88 14.75
C ILE B 50 -14.97 -8.67 15.91
N GLY B 51 -14.10 -9.34 16.66
CA GLY B 51 -14.52 -10.15 17.78
C GLY B 51 -14.42 -9.43 19.11
N PRO B 52 -14.81 -10.11 20.18
CA PRO B 52 -14.86 -9.45 21.51
C PRO B 52 -13.48 -9.20 22.12
N GLU B 53 -12.41 -9.76 21.55
CA GLU B 53 -11.07 -9.45 22.05
C GLU B 53 -10.66 -8.02 21.74
N ASN B 54 -11.47 -7.30 20.97
CA ASN B 54 -11.25 -5.89 20.67
C ASN B 54 -12.08 -5.03 21.62
N PRO B 55 -11.48 -4.46 22.67
CA PRO B 55 -12.25 -3.69 23.65
C PRO B 55 -12.48 -2.23 23.30
N TYR B 56 -11.87 -1.71 22.25
CA TYR B 56 -12.01 -0.30 21.92
C TYR B 56 -13.30 -0.05 21.18
N ASN B 57 -13.71 1.22 21.19
CA ASN B 57 -14.88 1.62 20.44
C ASN B 57 -14.87 3.13 20.30
N THR B 58 -15.42 3.60 19.19
CA THR B 58 -15.51 4.99 18.81
C THR B 58 -16.92 5.26 18.32
N PRO B 59 -17.54 6.38 18.71
CA PRO B 59 -18.93 6.63 18.31
C PRO B 59 -19.10 6.78 16.80
N VAL B 60 -20.29 6.48 16.33
CA VAL B 60 -20.65 6.59 14.91
C VAL B 60 -22.06 7.17 14.82
N PHE B 61 -22.26 8.10 13.90
CA PHE B 61 -23.59 8.66 13.63
C PHE B 61 -23.84 8.70 12.14
N ALA B 62 -25.08 8.99 11.78
CA ALA B 62 -25.48 9.20 10.39
C ALA B 62 -26.03 10.61 10.26
N ILE B 63 -25.45 11.37 9.33
CA ILE B 63 -25.94 12.70 8.99
C ILE B 63 -26.37 12.66 7.54
N LYS B 64 -27.05 13.73 7.12
CA LYS B 64 -27.54 13.84 5.72
C LYS B 64 -27.32 15.28 5.26
N LYS B 65 -26.31 15.52 4.42
CA LYS B 65 -25.99 16.91 4.00
C LYS B 65 -26.90 17.31 2.83
N SER B 68 -28.02 16.41 0.23
CA SER B 68 -27.88 14.97 -0.08
C SER B 68 -28.99 14.19 0.63
N THR B 69 -30.02 13.75 -0.10
CA THR B 69 -31.10 12.92 0.49
C THR B 69 -30.48 11.62 1.00
N LYS B 70 -29.50 11.09 0.25
CA LYS B 70 -28.80 9.85 0.68
C LYS B 70 -28.10 10.08 2.01
N TRP B 71 -28.04 9.05 2.85
CA TRP B 71 -27.38 9.17 4.13
C TRP B 71 -25.87 9.04 3.99
N ARG B 72 -25.14 9.64 4.92
CA ARG B 72 -23.69 9.57 4.97
C ARG B 72 -23.24 9.29 6.39
N LYS B 73 -22.27 8.39 6.53
CA LYS B 73 -21.76 8.00 7.83
C LYS B 73 -20.75 9.01 8.36
N LEU B 74 -20.81 9.25 9.67
CA LEU B 74 -19.85 10.13 10.34
C LEU B 74 -19.32 9.43 11.58
N VAL B 75 -17.99 9.26 11.66
CA VAL B 75 -17.35 8.67 12.84
C VAL B 75 -16.76 9.79 13.69
N ASP B 76 -16.97 9.73 15.00
CA ASP B 76 -16.46 10.73 15.94
C ASP B 76 -15.11 10.26 16.46
N PHE B 77 -14.07 10.55 15.68
CA PHE B 77 -12.70 10.17 16.01
C PHE B 77 -12.01 11.16 16.95
N ARG B 78 -12.76 11.96 17.70
CA ARG B 78 -12.13 12.97 18.54
C ARG B 78 -11.19 12.37 19.58
N GLU B 79 -11.59 11.27 20.22
CA GLU B 79 -10.71 10.66 21.21
C GLU B 79 -9.50 9.98 20.56
N LEU B 80 -9.70 9.31 19.42
CA LEU B 80 -8.55 8.69 18.76
C LEU B 80 -7.55 9.75 18.31
N ASN B 81 -8.06 10.89 17.84
CA ASN B 81 -7.19 11.98 17.41
C ASN B 81 -6.37 12.54 18.58
N LYS B 82 -7.00 12.73 19.74
CA LYS B 82 -6.28 13.22 20.91
C LYS B 82 -5.14 12.29 21.31
N ARG B 83 -5.19 11.03 20.89
CA ARG B 83 -4.19 10.03 21.25
C ARG B 83 -3.24 9.68 20.14
N THR B 84 -3.64 9.90 18.89
CA THR B 84 -2.79 9.61 17.75
C THR B 84 -2.27 10.86 17.07
N GLN B 85 -3.18 11.79 16.76
CA GLN B 85 -2.87 12.87 15.84
C GLN B 85 -1.74 13.74 16.38
N ASP B 86 -1.73 14.01 17.68
CA ASP B 86 -0.72 14.91 18.23
C ASP B 86 0.68 14.36 18.00
N PHE B 87 0.88 13.07 18.25
CA PHE B 87 2.13 12.42 17.85
C PHE B 87 2.28 12.43 16.34
N TRP B 88 1.18 12.18 15.61
CA TRP B 88 1.22 12.13 14.16
C TRP B 88 1.36 13.50 13.51
N GLU B 89 0.95 14.58 14.20
CA GLU B 89 1.08 15.93 13.63
C GLU B 89 2.53 16.39 13.60
N VAL B 90 3.33 16.03 14.61
CA VAL B 90 4.73 16.41 14.60
C VAL B 90 5.50 15.62 13.53
N GLN B 91 5.27 14.31 13.47
CA GLN B 91 5.99 13.47 12.52
C GLN B 91 5.63 13.83 11.08
N LEU B 92 4.33 13.97 10.80
CA LEU B 92 3.85 14.28 9.44
C LEU B 92 2.84 15.42 9.56
N GLY B 93 3.34 16.64 9.60
CA GLY B 93 2.48 17.80 9.69
C GLY B 93 2.08 18.35 8.34
N ILE B 94 1.01 19.14 8.36
CA ILE B 94 0.49 19.81 7.17
C ILE B 94 0.67 21.31 7.36
N PRO B 95 1.41 22.00 6.48
CA PRO B 95 1.53 23.45 6.59
C PRO B 95 0.21 24.15 6.29
N HIS B 96 0.04 25.34 6.88
CA HIS B 96 -1.18 26.13 6.71
C HIS B 96 -0.85 27.48 6.06
N PRO B 97 -1.45 27.82 4.91
CA PRO B 97 -1.07 29.07 4.24
C PRO B 97 -1.83 30.27 4.79
N ALA B 98 -1.10 31.34 5.09
CA ALA B 98 -1.78 32.57 5.48
C ALA B 98 -2.48 33.25 4.32
N GLY B 99 -2.31 32.74 3.09
CA GLY B 99 -3.01 33.32 1.96
C GLY B 99 -4.45 32.89 1.80
N LEU B 100 -4.84 31.77 2.43
CA LEU B 100 -6.22 31.31 2.28
C LEU B 100 -7.20 32.34 2.82
N LYS B 101 -6.90 32.91 4.00
CA LYS B 101 -7.77 33.95 4.54
C LYS B 101 -7.82 35.16 3.60
N LYS B 102 -6.75 35.42 2.86
CA LYS B 102 -6.70 36.61 2.02
C LYS B 102 -7.54 36.46 0.75
N LYS B 103 -7.76 35.24 0.28
CA LYS B 103 -8.41 35.04 -0.99
C LYS B 103 -9.85 35.57 -0.98
N LYS B 104 -10.35 35.90 -2.16
CA LYS B 104 -11.70 36.44 -2.29
C LYS B 104 -12.76 35.36 -2.14
N SER B 105 -12.52 34.18 -2.71
CA SER B 105 -13.45 33.06 -2.63
C SER B 105 -12.68 31.81 -2.19
N VAL B 106 -13.29 31.02 -1.31
CA VAL B 106 -12.77 29.71 -0.94
C VAL B 106 -13.92 28.71 -1.03
N THR B 107 -13.75 27.66 -1.82
CA THR B 107 -14.71 26.57 -1.94
C THR B 107 -14.16 25.34 -1.23
N VAL B 108 -15.03 24.60 -0.56
CA VAL B 108 -14.64 23.47 0.28
C VAL B 108 -15.16 22.20 -0.36
N LEU B 109 -14.24 21.30 -0.73
CA LEU B 109 -14.55 20.05 -1.40
C LEU B 109 -14.26 18.87 -0.47
N ASP B 110 -15.08 17.84 -0.58
CA ASP B 110 -14.94 16.64 0.24
C ASP B 110 -14.02 15.66 -0.47
N VAL B 111 -12.85 15.43 0.08
CA VAL B 111 -11.91 14.48 -0.49
C VAL B 111 -11.87 13.18 0.31
N GLY B 112 -12.93 12.89 1.06
CA GLY B 112 -12.90 11.75 1.96
C GLY B 112 -12.72 10.41 1.26
N ASP B 113 -13.25 10.27 0.04
CA ASP B 113 -13.08 9.01 -0.68
C ASP B 113 -11.63 8.72 -1.03
N ALA B 114 -10.75 9.72 -0.99
CA ALA B 114 -9.35 9.48 -1.30
C ALA B 114 -8.73 8.48 -0.33
N TYR B 115 -9.10 8.58 0.95
CA TYR B 115 -8.41 7.80 1.98
C TYR B 115 -8.68 6.30 1.82
N PHE B 116 -9.81 5.94 1.22
CA PHE B 116 -10.22 4.53 1.17
C PHE B 116 -9.34 3.68 0.27
N SER B 117 -8.42 4.28 -0.48
CA SER B 117 -7.52 3.45 -1.27
C SER B 117 -6.26 3.06 -0.50
N VAL B 118 -5.80 3.90 0.41
CA VAL B 118 -4.55 3.64 1.14
C VAL B 118 -4.85 2.73 2.33
N PRO B 119 -4.10 1.65 2.53
CA PRO B 119 -4.36 0.74 3.64
C PRO B 119 -3.77 1.25 4.94
N LEU B 120 -4.40 0.85 6.05
CA LEU B 120 -3.98 1.24 7.40
C LEU B 120 -3.14 0.13 8.01
N ASP B 121 -2.16 0.52 8.84
CA ASP B 121 -1.29 -0.48 9.48
C ASP B 121 -2.12 -1.42 10.35
N GLU B 122 -1.85 -2.72 10.21
CA GLU B 122 -2.71 -3.72 10.83
C GLU B 122 -2.66 -3.62 12.35
N ASP B 123 -1.51 -3.24 12.90
CA ASP B 123 -1.40 -3.05 14.34
C ASP B 123 -2.21 -1.87 14.85
N PHE B 124 -2.71 -1.02 13.96
CA PHE B 124 -3.52 0.12 14.37
C PHE B 124 -5.02 -0.10 14.17
N ARG B 125 -5.42 -1.06 13.33
CA ARG B 125 -6.81 -1.17 12.91
C ARG B 125 -7.75 -1.37 14.09
N LYS B 126 -7.30 -2.13 15.09
CA LYS B 126 -8.17 -2.42 16.22
C LYS B 126 -8.58 -1.14 16.93
N TYR B 127 -7.76 -0.11 16.87
CA TYR B 127 -8.10 1.14 17.55
C TYR B 127 -9.19 1.92 16.83
N THR B 128 -9.59 1.49 15.63
CA THR B 128 -10.63 2.17 14.87
C THR B 128 -11.98 1.48 14.99
N ALA B 129 -12.21 0.77 16.08
CA ALA B 129 -13.44 -0.01 16.24
C ALA B 129 -14.64 0.88 16.50
N PHE B 130 -15.75 0.56 15.86
CA PHE B 130 -17.02 1.25 16.09
C PHE B 130 -18.16 0.24 16.10
N THR B 131 -19.28 0.65 16.69
CA THR B 131 -20.42 -0.21 16.95
C THR B 131 -21.68 0.40 16.35
N ILE B 132 -22.38 -0.36 15.51
CA ILE B 132 -23.73 0.05 15.14
C ILE B 132 -24.67 -0.42 16.24
N PRO B 133 -25.33 0.48 16.95
CA PRO B 133 -26.15 0.08 18.09
C PRO B 133 -27.46 -0.55 17.64
N SER B 134 -28.16 -1.10 18.62
CA SER B 134 -29.41 -1.80 18.45
C SER B 134 -30.53 -1.06 19.17
N ILE B 135 -31.76 -1.21 18.69
CA ILE B 135 -32.92 -0.64 19.38
C ILE B 135 -33.32 -1.57 20.51
N ASN B 136 -33.49 -0.99 21.71
CA ASN B 136 -34.07 -1.70 22.85
C ASN B 136 -33.19 -2.87 23.28
N ASN B 137 -31.92 -2.87 22.87
CA ASN B 137 -30.96 -3.92 23.21
C ASN B 137 -31.45 -5.30 22.79
N GLU B 138 -32.21 -5.38 21.69
CA GLU B 138 -32.75 -6.66 21.25
CA GLU B 138 -32.74 -6.66 21.26
C GLU B 138 -31.68 -7.54 20.61
N THR B 139 -30.59 -6.96 20.12
CA THR B 139 -29.48 -7.70 19.55
C THR B 139 -28.18 -7.02 19.97
N PRO B 140 -27.07 -7.75 19.93
CA PRO B 140 -25.78 -7.12 20.22
C PRO B 140 -25.37 -6.18 19.11
N GLY B 141 -24.56 -5.18 19.45
CA GLY B 141 -24.14 -4.20 18.47
C GLY B 141 -23.28 -4.84 17.39
N ILE B 142 -23.50 -4.40 16.15
CA ILE B 142 -22.63 -4.82 15.05
C ILE B 142 -21.30 -4.10 15.16
N ARG B 143 -20.21 -4.86 15.15
CA ARG B 143 -18.86 -4.33 15.44
C ARG B 143 -17.96 -4.44 14.21
N TYR B 144 -17.34 -3.32 13.84
CA TYR B 144 -16.41 -3.27 12.71
C TYR B 144 -15.13 -2.55 13.13
N GLN B 145 -14.09 -2.72 12.32
CA GLN B 145 -12.90 -1.88 12.40
C GLN B 145 -12.47 -1.58 10.98
N TYR B 146 -11.63 -0.55 10.84
CA TYR B 146 -11.19 -0.10 9.53
C TYR B 146 -9.98 -0.88 9.06
N ASN B 147 -9.99 -1.26 7.78
CA ASN B 147 -8.80 -1.78 7.12
C ASN B 147 -8.09 -0.75 6.29
N VAL B 148 -8.80 0.32 5.95
CA VAL B 148 -8.23 1.41 5.13
C VAL B 148 -8.16 2.65 6.02
N LEU B 149 -7.64 3.75 5.49
CA LEU B 149 -7.50 4.97 6.31
C LEU B 149 -8.90 5.48 6.64
N PRO B 150 -9.22 5.72 7.92
CA PRO B 150 -10.54 6.19 8.32
C PRO B 150 -10.76 7.66 7.93
N GLN B 151 -11.99 8.02 7.56
CA GLN B 151 -12.29 9.39 7.05
C GLN B 151 -12.10 10.49 8.11
N GLY B 152 -12.53 10.28 9.34
CA GLY B 152 -12.42 11.39 10.30
C GLY B 152 -11.10 11.40 11.04
N TRP B 153 -10.27 10.39 10.79
CA TRP B 153 -9.00 10.27 11.54
C TRP B 153 -8.04 11.35 11.09
N LYS B 154 -7.46 12.09 12.04
CA LYS B 154 -6.54 13.19 11.70
C LYS B 154 -5.25 12.56 11.17
N GLY B 155 -5.05 11.28 11.42
CA GLY B 155 -3.92 10.63 10.80
C GLY B 155 -4.09 10.38 9.32
N SER B 156 -5.33 10.31 8.84
CA SER B 156 -5.54 9.95 7.43
C SER B 156 -5.00 11.00 6.46
N PRO B 157 -5.34 12.28 6.56
CA PRO B 157 -4.71 13.24 5.64
C PRO B 157 -3.21 13.30 5.78
N ALA B 158 -2.68 13.04 6.97
CA ALA B 158 -1.23 13.06 7.17
C ALA B 158 -0.54 11.98 6.36
N ILE B 159 -1.12 10.78 6.31
CA ILE B 159 -0.51 9.69 5.55
C ILE B 159 -0.73 9.87 4.06
N PHE B 160 -1.90 10.37 3.67
CA PHE B 160 -2.23 10.53 2.26
C PHE B 160 -1.60 11.79 1.65
N GLN B 161 -1.04 12.66 2.49
CA GLN B 161 -0.52 13.95 2.06
C GLN B 161 0.44 13.81 0.88
N SER B 162 1.29 12.80 0.91
CA SER B 162 2.26 12.61 -0.16
C SER B 162 1.56 12.42 -1.50
N SER B 163 0.62 11.47 -1.56
CA SER B 163 -0.09 11.24 -2.82
C SER B 163 -0.99 12.42 -3.18
N MET B 164 -1.50 13.14 -2.18
CA MET B 164 -2.33 14.31 -2.47
C MET B 164 -1.53 15.36 -3.22
N THR B 165 -0.28 15.59 -2.81
CA THR B 165 0.57 16.57 -3.48
C THR B 165 0.87 16.18 -4.92
N LYS B 166 1.04 14.88 -5.19
CA LYS B 166 1.24 14.43 -6.56
C LYS B 166 0.01 14.69 -7.43
N ILE B 167 -1.18 14.37 -6.92
CA ILE B 167 -2.40 14.53 -7.70
C ILE B 167 -2.62 15.98 -8.06
N LEU B 168 -2.39 16.89 -7.11
CA LEU B 168 -2.67 18.30 -7.33
C LEU B 168 -1.59 19.04 -8.10
N GLU B 169 -0.41 18.44 -8.29
CA GLU B 169 0.69 19.16 -8.93
C GLU B 169 0.37 19.64 -10.34
N PRO B 170 -0.18 18.82 -11.24
CA PRO B 170 -0.51 19.37 -12.57
C PRO B 170 -1.44 20.57 -12.50
N PHE B 171 -2.50 20.49 -11.69
CA PHE B 171 -3.43 21.60 -11.58
C PHE B 171 -2.77 22.83 -10.99
N LYS B 172 -1.92 22.64 -9.97
CA LYS B 172 -1.22 23.78 -9.37
C LYS B 172 -0.22 24.40 -10.34
N LYS B 173 0.37 23.59 -11.22
CA LYS B 173 1.24 24.14 -12.24
C LYS B 173 0.45 25.00 -13.21
N GLN B 174 -0.69 24.48 -13.68
CA GLN B 174 -1.56 25.21 -14.62
C GLN B 174 -2.23 26.43 -13.97
N ASN B 175 -2.33 26.46 -12.63
CA ASN B 175 -2.97 27.57 -11.92
C ASN B 175 -2.16 27.91 -10.68
N PRO B 176 -1.02 28.59 -10.85
CA PRO B 176 -0.18 28.94 -9.68
C PRO B 176 -0.81 29.93 -8.72
N ASP B 177 -1.89 30.61 -9.12
CA ASP B 177 -2.53 31.60 -8.25
C ASP B 177 -3.41 30.97 -7.19
N ILE B 178 -4.03 29.82 -7.50
CA ILE B 178 -5.00 29.22 -6.59
C ILE B 178 -4.29 28.61 -5.39
N VAL B 179 -4.83 28.86 -4.19
CA VAL B 179 -4.30 28.26 -2.96
C VAL B 179 -5.15 27.07 -2.58
N ILE B 180 -4.49 25.97 -2.25
CA ILE B 180 -5.16 24.72 -1.92
C ILE B 180 -4.65 24.26 -0.56
N TYR B 181 -5.57 24.10 0.39
CA TYR B 181 -5.23 23.67 1.73
C TYR B 181 -6.09 22.48 2.10
N GLN B 182 -5.46 21.49 2.73
CA GLN B 182 -6.12 20.27 3.16
C GLN B 182 -6.21 20.25 4.68
N TYR B 183 -7.42 20.42 5.19
CA TYR B 183 -7.76 20.02 6.54
C TYR B 183 -8.55 18.72 6.48
N MET B 184 -8.47 17.93 7.53
CA MET B 184 -8.92 16.53 7.52
C MET B 184 -10.24 16.37 6.77
N ASP B 185 -10.22 15.57 5.70
CA ASP B 185 -11.34 15.20 4.84
C ASP B 185 -11.73 16.27 3.83
N ASP B 186 -11.21 17.48 3.92
CA ASP B 186 -11.68 18.58 3.08
C ASP B 186 -10.51 19.25 2.37
N LEU B 187 -10.83 19.82 1.21
CA LEU B 187 -9.90 20.59 0.42
C LEU B 187 -10.42 22.01 0.32
N TYR B 188 -9.62 22.97 0.79
CA TYR B 188 -9.99 24.37 0.79
C TYR B 188 -9.30 25.05 -0.39
N VAL B 189 -10.09 25.54 -1.33
CA VAL B 189 -9.59 25.98 -2.62
C VAL B 189 -9.93 27.46 -2.77
N GLY B 190 -8.93 28.32 -2.62
CA GLY B 190 -9.11 29.76 -2.64
C GLY B 190 -8.55 30.38 -3.91
N SER B 191 -9.38 31.20 -4.56
CA SER B 191 -8.97 31.95 -5.74
C SER B 191 -9.48 33.38 -5.62
N ASP B 192 -8.84 34.28 -6.37
CA ASP B 192 -9.29 35.66 -6.50
C ASP B 192 -9.95 35.92 -7.85
N LEU B 193 -10.36 34.88 -8.56
CA LEU B 193 -11.00 35.02 -9.84
C LEU B 193 -12.44 35.51 -9.67
N GLU B 194 -13.11 35.74 -10.79
CA GLU B 194 -14.53 36.00 -10.77
C GLU B 194 -15.28 34.75 -10.33
N ILE B 195 -16.42 34.96 -9.66
CA ILE B 195 -17.15 33.84 -9.07
C ILE B 195 -17.50 32.80 -10.14
N GLY B 196 -17.95 33.25 -11.31
CA GLY B 196 -18.24 32.31 -12.38
C GLY B 196 -16.99 31.64 -12.92
N GLN B 197 -15.88 32.38 -12.99
CA GLN B 197 -14.59 31.78 -13.34
C GLN B 197 -14.09 30.87 -12.22
N HIS B 198 -14.23 31.33 -10.97
CA HIS B 198 -13.84 30.51 -9.82
C HIS B 198 -14.59 29.19 -9.81
N ARG B 199 -15.92 29.26 -9.95
CA ARG B 199 -16.71 28.03 -10.03
C ARG B 199 -16.25 27.13 -11.17
N THR B 200 -15.89 27.73 -12.32
CA THR B 200 -15.42 26.92 -13.45
C THR B 200 -14.11 26.23 -13.12
N LYS B 201 -13.18 26.93 -12.45
CA LYS B 201 -11.93 26.31 -12.06
C LYS B 201 -12.15 25.17 -11.07
N ILE B 202 -13.14 25.32 -10.18
CA ILE B 202 -13.45 24.26 -9.22
C ILE B 202 -13.86 22.99 -9.94
N GLU B 203 -14.73 23.12 -10.94
CA GLU B 203 -15.15 21.95 -11.72
C GLU B 203 -13.97 21.33 -12.46
N GLU B 204 -13.05 22.16 -12.94
CA GLU B 204 -11.82 21.66 -13.54
C GLU B 204 -11.00 20.87 -12.53
N LEU B 205 -10.87 21.39 -11.31
CA LEU B 205 -10.17 20.65 -10.25
C LEU B 205 -10.90 19.35 -9.91
N ARG B 206 -12.23 19.38 -9.85
CA ARG B 206 -12.99 18.15 -9.60
C ARG B 206 -12.77 17.14 -10.71
N GLN B 207 -12.79 17.57 -11.97
CA GLN B 207 -12.49 16.65 -13.05
C GLN B 207 -11.08 16.11 -12.93
N HIS B 208 -10.13 16.96 -12.52
CA HIS B 208 -8.75 16.51 -12.38
C HIS B 208 -8.65 15.38 -11.36
N LEU B 209 -9.22 15.58 -10.18
CA LEU B 209 -9.18 14.54 -9.15
C LEU B 209 -9.90 13.28 -9.61
N LEU B 210 -11.00 13.45 -10.33
CA LEU B 210 -11.74 12.28 -10.84
C LEU B 210 -10.88 11.47 -11.79
N ARG B 211 -10.17 12.15 -12.70
CA ARG B 211 -9.30 11.45 -13.63
C ARG B 211 -8.20 10.70 -12.91
N TRP B 212 -7.78 11.17 -11.73
CA TRP B 212 -6.75 10.52 -10.95
C TRP B 212 -7.32 9.62 -9.87
N GLY B 213 -8.63 9.39 -9.88
CA GLY B 213 -9.24 8.38 -9.05
C GLY B 213 -9.74 8.85 -7.70
N LEU B 214 -9.87 10.16 -7.48
CA LEU B 214 -10.49 10.70 -6.28
C LEU B 214 -11.89 11.20 -6.61
N THR B 215 -12.89 10.59 -6.01
CA THR B 215 -14.27 11.02 -6.18
C THR B 215 -14.60 12.13 -5.19
N THR B 216 -15.31 13.15 -5.69
CA THR B 216 -15.89 14.16 -4.83
C THR B 216 -17.39 14.19 -5.01
N PRO B 217 -18.16 14.41 -3.94
CA PRO B 217 -19.62 14.38 -4.06
C PRO B 217 -20.17 15.48 -4.96
N ASP B 218 -21.33 15.21 -5.54
CA ASP B 218 -21.96 16.16 -6.45
C ASP B 218 -23.22 16.74 -5.84
N GLY B 231 -20.97 26.44 4.09
CA GLY B 231 -20.01 25.34 4.07
C GLY B 231 -19.14 25.35 2.82
N TYR B 232 -19.69 25.87 1.72
CA TYR B 232 -18.97 26.05 0.48
C TYR B 232 -19.28 27.45 -0.04
N GLU B 233 -18.40 27.95 -0.91
CA GLU B 233 -18.49 29.31 -1.44
C GLU B 233 -18.29 30.33 -0.33
N LEU B 234 -17.23 30.16 0.44
CA LEU B 234 -16.87 31.10 1.50
C LEU B 234 -16.10 32.28 0.92
N HIS B 235 -16.20 33.43 1.59
CA HIS B 235 -15.59 34.68 1.11
C HIS B 235 -14.80 35.33 2.24
N PRO B 236 -13.59 34.84 2.50
CA PRO B 236 -12.84 35.31 3.68
C PRO B 236 -12.55 36.80 3.69
N ASP B 237 -12.32 37.41 2.54
CA ASP B 237 -11.99 38.83 2.51
C ASP B 237 -13.16 39.71 2.94
N LYS B 238 -14.40 39.21 2.88
CA LYS B 238 -15.53 39.95 3.43
C LYS B 238 -15.62 39.86 4.95
N TRP B 239 -14.85 38.99 5.59
CA TRP B 239 -14.94 38.80 7.04
C TRP B 239 -14.26 39.96 7.77
N THR B 240 -14.96 40.51 8.76
CA THR B 240 -14.47 41.61 9.57
C THR B 240 -14.94 41.42 11.00
N VAL B 241 -14.15 41.97 11.93
CA VAL B 241 -14.45 41.81 13.36
C VAL B 241 -15.67 42.65 13.75
N GLN B 242 -16.26 42.32 14.90
CA GLN B 242 -17.38 43.03 15.51
C GLN B 242 -16.85 44.00 16.56
N PRO B 243 -16.66 45.28 16.22
CA PRO B 243 -16.10 46.23 17.19
C PRO B 243 -17.09 46.56 18.29
N ILE B 244 -16.54 46.97 19.45
CA ILE B 244 -17.36 47.42 20.56
C ILE B 244 -17.92 48.80 20.26
N VAL B 245 -19.24 48.96 20.38
CA VAL B 245 -19.90 50.20 20.05
C VAL B 245 -20.71 50.67 21.25
N LEU B 246 -20.42 51.88 21.71
CA LEU B 246 -21.17 52.55 22.75
C LEU B 246 -22.41 53.21 22.16
N PRO B 247 -23.52 53.23 22.89
CA PRO B 247 -24.72 53.88 22.38
C PRO B 247 -24.49 55.37 22.19
N GLU B 248 -25.24 55.96 21.27
CA GLU B 248 -25.21 57.41 21.04
C GLU B 248 -26.61 57.96 21.18
N LYS B 249 -26.87 58.65 22.28
CA LYS B 249 -28.17 59.21 22.62
C LYS B 249 -28.08 60.73 22.73
N ASP B 250 -29.22 61.39 22.60
CA ASP B 250 -29.28 62.82 22.82
C ASP B 250 -29.49 63.17 24.29
N SER B 251 -30.34 62.41 24.99
CA SER B 251 -30.52 62.53 26.43
C SER B 251 -30.21 61.20 27.09
N TRP B 252 -29.54 61.26 28.23
CA TRP B 252 -29.13 60.06 28.96
C TRP B 252 -29.84 60.02 30.30
N THR B 253 -30.56 58.95 30.56
CA THR B 253 -31.03 58.69 31.91
C THR B 253 -29.85 58.33 32.80
N VAL B 254 -30.08 58.35 34.11
CA VAL B 254 -29.08 57.83 35.04
C VAL B 254 -28.79 56.37 34.72
N ASN B 255 -29.84 55.61 34.43
CA ASN B 255 -29.70 54.23 34.00
C ASN B 255 -28.80 54.14 32.76
N ASP B 256 -29.03 55.01 31.78
CA ASP B 256 -28.21 55.00 30.57
C ASP B 256 -26.73 55.18 30.90
N ILE B 257 -26.41 56.08 31.83
CA ILE B 257 -25.01 56.29 32.18
C ILE B 257 -24.47 55.11 32.97
N GLN B 258 -25.26 54.53 33.86
CA GLN B 258 -24.80 53.38 34.63
C GLN B 258 -24.38 52.23 33.72
N LYS B 259 -25.23 51.92 32.74
CA LYS B 259 -24.90 50.87 31.77
C LYS B 259 -23.67 51.25 30.95
N LEU B 260 -23.60 52.50 30.50
CA LEU B 260 -22.42 52.97 29.77
C LEU B 260 -21.16 52.79 30.60
N VAL B 261 -21.23 53.11 31.89
CA VAL B 261 -20.07 52.94 32.77
C VAL B 261 -19.77 51.46 32.94
N GLY B 262 -20.80 50.62 33.04
CA GLY B 262 -20.58 49.19 33.16
C GLY B 262 -19.98 48.57 31.90
N LYS B 263 -20.48 48.97 30.73
CA LYS B 263 -19.89 48.51 29.49
C LYS B 263 -18.47 49.04 29.32
N LEU B 264 -18.26 50.34 29.61
CA LEU B 264 -16.92 50.91 29.55
C LEU B 264 -16.01 50.27 30.59
N ASN B 265 -16.54 50.01 31.79
CA ASN B 265 -15.76 49.27 32.77
C ASN B 265 -15.41 47.88 32.23
N TRP B 266 -16.35 47.24 31.54
CA TRP B 266 -16.08 45.92 30.97
C TRP B 266 -14.96 46.00 29.94
N ALA B 267 -15.02 46.99 29.04
CA ALA B 267 -14.05 47.08 27.95
C ALA B 267 -12.63 47.36 28.47
N SER B 268 -12.49 47.84 29.71
CA SER B 268 -11.18 48.16 30.25
C SER B 268 -10.25 46.97 30.22
N GLN B 269 -10.80 45.75 30.28
CA GLN B 269 -9.98 44.55 30.28
C GLN B 269 -9.43 44.25 28.89
N ILE B 270 -10.20 44.49 27.84
CA ILE B 270 -9.72 44.24 26.48
C ILE B 270 -8.95 45.44 25.93
N TYR B 271 -9.43 46.66 26.17
CA TYR B 271 -8.78 47.86 25.67
C TYR B 271 -8.18 48.64 26.82
N PRO B 272 -6.86 48.74 26.92
CA PRO B 272 -6.28 49.68 27.87
C PRO B 272 -6.57 51.12 27.48
N GLY B 273 -6.69 51.99 28.48
CA GLY B 273 -6.90 53.40 28.26
C GLY B 273 -8.33 53.89 28.39
N ILE B 274 -9.26 53.04 28.82
CA ILE B 274 -10.65 53.44 28.95
C ILE B 274 -10.84 54.19 30.28
N LYS B 275 -11.37 55.41 30.19
CA LYS B 275 -11.59 56.25 31.36
C LYS B 275 -13.09 56.29 31.71
N VAL B 276 -13.40 56.05 32.99
CA VAL B 276 -14.76 56.17 33.48
C VAL B 276 -14.86 57.19 34.61
N ARG B 277 -13.87 58.07 34.73
CA ARG B 277 -13.86 59.03 35.84
C ARG B 277 -14.95 60.08 35.67
N GLN B 278 -14.86 60.85 34.58
CA GLN B 278 -15.80 61.95 34.38
C GLN B 278 -17.23 61.46 34.26
N LEU B 279 -17.44 60.35 33.55
CA LEU B 279 -18.80 59.82 33.41
C LEU B 279 -19.35 59.35 34.74
N SER B 280 -18.52 58.73 35.58
CA SER B 280 -18.98 58.32 36.92
C SER B 280 -19.31 59.53 37.77
N LYS B 281 -18.66 60.68 37.53
CA LYS B 281 -18.98 61.89 38.27
C LYS B 281 -20.38 62.40 37.95
N LEU B 282 -20.90 62.10 36.76
CA LEU B 282 -22.25 62.52 36.41
C LEU B 282 -23.28 61.87 37.32
N LEU B 283 -23.02 60.66 37.78
CA LEU B 283 -23.98 59.90 38.58
C LEU B 283 -23.80 60.09 40.08
N ARG B 284 -22.90 60.97 40.52
CA ARG B 284 -22.66 61.18 41.95
C ARG B 284 -23.96 61.56 42.66
N GLY B 285 -24.21 60.93 43.80
CA GLY B 285 -25.44 61.10 44.54
C GLY B 285 -26.45 60.01 44.25
N THR B 286 -27.50 59.99 45.06
CA THR B 286 -28.51 58.93 45.02
C THR B 286 -29.68 59.40 44.16
N LYS B 287 -29.56 59.22 42.85
CA LYS B 287 -30.55 59.72 41.91
C LYS B 287 -31.49 58.61 41.44
N ALA B 288 -32.63 59.03 40.90
CA ALA B 288 -33.59 58.13 40.32
C ALA B 288 -33.14 57.68 38.93
N LEU B 289 -33.51 56.45 38.57
CA LEU B 289 -33.03 55.88 37.31
C LEU B 289 -33.54 56.65 36.11
N THR B 290 -34.82 57.07 36.14
CA THR B 290 -35.42 57.77 34.99
C THR B 290 -34.86 59.18 34.80
N GLU B 291 -34.24 59.77 35.83
CA GLU B 291 -33.82 61.17 35.74
C GLU B 291 -32.79 61.35 34.63
N VAL B 292 -33.16 62.16 33.63
CA VAL B 292 -32.21 62.56 32.60
C VAL B 292 -31.08 63.37 33.23
N ILE B 293 -29.86 63.15 32.73
CA ILE B 293 -28.67 63.82 33.20
C ILE B 293 -28.06 64.57 32.02
N PRO B 294 -27.86 65.88 32.11
CA PRO B 294 -27.11 66.58 31.06
C PRO B 294 -25.64 66.24 31.21
N LEU B 295 -25.01 65.85 30.09
CA LEU B 295 -23.61 65.43 30.15
C LEU B 295 -22.71 66.65 30.35
N THR B 296 -21.79 66.55 31.31
CA THR B 296 -20.79 67.60 31.45
C THR B 296 -19.85 67.59 30.27
N GLU B 297 -19.24 68.75 29.99
CA GLU B 297 -18.31 68.85 28.88
C GLU B 297 -17.10 67.94 29.07
N GLU B 298 -16.66 67.77 30.32
CA GLU B 298 -15.53 66.88 30.60
C GLU B 298 -15.90 65.43 30.32
N ALA B 299 -17.11 65.01 30.70
CA ALA B 299 -17.53 63.63 30.46
C ALA B 299 -17.86 63.38 28.99
N GLU B 300 -18.36 64.38 28.27
CA GLU B 300 -18.51 64.26 26.83
C GLU B 300 -17.17 64.02 26.17
N LEU B 301 -16.11 64.66 26.68
CA LEU B 301 -14.76 64.40 26.21
C LEU B 301 -14.31 62.98 26.58
N GLU B 302 -14.61 62.54 27.81
CA GLU B 302 -14.26 61.19 28.22
C GLU B 302 -15.01 60.15 27.39
N LEU B 303 -16.26 60.43 27.05
CA LEU B 303 -17.02 59.50 26.20
C LEU B 303 -16.41 59.40 24.80
N ALA B 304 -16.17 60.55 24.16
CA ALA B 304 -15.63 60.55 22.80
C ALA B 304 -14.23 59.96 22.77
N GLU B 305 -13.43 60.20 23.81
CA GLU B 305 -12.10 59.58 23.89
C GLU B 305 -12.20 58.07 23.88
N ASN B 306 -13.14 57.51 24.64
CA ASN B 306 -13.31 56.06 24.67
C ASN B 306 -13.87 55.54 23.36
N ARG B 307 -14.68 56.35 22.66
CA ARG B 307 -15.23 55.92 21.36
C ARG B 307 -14.12 55.73 20.33
N GLU B 308 -13.19 56.68 20.26
CA GLU B 308 -12.08 56.57 19.32
C GLU B 308 -11.16 55.40 19.69
N ILE B 309 -10.96 55.17 21.00
CA ILE B 309 -10.18 54.01 21.44
C ILE B 309 -10.85 52.72 20.98
N LEU B 310 -12.18 52.65 21.07
CA LEU B 310 -12.90 51.46 20.62
C LEU B 310 -13.03 51.40 19.10
N LYS B 311 -12.91 52.53 18.39
CA LYS B 311 -13.00 52.50 16.94
C LYS B 311 -11.81 51.78 16.32
N GLU B 312 -10.60 52.15 16.73
CA GLU B 312 -9.40 51.55 16.18
C GLU B 312 -9.27 50.10 16.63
N PRO B 313 -8.92 49.18 15.72
CA PRO B 313 -8.91 47.75 16.07
C PRO B 313 -7.93 47.44 17.18
N VAL B 314 -8.20 46.35 17.90
CA VAL B 314 -7.29 45.89 18.94
C VAL B 314 -6.00 45.39 18.29
N HIS B 315 -4.89 45.54 19.02
CA HIS B 315 -3.57 45.16 18.53
C HIS B 315 -2.82 44.42 19.62
N GLY B 316 -1.84 43.63 19.20
CA GLY B 316 -0.96 42.96 20.13
C GLY B 316 -1.37 41.55 20.51
N VAL B 317 -2.34 40.96 19.84
CA VAL B 317 -2.75 39.59 20.07
C VAL B 317 -2.22 38.76 18.92
N TYR B 318 -1.35 37.80 19.24
CA TYR B 318 -0.70 36.96 18.24
C TYR B 318 -1.12 35.51 18.46
N TYR B 319 -1.47 34.83 17.38
CA TYR B 319 -1.87 33.43 17.47
C TYR B 319 -0.68 32.58 17.90
N ASP B 320 -0.92 31.73 18.90
CA ASP B 320 0.10 30.86 19.49
C ASP B 320 -0.22 29.42 19.13
N PRO B 321 0.48 28.82 18.16
CA PRO B 321 0.10 27.47 17.71
C PRO B 321 0.26 26.40 18.79
N SER B 322 1.03 26.66 19.84
CA SER B 322 1.16 25.69 20.91
C SER B 322 -0.09 25.60 21.77
N LYS B 323 -0.84 26.70 21.88
CA LYS B 323 -2.01 26.78 22.75
C LYS B 323 -3.28 26.35 22.00
N ASP B 324 -4.37 26.19 22.76
CA ASP B 324 -5.66 25.82 22.20
C ASP B 324 -6.49 27.06 21.93
N LEU B 325 -7.09 27.12 20.74
CA LEU B 325 -8.14 28.10 20.48
C LEU B 325 -9.41 27.71 21.23
N ILE B 326 -10.12 28.70 21.79
CA ILE B 326 -11.40 28.44 22.44
C ILE B 326 -12.44 29.42 21.91
N ALA B 327 -13.68 28.94 21.79
CA ALA B 327 -14.78 29.71 21.24
C ALA B 327 -15.87 29.84 22.29
N GLU B 328 -16.39 31.05 22.46
CA GLU B 328 -17.55 31.29 23.30
C GLU B 328 -18.66 31.87 22.44
N ILE B 329 -19.90 31.52 22.76
CA ILE B 329 -21.07 31.89 21.99
C ILE B 329 -22.13 32.38 22.96
N GLN B 330 -22.72 33.53 22.66
CA GLN B 330 -23.86 34.04 23.42
C GLN B 330 -25.06 34.15 22.51
N LYS B 331 -26.19 33.63 22.97
CA LYS B 331 -27.47 33.83 22.28
C LYS B 331 -27.99 35.23 22.53
N GLN B 332 -28.10 36.03 21.49
CA GLN B 332 -28.93 37.22 21.49
C GLN B 332 -30.29 36.85 20.89
N GLY B 333 -31.20 37.82 20.89
CA GLY B 333 -32.52 37.56 20.37
C GLY B 333 -32.56 37.56 18.85
N GLN B 334 -33.78 37.42 18.33
CA GLN B 334 -34.05 37.55 16.90
C GLN B 334 -33.14 36.67 16.07
N GLY B 335 -32.81 35.49 16.60
CA GLY B 335 -31.91 34.59 15.89
C GLY B 335 -30.51 35.11 15.72
N GLN B 336 -30.09 36.07 16.53
CA GLN B 336 -28.74 36.60 16.47
C GLN B 336 -27.86 35.89 17.49
N TRP B 337 -26.61 35.64 17.09
CA TRP B 337 -25.63 34.98 17.93
C TRP B 337 -24.31 35.74 17.82
N THR B 338 -23.64 35.95 18.95
CA THR B 338 -22.29 36.50 18.94
C THR B 338 -21.30 35.46 19.44
N TYR B 339 -20.04 35.68 19.07
CA TYR B 339 -18.99 34.74 19.42
C TYR B 339 -17.63 35.44 19.50
N GLN B 340 -16.74 34.86 20.30
CA GLN B 340 -15.38 35.33 20.45
C GLN B 340 -14.43 34.14 20.45
N ILE B 341 -13.33 34.28 19.74
CA ILE B 341 -12.30 33.25 19.66
C ILE B 341 -11.05 33.79 20.34
N TYR B 342 -10.51 33.03 21.27
CA TYR B 342 -9.35 33.49 22.02
C TYR B 342 -8.53 32.31 22.49
N GLN B 343 -7.26 32.57 22.74
CA GLN B 343 -6.44 31.60 23.44
C GLN B 343 -6.19 32.00 24.88
N GLU B 344 -6.19 33.30 25.16
CA GLU B 344 -6.05 33.87 26.47
C GLU B 344 -7.30 34.67 26.81
N PRO B 345 -7.70 34.73 28.08
CA PRO B 345 -9.08 35.16 28.40
C PRO B 345 -9.54 36.47 27.78
N PHE B 346 -8.73 37.53 27.84
CA PHE B 346 -9.17 38.83 27.37
C PHE B 346 -8.41 39.29 26.12
N LYS B 347 -7.88 38.36 25.35
CA LYS B 347 -7.12 38.67 24.14
C LYS B 347 -7.75 37.90 22.98
N ASN B 348 -8.72 38.53 22.31
CA ASN B 348 -9.55 37.87 21.31
C ASN B 348 -8.88 37.93 19.94
N LEU B 349 -8.68 36.77 19.32
CA LEU B 349 -8.16 36.74 17.96
C LEU B 349 -9.21 37.17 16.96
N LYS B 350 -10.48 36.92 17.26
CA LYS B 350 -11.57 37.28 16.37
C LYS B 350 -12.83 37.44 17.19
N THR B 351 -13.76 38.25 16.70
CA THR B 351 -15.11 38.29 17.22
C THR B 351 -16.07 38.44 16.05
N GLY B 352 -17.27 37.89 16.19
CA GLY B 352 -18.22 37.96 15.11
C GLY B 352 -19.66 37.94 15.61
N LYS B 353 -20.58 38.04 14.66
CA LYS B 353 -22.00 37.99 14.95
C LYS B 353 -22.69 37.32 13.77
N TYR B 354 -23.65 36.46 14.07
CA TYR B 354 -24.37 35.71 13.04
C TYR B 354 -25.85 36.07 13.08
N ALA B 355 -26.45 36.14 11.90
CA ALA B 355 -27.89 36.29 11.75
C ALA B 355 -28.45 34.99 11.18
N ARG B 356 -29.56 34.54 11.74
CA ARG B 356 -30.19 33.29 11.33
C ARG B 356 -31.55 33.63 10.74
N MET B 357 -31.69 33.40 9.44
CA MET B 357 -32.95 33.66 8.74
C MET B 357 -34.10 32.85 9.34
N HIS B 361 -39.69 30.98 15.83
CA HIS B 361 -38.40 30.94 15.16
C HIS B 361 -37.94 29.49 14.92
N THR B 362 -37.00 29.31 13.99
CA THR B 362 -36.34 28.02 13.82
C THR B 362 -35.65 27.61 15.13
N ASN B 363 -35.38 26.32 15.26
CA ASN B 363 -34.86 25.76 16.50
C ASN B 363 -33.59 26.49 16.95
N ASP B 364 -33.56 26.86 18.23
CA ASP B 364 -32.33 27.36 18.82
C ASP B 364 -31.17 26.40 18.56
N VAL B 365 -31.43 25.11 18.72
CA VAL B 365 -30.38 24.11 18.54
C VAL B 365 -29.90 24.12 17.10
N LYS B 366 -30.82 24.19 16.14
CA LYS B 366 -30.38 24.29 14.75
C LYS B 366 -29.56 25.57 14.52
N GLN B 367 -29.98 26.70 15.09
CA GLN B 367 -29.19 27.91 14.96
C GLN B 367 -27.82 27.74 15.58
N LEU B 368 -27.76 27.13 16.77
CA LEU B 368 -26.47 26.96 17.44
C LEU B 368 -25.55 26.04 16.66
N THR B 369 -26.07 24.92 16.13
CA THR B 369 -25.19 24.02 15.39
C THR B 369 -24.70 24.65 14.10
N GLU B 370 -25.48 25.53 13.49
CA GLU B 370 -24.99 26.26 12.33
C GLU B 370 -23.89 27.23 12.72
N ALA B 371 -24.05 27.91 13.86
CA ALA B 371 -23.02 28.82 14.32
C ALA B 371 -21.71 28.09 14.58
N VAL B 372 -21.77 26.93 15.26
CA VAL B 372 -20.56 26.18 15.56
C VAL B 372 -19.87 25.75 14.28
N GLN B 373 -20.64 25.39 13.26
CA GLN B 373 -20.02 24.98 12.01
C GLN B 373 -19.38 26.17 11.31
N LYS B 374 -20.04 27.33 11.33
CA LYS B 374 -19.48 28.49 10.66
C LYS B 374 -18.19 28.94 11.34
N ILE B 375 -18.17 28.96 12.68
CA ILE B 375 -16.99 29.40 13.42
C ILE B 375 -15.83 28.47 13.16
N THR B 376 -16.09 27.17 13.18
CA THR B 376 -15.02 26.20 12.93
C THR B 376 -14.44 26.37 11.55
N THR B 377 -15.30 26.57 10.55
CA THR B 377 -14.83 26.77 9.19
C THR B 377 -13.91 27.98 9.11
N GLU B 378 -14.35 29.10 9.72
CA GLU B 378 -13.53 30.30 9.74
C GLU B 378 -12.21 30.04 10.46
N SER B 379 -12.27 29.30 11.57
CA SER B 379 -11.06 29.03 12.33
C SER B 379 -10.14 28.04 11.60
N ILE B 380 -10.68 27.21 10.69
CA ILE B 380 -9.82 26.38 9.87
C ILE B 380 -9.14 27.22 8.81
N VAL B 381 -9.91 28.06 8.12
CA VAL B 381 -9.33 28.91 7.08
C VAL B 381 -8.25 29.80 7.66
N ILE B 382 -8.55 30.42 8.80
CA ILE B 382 -7.68 31.46 9.35
C ILE B 382 -6.44 30.85 9.99
N TRP B 383 -6.61 29.76 10.73
CA TRP B 383 -5.53 29.23 11.53
C TRP B 383 -5.21 27.76 11.29
N GLY B 384 -6.01 27.04 10.51
CA GLY B 384 -5.80 25.61 10.38
C GLY B 384 -5.98 24.85 11.68
N LYS B 385 -6.77 25.40 12.61
CA LYS B 385 -7.01 24.81 13.92
C LYS B 385 -8.50 24.90 14.26
N THR B 386 -9.01 23.92 15.00
CA THR B 386 -10.40 24.14 15.41
C THR B 386 -10.47 24.59 16.86
N PRO B 387 -11.41 25.47 17.19
CA PRO B 387 -11.53 25.89 18.58
C PRO B 387 -12.33 24.89 19.41
N LYS B 388 -12.13 24.96 20.72
CA LYS B 388 -12.91 24.20 21.69
C LYS B 388 -14.07 25.09 22.11
N PHE B 389 -15.29 24.63 21.86
CA PHE B 389 -16.46 25.49 22.04
C PHE B 389 -16.99 25.42 23.47
N LYS B 390 -17.41 26.57 23.98
CA LYS B 390 -18.19 26.66 25.20
C LYS B 390 -19.65 26.89 24.81
N LEU B 391 -20.44 25.83 24.83
CA LEU B 391 -21.79 25.86 24.26
C LEU B 391 -22.81 26.22 25.33
N PRO B 392 -23.60 27.29 25.13
CA PRO B 392 -24.63 27.67 26.13
C PRO B 392 -25.93 26.89 25.93
N ILE B 393 -25.88 25.61 26.30
CA ILE B 393 -27.00 24.70 26.08
C ILE B 393 -26.79 23.50 26.99
N GLN B 394 -27.89 22.97 27.53
CA GLN B 394 -27.83 21.79 28.40
C GLN B 394 -27.28 20.60 27.64
N LYS B 395 -26.31 19.91 28.23
CA LYS B 395 -25.53 18.89 27.53
C LYS B 395 -26.42 17.85 26.86
N GLU B 396 -27.47 17.39 27.57
CA GLU B 396 -28.32 16.31 27.07
C GLU B 396 -29.10 16.76 25.84
N THR B 397 -29.68 17.96 25.89
CA THR B 397 -30.32 18.51 24.71
C THR B 397 -29.35 18.56 23.52
N TRP B 398 -28.13 19.09 23.73
CA TRP B 398 -27.17 19.17 22.63
C TRP B 398 -26.78 17.78 22.13
N GLU B 399 -26.56 16.84 23.04
CA GLU B 399 -26.15 15.50 22.62
C GLU B 399 -27.26 14.75 21.88
N THR B 400 -28.52 15.08 22.11
CA THR B 400 -29.61 14.38 21.42
C THR B 400 -29.83 14.90 20.00
N TRP B 401 -29.71 16.22 19.79
CA TRP B 401 -30.16 16.83 18.55
C TRP B 401 -29.08 17.47 17.69
N TRP B 402 -27.83 17.60 18.17
CA TRP B 402 -26.81 18.24 17.34
C TRP B 402 -26.60 17.51 16.03
N THR B 403 -26.73 16.19 16.04
CA THR B 403 -26.53 15.40 14.84
C THR B 403 -27.61 15.67 13.78
N GLU B 404 -28.79 16.10 14.21
CA GLU B 404 -29.89 16.30 13.27
CA GLU B 404 -29.90 16.31 13.28
C GLU B 404 -29.58 17.42 12.27
N TYR B 405 -28.72 18.37 12.63
CA TYR B 405 -28.41 19.48 11.74
C TYR B 405 -26.98 19.54 11.27
N TRP B 406 -26.10 18.69 11.79
CA TRP B 406 -24.70 18.72 11.42
C TRP B 406 -24.48 18.31 9.96
N GLN B 407 -23.68 19.09 9.25
CA GLN B 407 -23.38 18.87 7.85
C GLN B 407 -21.89 18.72 7.57
N ALA B 408 -21.03 18.87 8.58
CA ALA B 408 -19.59 18.88 8.39
C ALA B 408 -19.00 17.47 8.53
N THR B 409 -17.84 17.27 7.89
CA THR B 409 -17.12 16.01 7.99
C THR B 409 -16.29 15.90 9.27
N TRP B 410 -16.02 17.01 9.95
CA TRP B 410 -15.30 17.06 11.21
C TRP B 410 -16.26 17.33 12.36
N ILE B 411 -15.76 17.16 13.59
CA ILE B 411 -16.53 17.46 14.79
C ILE B 411 -15.60 18.19 15.75
N PRO B 412 -15.93 19.40 16.17
CA PRO B 412 -15.07 20.14 17.11
C PRO B 412 -15.20 19.62 18.53
N GLU B 413 -14.27 20.06 19.36
CA GLU B 413 -14.33 19.82 20.80
C GLU B 413 -15.29 20.82 21.44
N TRP B 414 -16.08 20.35 22.40
CA TRP B 414 -16.98 21.29 23.08
C TRP B 414 -17.15 20.91 24.54
N GLU B 415 -17.43 21.91 25.36
CA GLU B 415 -17.93 21.74 26.72
C GLU B 415 -19.23 22.52 26.85
N PHE B 416 -19.85 22.47 28.02
CA PHE B 416 -21.12 23.14 28.23
C PHE B 416 -21.02 24.11 29.39
N VAL B 417 -21.62 25.29 29.21
CA VAL B 417 -21.70 26.30 30.27
C VAL B 417 -23.15 26.41 30.67
N ASN B 418 -23.43 26.22 31.96
CA ASN B 418 -24.76 26.39 32.51
C ASN B 418 -24.90 27.71 33.26
N THR B 419 -23.91 28.59 33.18
CA THR B 419 -23.93 29.86 33.88
C THR B 419 -24.12 31.00 32.90
N PRO B 420 -25.18 31.79 33.04
CA PRO B 420 -25.45 32.85 32.06
C PRO B 420 -24.46 33.98 32.18
N PRO B 421 -23.93 34.46 31.05
CA PRO B 421 -23.08 35.66 31.06
C PRO B 421 -23.93 36.91 31.24
N LEU B 422 -23.66 37.67 32.28
CA LEU B 422 -24.51 38.82 32.58
C LEU B 422 -24.31 39.95 31.57
N VAL B 423 -23.15 40.02 30.93
CA VAL B 423 -22.80 41.22 30.17
C VAL B 423 -23.71 41.38 28.96
N LYS B 424 -23.79 40.34 28.13
CA LYS B 424 -24.50 40.39 26.85
C LYS B 424 -24.14 41.66 26.08
N LEU B 425 -22.88 42.05 26.17
CA LEU B 425 -22.36 43.26 25.53
C LEU B 425 -21.69 42.95 24.18
N TRP B 426 -22.22 41.97 23.46
CA TRP B 426 -21.72 41.53 22.16
C TRP B 426 -20.23 41.21 22.19
N SER C 5 -7.20 15.77 -25.41
CA SER C 5 -7.25 15.15 -24.09
C SER C 5 -6.38 15.93 -23.10
N PRO C 6 -6.70 15.82 -21.79
CA PRO C 6 -5.91 16.48 -20.73
C PRO C 6 -4.71 15.64 -20.30
N ILE C 7 -3.95 15.15 -21.27
CA ILE C 7 -2.82 14.27 -21.02
C ILE C 7 -1.53 15.06 -21.20
N GLU C 8 -0.57 14.86 -20.30
CA GLU C 8 0.72 15.52 -20.44
C GLU C 8 1.40 15.06 -21.73
N THR C 9 2.03 15.99 -22.45
CA THR C 9 2.63 15.65 -23.73
C THR C 9 4.09 15.23 -23.57
N VAL C 10 4.54 14.38 -24.48
CA VAL C 10 5.94 13.97 -24.57
C VAL C 10 6.71 15.02 -25.35
N PRO C 11 7.77 15.61 -24.78
CA PRO C 11 8.54 16.61 -25.52
C PRO C 11 9.37 15.97 -26.63
N VAL C 12 9.00 16.24 -27.88
CA VAL C 12 9.65 15.65 -29.04
C VAL C 12 10.53 16.72 -29.70
N LYS C 13 11.73 16.31 -30.09
CA LYS C 13 12.65 17.18 -30.83
C LYS C 13 13.07 16.48 -32.12
N LEU C 14 13.40 17.28 -33.14
CA LEU C 14 13.86 16.71 -34.40
C LEU C 14 15.28 16.18 -34.26
N LYS C 15 15.69 15.36 -35.23
CA LYS C 15 17.05 14.83 -35.22
C LYS C 15 18.06 15.96 -35.32
N PRO C 16 19.22 15.82 -34.68
CA PRO C 16 20.16 16.95 -34.60
C PRO C 16 20.57 17.45 -35.98
N GLY C 17 20.58 18.77 -36.14
CA GLY C 17 20.91 19.37 -37.41
C GLY C 17 19.97 19.03 -38.54
N MET C 18 18.71 18.70 -38.23
CA MET C 18 17.70 18.41 -39.23
C MET C 18 16.59 19.42 -39.09
N ASP C 19 16.30 20.15 -40.16
CA ASP C 19 15.13 21.00 -40.15
C ASP C 19 13.88 20.17 -40.47
N GLY C 20 12.71 20.79 -40.31
CA GLY C 20 11.46 20.10 -40.50
C GLY C 20 11.20 19.74 -41.95
N PRO C 21 10.27 18.81 -42.17
CA PRO C 21 10.00 18.36 -43.54
C PRO C 21 9.42 19.49 -44.39
N LYS C 22 9.90 19.58 -45.62
CA LYS C 22 9.43 20.58 -46.58
C LYS C 22 9.22 19.90 -47.91
N VAL C 23 8.04 20.10 -48.51
CA VAL C 23 7.68 19.55 -49.81
C VAL C 23 6.61 20.42 -50.44
N LYS C 24 6.52 20.37 -51.76
CA LYS C 24 5.50 21.12 -52.48
C LYS C 24 4.17 20.36 -52.49
N GLN C 25 3.08 21.10 -52.47
CA GLN C 25 1.76 20.51 -52.45
C GLN C 25 1.39 19.87 -53.78
N LEU C 28 -4.81 17.81 -57.16
CA LEU C 28 -5.73 16.70 -56.99
C LEU C 28 -7.07 17.00 -57.66
N THR C 29 -7.87 15.94 -57.86
CA THR C 29 -9.19 16.12 -58.48
C THR C 29 -10.07 17.00 -57.60
N GLU C 30 -10.98 17.73 -58.26
CA GLU C 30 -11.74 18.76 -57.56
C GLU C 30 -12.65 18.15 -56.50
N GLU C 31 -13.25 17.00 -56.78
CA GLU C 31 -14.15 16.37 -55.83
C GLU C 31 -13.39 15.79 -54.63
N LYS C 32 -12.24 15.17 -54.88
CA LYS C 32 -11.43 14.64 -53.80
C LYS C 32 -10.97 15.75 -52.86
N ILE C 33 -10.59 16.90 -53.41
CA ILE C 33 -10.22 18.04 -52.58
C ILE C 33 -11.37 18.44 -51.67
N LYS C 34 -12.59 18.45 -52.22
CA LYS C 34 -13.74 18.87 -51.41
C LYS C 34 -14.02 17.87 -50.29
N ALA C 35 -14.00 16.58 -50.60
CA ALA C 35 -14.21 15.58 -49.55
C ALA C 35 -13.11 15.64 -48.50
N LEU C 36 -11.87 15.86 -48.94
CA LEU C 36 -10.77 16.05 -48.01
C LEU C 36 -10.99 17.28 -47.14
N VAL C 37 -11.60 18.33 -47.69
CA VAL C 37 -11.89 19.53 -46.91
C VAL C 37 -12.94 19.23 -45.84
N GLU C 38 -13.92 18.39 -46.16
CA GLU C 38 -14.90 17.98 -45.15
C GLU C 38 -14.26 17.09 -44.10
N ILE C 39 -13.33 16.22 -44.52
CA ILE C 39 -12.56 15.42 -43.57
C ILE C 39 -11.76 16.33 -42.65
N CYS C 40 -11.09 17.34 -43.22
CA CYS C 40 -10.38 18.32 -42.41
C CYS C 40 -11.34 19.10 -41.52
N THR C 41 -12.50 19.48 -42.06
CA THR C 41 -13.50 20.18 -41.27
C THR C 41 -13.95 19.33 -40.10
N GLU C 42 -14.25 18.05 -40.36
CA GLU C 42 -14.65 17.14 -39.29
C GLU C 42 -13.52 16.94 -38.29
N MET C 43 -12.28 16.76 -38.78
CA MET C 43 -11.16 16.63 -37.86
C MET C 43 -10.90 17.92 -37.10
N GLU C 44 -11.10 19.07 -37.75
CA GLU C 44 -10.98 20.35 -37.04
C GLU C 44 -12.06 20.48 -35.97
N LYS C 45 -13.28 20.05 -36.28
CA LYS C 45 -14.37 20.11 -35.32
C LYS C 45 -14.07 19.23 -34.10
N GLU C 46 -13.61 17.99 -34.33
CA GLU C 46 -13.26 17.08 -33.24
C GLU C 46 -12.04 17.54 -32.46
N GLY C 47 -11.29 18.52 -32.96
CA GLY C 47 -10.09 18.98 -32.32
C GLY C 47 -8.82 18.31 -32.78
N LYS C 48 -8.89 17.42 -33.77
CA LYS C 48 -7.69 16.73 -34.25
C LYS C 48 -6.73 17.68 -34.94
N ILE C 49 -7.24 18.64 -35.72
CA ILE C 49 -6.41 19.54 -36.50
C ILE C 49 -6.91 20.98 -36.34
N SER C 50 -6.05 21.94 -36.71
CA SER C 50 -6.35 23.35 -36.63
C SER C 50 -5.76 24.07 -37.83
N LYS C 51 -6.52 25.01 -38.41
CA LYS C 51 -6.04 25.77 -39.57
C LYS C 51 -4.77 26.52 -39.22
N ILE C 52 -3.76 26.37 -40.07
CA ILE C 52 -2.45 26.98 -39.86
C ILE C 52 -2.29 28.11 -40.86
N GLY C 53 -1.80 29.26 -40.38
CA GLY C 53 -1.51 30.37 -41.26
C GLY C 53 -0.31 30.09 -42.14
N PRO C 54 -0.11 30.93 -43.17
CA PRO C 54 0.99 30.69 -44.12
C PRO C 54 2.38 30.96 -43.54
N GLU C 55 2.48 31.51 -42.33
CA GLU C 55 3.79 31.87 -41.79
C GLU C 55 4.65 30.65 -41.48
N ASN C 56 4.04 29.51 -41.20
CA ASN C 56 4.81 28.29 -40.92
C ASN C 56 5.40 27.74 -42.21
N PRO C 57 6.73 27.54 -42.29
CA PRO C 57 7.35 27.13 -43.56
C PRO C 57 7.20 25.65 -43.89
N TYR C 58 7.14 24.80 -42.86
CA TYR C 58 7.19 23.37 -43.09
C TYR C 58 5.88 22.86 -43.70
N ASN C 59 5.98 21.71 -44.38
CA ASN C 59 4.80 21.11 -45.00
C ASN C 59 5.08 19.63 -45.28
N THR C 60 4.02 18.86 -45.49
CA THR C 60 4.07 17.44 -45.76
C THR C 60 2.99 17.08 -46.77
N PRO C 61 3.20 16.05 -47.58
CA PRO C 61 2.23 15.70 -48.63
C PRO C 61 0.99 15.00 -48.08
N VAL C 62 -0.14 15.27 -48.74
CA VAL C 62 -1.41 14.64 -48.41
C VAL C 62 -2.05 14.11 -49.68
N PHE C 63 -2.96 13.14 -49.52
CA PHE C 63 -3.59 12.45 -50.64
C PHE C 63 -4.93 11.87 -50.18
N ILE C 65 -7.69 8.16 -50.93
CA ILE C 65 -7.87 6.83 -51.52
C ILE C 65 -9.14 6.20 -51.00
N LYS C 66 -9.58 5.12 -51.64
CA LYS C 66 -10.74 4.35 -51.17
C LYS C 66 -10.36 2.90 -50.88
N LYS C 68 -9.86 1.62 -47.61
CA LYS C 68 -10.57 1.15 -46.41
C LYS C 68 -11.88 0.47 -46.79
N ASP C 69 -12.69 1.14 -47.60
CA ASP C 69 -13.87 0.55 -48.22
C ASP C 69 -13.97 1.07 -49.65
N SER C 70 -14.53 0.25 -50.53
CA SER C 70 -14.80 0.74 -51.88
C SER C 70 -15.75 1.92 -51.88
N THR C 71 -16.71 1.93 -50.96
CA THR C 71 -17.67 3.04 -50.87
C THR C 71 -17.08 4.28 -50.18
N LYS C 72 -16.12 4.10 -49.28
CA LYS C 72 -15.59 5.19 -48.47
C LYS C 72 -14.22 5.61 -48.97
N TRP C 73 -13.93 6.91 -48.85
CA TRP C 73 -12.61 7.44 -49.18
C TRP C 73 -12.01 8.10 -47.95
N ARG C 74 -10.78 7.69 -47.60
CA ARG C 74 -10.11 8.14 -46.38
C ARG C 74 -8.84 8.91 -46.74
N LYS C 75 -8.35 9.67 -45.77
CA LYS C 75 -7.16 10.51 -45.96
C LYS C 75 -5.91 9.81 -45.45
N LEU C 76 -4.80 9.99 -46.18
CA LEU C 76 -3.50 9.46 -45.79
C LEU C 76 -2.42 10.51 -46.00
N VAL C 77 -1.42 10.53 -45.12
CA VAL C 77 -0.33 11.50 -45.17
C VAL C 77 1.00 10.75 -45.11
N ASP C 78 1.91 11.11 -46.01
CA ASP C 78 3.23 10.48 -46.06
C ASP C 78 4.18 11.31 -45.18
N PHE C 79 4.54 10.78 -44.03
CA PHE C 79 5.42 11.45 -43.10
C PHE C 79 6.85 10.93 -43.17
N ARG C 80 7.20 10.23 -44.25
CA ARG C 80 8.52 9.62 -44.35
C ARG C 80 9.62 10.66 -44.18
N GLU C 81 9.47 11.83 -44.81
CA GLU C 81 10.42 12.91 -44.58
C GLU C 81 10.41 13.33 -43.12
N LEU C 82 9.22 13.45 -42.52
CA LEU C 82 9.13 13.76 -41.10
C LEU C 82 9.75 12.64 -40.27
N ASN C 83 9.44 11.38 -40.62
CA ASN C 83 9.97 10.25 -39.87
C ASN C 83 11.49 10.23 -39.90
N LYS C 84 12.09 10.57 -41.05
CA LYS C 84 13.53 10.69 -41.13
C LYS C 84 14.04 11.80 -40.21
N ARG C 85 13.35 12.94 -40.19
CA ARG C 85 13.79 14.07 -39.38
C ARG C 85 13.40 13.92 -37.91
N THR C 86 12.35 13.16 -37.62
CA THR C 86 11.92 12.95 -36.24
C THR C 86 12.97 12.15 -35.48
N GLN C 87 13.17 12.52 -34.21
CA GLN C 87 14.13 11.82 -33.35
C GLN C 87 13.77 10.35 -33.20
N ASP C 88 14.70 9.61 -32.61
CA ASP C 88 14.46 8.22 -32.25
C ASP C 88 13.75 8.14 -30.90
N PHE C 89 12.84 7.18 -30.77
CA PHE C 89 12.08 6.97 -29.56
C PHE C 89 12.39 5.58 -29.01
N TRP C 90 11.88 5.31 -27.82
CA TRP C 90 12.07 4.00 -27.22
C TRP C 90 11.26 2.96 -27.98
N GLU C 91 11.84 1.76 -28.12
CA GLU C 91 11.18 0.66 -28.81
C GLU C 91 9.84 0.34 -28.16
N VAL C 92 8.78 0.31 -28.97
CA VAL C 92 7.45 0.06 -28.42
C VAL C 92 7.37 -1.35 -27.84
N GLN C 93 7.79 -2.35 -28.60
CA GLN C 93 7.75 -3.74 -28.17
C GLN C 93 8.54 -4.58 -29.15
N LEU C 94 9.26 -5.58 -28.64
CA LEU C 94 10.00 -6.49 -29.49
C LEU C 94 9.47 -7.92 -29.44
N GLY C 95 8.33 -8.15 -28.79
CA GLY C 95 7.80 -9.48 -28.65
C GLY C 95 6.31 -9.46 -28.38
N ILE C 96 5.73 -10.66 -28.32
CA ILE C 96 4.30 -10.84 -28.08
C ILE C 96 4.12 -11.84 -26.95
N PRO C 97 3.15 -11.63 -26.06
CA PRO C 97 2.95 -12.58 -24.96
C PRO C 97 2.61 -13.98 -25.49
N HIS C 98 3.26 -14.97 -24.92
CA HIS C 98 2.87 -16.26 -25.45
C HIS C 98 1.77 -16.88 -24.60
N PRO C 99 0.72 -17.40 -25.23
CA PRO C 99 -0.39 -18.01 -24.47
C PRO C 99 0.03 -19.03 -23.42
N ALA C 100 1.16 -19.71 -23.59
CA ALA C 100 1.57 -20.69 -22.60
C ALA C 100 1.98 -20.06 -21.28
N GLY C 101 2.39 -18.78 -21.30
CA GLY C 101 2.78 -18.09 -20.09
C GLY C 101 1.64 -17.38 -19.38
N LEU C 102 0.53 -17.14 -20.10
CA LEU C 102 -0.64 -16.54 -19.49
C LEU C 102 -1.20 -17.48 -18.44
N LYS C 103 -1.67 -16.90 -17.33
CA LYS C 103 -2.24 -17.66 -16.24
C LYS C 103 -3.75 -17.50 -16.28
N LYS C 104 -4.47 -18.61 -16.15
CA LYS C 104 -5.92 -18.60 -16.33
C LYS C 104 -6.61 -17.72 -15.28
N LYS C 105 -7.60 -16.95 -15.74
CA LYS C 105 -8.40 -16.11 -14.87
C LYS C 105 -9.87 -16.41 -15.10
N LYS C 106 -10.69 -16.06 -14.10
CA LYS C 106 -12.12 -16.39 -14.18
C LYS C 106 -12.80 -15.69 -15.34
N SER C 107 -12.30 -14.51 -15.75
CA SER C 107 -12.87 -13.80 -16.88
C SER C 107 -11.76 -13.03 -17.57
N ALA C 108 -11.93 -12.82 -18.88
CA ALA C 108 -10.98 -12.06 -19.68
C ALA C 108 -11.77 -11.22 -20.66
N THR C 109 -11.52 -9.92 -20.67
CA THR C 109 -12.27 -8.99 -21.51
C THR C 109 -11.29 -8.17 -22.32
N VAL C 110 -11.56 -8.01 -23.61
CA VAL C 110 -10.70 -7.26 -24.51
C VAL C 110 -11.34 -5.92 -24.81
N LEU C 111 -10.57 -4.84 -24.62
CA LEU C 111 -11.02 -3.49 -24.91
C LEU C 111 -10.21 -2.93 -26.06
N ASP C 112 -10.91 -2.40 -27.07
CA ASP C 112 -10.29 -1.78 -28.22
CA ASP C 112 -10.30 -1.78 -28.23
C ASP C 112 -10.45 -0.27 -28.11
N VAL C 113 -9.34 0.45 -28.19
CA VAL C 113 -9.38 1.91 -28.12
C VAL C 113 -9.69 2.46 -29.50
N GLY C 114 -10.73 3.28 -29.59
CA GLY C 114 -11.08 3.92 -30.84
C GLY C 114 -10.34 5.24 -31.00
N ASP C 115 -9.99 5.55 -32.25
CA ASP C 115 -9.24 6.75 -32.60
C ASP C 115 -8.10 6.97 -31.60
N ALA C 116 -7.35 5.89 -31.38
CA ALA C 116 -6.39 5.87 -30.27
C ALA C 116 -5.38 7.00 -30.40
N TYR C 117 -4.73 7.12 -31.56
CA TYR C 117 -3.75 8.17 -31.73
C TYR C 117 -4.40 9.55 -31.69
N PHE C 118 -5.58 9.68 -32.30
CA PHE C 118 -6.27 10.95 -32.30
C PHE C 118 -6.67 11.38 -30.90
N SER C 119 -6.90 10.41 -30.00
CA SER C 119 -7.29 10.73 -28.64
C SER C 119 -6.13 11.27 -27.81
N VAL C 120 -4.90 11.22 -28.31
CA VAL C 120 -3.72 11.63 -27.56
C VAL C 120 -3.18 12.91 -28.19
N PRO C 121 -2.85 13.93 -27.41
CA PRO C 121 -2.28 15.16 -27.96
C PRO C 121 -0.79 15.01 -28.24
N LEU C 122 -0.26 16.01 -28.95
CA LEU C 122 1.13 16.05 -29.36
C LEU C 122 1.78 17.32 -28.82
N ASP C 123 3.09 17.23 -28.56
CA ASP C 123 3.84 18.41 -28.11
C ASP C 123 3.62 19.56 -29.08
N GLU C 124 3.21 20.70 -28.54
CA GLU C 124 2.69 21.77 -29.39
C GLU C 124 3.77 22.32 -30.32
N ASP C 125 5.00 22.46 -29.83
CA ASP C 125 6.08 22.96 -30.67
C ASP C 125 6.28 22.10 -31.91
N PHE C 126 6.25 20.78 -31.73
CA PHE C 126 6.46 19.87 -32.84
C PHE C 126 5.31 19.88 -33.84
N ARG C 127 4.18 20.49 -33.51
CA ARG C 127 3.02 20.44 -34.40
C ARG C 127 3.25 21.14 -35.73
N LYS C 128 4.17 22.12 -35.78
CA LYS C 128 4.43 22.82 -37.02
C LYS C 128 4.93 21.88 -38.11
N TYR C 129 5.82 20.95 -37.75
CA TYR C 129 6.41 20.06 -38.73
C TYR C 129 5.40 19.09 -39.33
N THR C 130 4.24 18.91 -38.69
CA THR C 130 3.17 18.09 -39.22
C THR C 130 2.16 18.99 -39.95
N ALA C 131 2.64 19.63 -41.01
CA ALA C 131 1.79 20.60 -41.74
C ALA C 131 1.36 20.04 -43.09
N PHE C 132 0.05 19.92 -43.31
CA PHE C 132 -0.46 19.47 -44.62
C PHE C 132 -1.17 20.66 -45.26
N THR C 133 -0.83 20.99 -46.50
CA THR C 133 -1.43 22.19 -47.14
C THR C 133 -2.04 21.81 -48.48
N ILE C 134 -3.26 22.27 -48.76
CA ILE C 134 -3.90 22.00 -50.08
C ILE C 134 -4.25 23.33 -50.73
N SER C 136 -4.23 25.33 -53.76
CA SER C 136 -4.75 25.80 -55.07
C SER C 136 -4.69 27.33 -55.11
N ILE C 137 -5.56 27.99 -54.36
CA ILE C 137 -5.56 29.48 -54.30
C ILE C 137 -5.24 29.88 -52.86
N ASN C 138 -4.29 30.80 -52.67
CA ASN C 138 -3.89 31.22 -51.32
C ASN C 138 -4.75 32.42 -50.89
N ILE C 144 -5.36 26.18 -48.19
CA ILE C 144 -5.95 25.14 -47.29
C ILE C 144 -4.85 24.58 -46.40
N ARG C 145 -4.40 25.35 -45.41
CA ARG C 145 -3.26 24.92 -44.55
C ARG C 145 -3.80 24.39 -43.22
N TYR C 146 -3.15 23.35 -42.68
CA TYR C 146 -3.62 22.75 -41.45
C TYR C 146 -2.44 22.20 -40.64
N GLN C 147 -2.65 22.12 -39.34
CA GLN C 147 -1.64 21.65 -38.39
C GLN C 147 -2.25 20.57 -37.50
N TYR C 148 -1.57 19.44 -37.38
CA TYR C 148 -2.01 18.37 -36.50
C TYR C 148 -1.77 18.74 -35.05
N ASN C 149 -2.82 18.66 -34.23
CA ASN C 149 -2.71 18.88 -32.79
C ASN C 149 -2.57 17.57 -32.02
N VAL C 150 -2.87 16.43 -32.64
CA VAL C 150 -2.84 15.14 -31.99
C VAL C 150 -1.75 14.28 -32.64
N LEU C 151 -1.61 13.05 -32.18
CA LEU C 151 -0.69 12.12 -32.81
C LEU C 151 -1.13 11.84 -34.25
N PRO C 152 -0.24 11.95 -35.23
CA PRO C 152 -0.62 11.66 -36.62
C PRO C 152 -0.73 10.16 -36.86
N GLN C 153 -1.57 9.80 -37.83
CA GLN C 153 -1.85 8.39 -38.10
C GLN C 153 -0.59 7.64 -38.50
N GLY C 154 0.19 8.22 -39.43
CA GLY C 154 1.38 7.58 -39.94
C GLY C 154 2.70 8.02 -39.33
N TRP C 155 2.67 8.79 -38.24
CA TRP C 155 3.89 9.33 -37.69
C TRP C 155 4.77 8.23 -37.07
N LYS C 156 6.05 8.55 -36.92
CA LYS C 156 7.01 7.62 -36.34
C LYS C 156 6.91 7.56 -34.82
N GLY C 157 6.63 8.70 -34.18
CA GLY C 157 6.60 8.72 -32.73
C GLY C 157 5.29 8.32 -32.10
N SER C 158 4.24 8.14 -32.89
CA SER C 158 2.92 7.83 -32.34
C SER C 158 2.89 6.54 -31.53
N PRO C 159 3.40 5.39 -32.01
CA PRO C 159 3.22 4.16 -31.22
C PRO C 159 3.85 4.20 -29.85
N ALA C 160 5.01 4.84 -29.70
CA ALA C 160 5.67 4.90 -28.40
C ALA C 160 4.97 5.87 -27.45
N ILE C 161 4.56 7.03 -27.97
CA ILE C 161 3.94 8.04 -27.12
C ILE C 161 2.56 7.57 -26.66
N PHE C 162 1.87 6.76 -27.45
CA PHE C 162 0.56 6.25 -27.04
C PHE C 162 0.67 5.28 -25.86
N GLN C 163 1.58 4.30 -25.95
CA GLN C 163 1.70 3.32 -24.88
C GLN C 163 2.07 4.00 -23.58
N SER C 164 2.97 4.97 -23.64
CA SER C 164 3.39 5.70 -22.45
C SER C 164 2.21 6.41 -21.82
N SER C 165 1.32 6.97 -22.64
CA SER C 165 0.18 7.71 -22.10
C SER C 165 -0.83 6.76 -21.45
N MET C 166 -1.15 5.64 -22.12
CA MET C 166 -2.07 4.67 -21.55
C MET C 166 -1.51 4.06 -20.28
N THR C 167 -0.22 3.76 -20.27
CA THR C 167 0.40 3.20 -19.07
C THR C 167 0.29 4.16 -17.90
N LYS C 168 0.58 5.45 -18.12
CA LYS C 168 0.38 6.45 -17.08
C LYS C 168 -1.09 6.55 -16.68
N ILE C 169 -1.99 6.50 -17.69
CA ILE C 169 -3.41 6.65 -17.42
C ILE C 169 -3.95 5.48 -16.62
N LEU C 170 -3.48 4.26 -16.91
CA LEU C 170 -3.94 3.09 -16.18
C LEU C 170 -3.50 3.06 -14.72
N GLU C 171 -2.45 3.80 -14.36
CA GLU C 171 -1.89 3.68 -13.02
C GLU C 171 -2.91 3.93 -11.91
N PRO C 172 -3.70 5.02 -11.93
CA PRO C 172 -4.74 5.17 -10.89
C PRO C 172 -5.63 3.94 -10.77
N PHE C 173 -6.20 3.49 -11.88
CA PHE C 173 -7.14 2.37 -11.84
C PHE C 173 -6.44 1.10 -11.37
N ALA C 174 -5.24 0.82 -11.87
CA ALA C 174 -4.53 -0.39 -11.47
C ALA C 174 -4.24 -0.37 -9.98
N ALA C 175 -3.91 0.80 -9.43
CA ALA C 175 -3.65 0.90 -8.01
C ALA C 175 -4.91 0.61 -7.19
N GLN C 176 -6.07 1.09 -7.65
CA GLN C 176 -7.30 0.92 -6.88
C GLN C 176 -7.86 -0.49 -6.96
N ASN C 177 -7.41 -1.30 -7.92
CA ASN C 177 -7.90 -2.66 -8.11
C ASN C 177 -6.72 -3.60 -8.29
N PRO C 178 -6.30 -4.31 -7.24
CA PRO C 178 -5.15 -5.21 -7.36
C PRO C 178 -5.51 -6.54 -8.03
N ASP C 179 -6.74 -7.00 -7.85
CA ASP C 179 -7.17 -8.26 -8.47
C ASP C 179 -7.18 -8.13 -9.99
N ILE C 180 -7.49 -6.94 -10.52
CA ILE C 180 -7.59 -6.77 -11.96
C ILE C 180 -6.22 -6.87 -12.60
N VAL C 181 -6.11 -7.66 -13.67
CA VAL C 181 -4.88 -7.79 -14.43
C VAL C 181 -5.13 -7.21 -15.82
N ILE C 182 -4.30 -6.24 -16.22
CA ILE C 182 -4.45 -5.53 -17.48
C ILE C 182 -3.17 -5.70 -18.29
N CYS C 183 -3.31 -6.25 -19.50
CA CYS C 183 -2.20 -6.38 -20.44
C CYS C 183 -2.35 -5.36 -21.56
N GLN C 184 -1.23 -4.77 -21.97
CA GLN C 184 -1.24 -3.68 -22.94
C GLN C 184 -0.63 -4.17 -24.26
N TYR C 185 -1.46 -4.20 -25.29
CA TYR C 185 -1.03 -4.35 -26.67
C TYR C 185 -1.45 -3.09 -27.42
N MET C 186 -0.79 -2.83 -28.55
CA MET C 186 -1.12 -1.65 -29.34
C MET C 186 -2.61 -1.57 -29.60
N ASP C 187 -3.22 -0.43 -29.25
CA ASP C 187 -4.65 -0.19 -29.44
C ASP C 187 -5.53 -1.15 -28.65
N ASP C 188 -4.97 -2.02 -27.81
CA ASP C 188 -5.71 -3.09 -27.17
C ASP C 188 -5.44 -3.12 -25.66
N LEU C 189 -6.46 -3.51 -24.90
CA LEU C 189 -6.32 -3.77 -23.47
C LEU C 189 -6.95 -5.12 -23.18
N TYR C 190 -6.20 -6.00 -22.52
CA TYR C 190 -6.70 -7.32 -22.13
C TYR C 190 -6.80 -7.34 -20.62
N VAL C 191 -8.03 -7.37 -20.10
CA VAL C 191 -8.31 -7.17 -18.69
C VAL C 191 -8.99 -8.43 -18.16
N GLY C 192 -8.39 -9.07 -17.18
CA GLY C 192 -8.91 -10.30 -16.63
C GLY C 192 -8.90 -10.31 -15.12
N SER C 193 -9.84 -11.05 -14.54
CA SER C 193 -10.05 -10.99 -13.10
C SER C 193 -10.50 -12.35 -12.57
N ASP C 194 -10.29 -12.52 -11.26
CA ASP C 194 -10.79 -13.67 -10.51
C ASP C 194 -12.01 -13.32 -9.66
N LEU C 195 -12.82 -12.37 -10.11
CA LEU C 195 -14.07 -12.04 -9.44
C LEU C 195 -15.21 -12.85 -10.06
N GLU C 196 -16.40 -12.69 -9.53
CA GLU C 196 -17.56 -13.28 -10.18
C GLU C 196 -17.97 -12.44 -11.38
N ILE C 197 -18.71 -13.08 -12.30
CA ILE C 197 -19.00 -12.45 -13.59
C ILE C 197 -19.74 -11.14 -13.40
N GLY C 198 -20.52 -11.02 -12.34
CA GLY C 198 -21.16 -9.76 -12.03
C GLY C 198 -20.14 -8.68 -11.67
N GLN C 199 -19.29 -8.96 -10.68
CA GLN C 199 -18.29 -7.99 -10.26
C GLN C 199 -17.32 -7.66 -11.40
N HIS C 200 -16.94 -8.68 -12.17
CA HIS C 200 -16.11 -8.44 -13.34
C HIS C 200 -16.76 -7.43 -14.28
N ARG C 201 -18.02 -7.65 -14.64
CA ARG C 201 -18.71 -6.71 -15.52
C ARG C 201 -18.80 -5.32 -14.90
N THR C 202 -19.14 -5.27 -13.60
CA THR C 202 -19.16 -3.99 -12.89
C THR C 202 -17.82 -3.30 -12.98
N LYS C 203 -16.74 -4.04 -12.71
CA LYS C 203 -15.43 -3.45 -12.74
C LYS C 203 -15.01 -3.06 -14.16
N ILE C 204 -15.54 -3.74 -15.19
CA ILE C 204 -15.19 -3.39 -16.57
C ILE C 204 -15.70 -2.00 -16.91
N GLU C 205 -16.99 -1.72 -16.64
CA GLU C 205 -17.53 -0.40 -16.90
C GLU C 205 -16.79 0.66 -16.10
N GLU C 206 -16.39 0.32 -14.87
CA GLU C 206 -15.58 1.21 -14.08
C GLU C 206 -14.29 1.58 -14.81
N LEU C 207 -13.65 0.59 -15.44
CA LEU C 207 -12.45 0.86 -16.23
C LEU C 207 -12.79 1.60 -17.52
N ARG C 208 -13.90 1.24 -18.16
CA ARG C 208 -14.32 1.91 -19.38
C ARG C 208 -14.59 3.39 -19.13
N GLN C 209 -15.31 3.70 -18.05
CA GLN C 209 -15.60 5.09 -17.72
C GLN C 209 -14.33 5.85 -17.38
N HIS C 210 -13.38 5.20 -16.71
CA HIS C 210 -12.08 5.82 -16.45
C HIS C 210 -11.41 6.24 -17.75
N LEU C 211 -11.34 5.31 -18.70
CA LEU C 211 -10.71 5.62 -19.98
C LEU C 211 -11.48 6.70 -20.73
N LEU C 212 -12.81 6.66 -20.66
CA LEU C 212 -13.62 7.68 -21.32
C LEU C 212 -13.31 9.07 -20.77
N ARG C 213 -13.16 9.19 -19.45
CA ARG C 213 -12.80 10.47 -18.87
C ARG C 213 -11.43 10.96 -19.35
N TRP C 214 -10.58 10.05 -19.81
CA TRP C 214 -9.31 10.43 -20.40
C TRP C 214 -9.36 10.56 -21.91
N GLY C 215 -10.55 10.41 -22.50
CA GLY C 215 -10.73 10.59 -23.93
C GLY C 215 -10.59 9.34 -24.76
N LEU C 216 -10.45 8.17 -24.14
CA LEU C 216 -10.21 6.92 -24.83
C LEU C 216 -11.49 6.11 -24.88
N THR C 217 -11.99 5.87 -26.09
CA THR C 217 -13.23 5.15 -26.27
C THR C 217 -13.01 3.65 -26.23
N THR C 218 -14.00 2.93 -25.70
CA THR C 218 -13.94 1.50 -25.47
C THR C 218 -15.29 0.88 -25.81
N PRO C 219 -15.35 -0.44 -26.04
CA PRO C 219 -16.62 -1.06 -26.43
C PRO C 219 -17.56 -1.26 -25.26
N ASP C 220 -18.84 -0.94 -25.50
CA ASP C 220 -19.85 -0.91 -24.45
C ASP C 220 -20.65 -2.21 -24.47
N LYS C 221 -20.04 -3.26 -23.89
CA LYS C 221 -20.60 -4.61 -23.92
C LYS C 221 -20.93 -5.06 -25.35
N LYS C 222 -20.30 -4.41 -26.32
CA LYS C 222 -20.17 -4.91 -27.68
C LYS C 222 -18.80 -5.53 -27.91
N HIS C 223 -18.09 -5.86 -26.83
CA HIS C 223 -16.76 -6.46 -26.93
C HIS C 223 -16.83 -7.73 -27.76
N GLN C 224 -15.65 -8.22 -28.18
CA GLN C 224 -15.58 -9.56 -28.76
C GLN C 224 -16.20 -10.57 -27.78
N LYS C 225 -15.88 -10.41 -26.49
CA LYS C 225 -16.56 -11.09 -25.38
C LYS C 225 -16.82 -12.55 -25.69
N GLU C 226 -15.94 -13.12 -26.50
CA GLU C 226 -16.05 -14.49 -26.90
C GLU C 226 -15.06 -15.31 -26.11
N PRO C 227 -15.51 -16.32 -25.37
CA PRO C 227 -14.57 -17.24 -24.75
C PRO C 227 -13.52 -17.69 -25.75
N PRO C 228 -13.89 -17.94 -27.05
CA PRO C 228 -12.81 -18.11 -28.05
C PRO C 228 -12.36 -16.78 -28.63
N PHE C 229 -11.09 -16.43 -28.40
CA PHE C 229 -10.52 -15.18 -28.89
C PHE C 229 -9.56 -15.49 -30.03
N LEU C 230 -9.66 -14.72 -31.11
CA LEU C 230 -8.70 -14.79 -32.21
C LEU C 230 -7.69 -13.67 -32.00
N TRP C 231 -6.45 -14.04 -31.69
CA TRP C 231 -5.43 -13.05 -31.34
C TRP C 231 -4.08 -13.57 -31.79
N MET C 232 -3.45 -12.83 -32.71
CA MET C 232 -2.07 -13.07 -33.13
C MET C 232 -1.87 -14.53 -33.56
N GLY C 233 -2.83 -15.06 -34.31
CA GLY C 233 -2.77 -16.42 -34.76
C GLY C 233 -3.12 -17.46 -33.72
N TYR C 234 -3.49 -17.05 -32.51
CA TYR C 234 -3.80 -17.97 -31.43
C TYR C 234 -5.31 -18.01 -31.19
N GLU C 235 -5.81 -19.21 -30.89
CA GLU C 235 -7.20 -19.41 -30.49
C GLU C 235 -7.19 -19.51 -28.97
N LEU C 236 -7.53 -18.41 -28.31
CA LEU C 236 -7.49 -18.35 -26.85
C LEU C 236 -8.84 -18.76 -26.29
N HIS C 237 -8.84 -19.75 -25.39
CA HIS C 237 -10.08 -20.34 -24.86
C HIS C 237 -10.13 -20.14 -23.34
N PRO C 238 -11.28 -20.44 -22.69
CA PRO C 238 -11.32 -20.29 -21.23
C PRO C 238 -10.26 -21.09 -20.49
N ASP C 239 -10.12 -22.37 -20.77
CA ASP C 239 -9.17 -23.20 -20.07
C ASP C 239 -8.04 -23.74 -20.95
N LYS C 240 -8.09 -23.53 -22.26
CA LYS C 240 -7.08 -24.04 -23.17
C LYS C 240 -6.64 -22.92 -24.12
N TRP C 241 -5.53 -23.16 -24.80
CA TRP C 241 -5.08 -22.32 -25.89
C TRP C 241 -4.62 -23.23 -27.03
N THR C 242 -4.69 -22.70 -28.24
CA THR C 242 -4.18 -23.43 -29.39
C THR C 242 -3.84 -22.44 -30.49
N VAL C 243 -3.25 -22.95 -31.55
CA VAL C 243 -3.05 -22.20 -32.78
C VAL C 243 -4.36 -22.23 -33.56
N GLN C 244 -4.66 -21.13 -34.23
CA GLN C 244 -5.88 -21.04 -35.03
C GLN C 244 -5.82 -22.05 -36.18
N PRO C 245 -6.98 -22.56 -36.64
CA PRO C 245 -6.98 -23.64 -37.64
C PRO C 245 -6.03 -23.43 -38.81
N ILE C 246 -5.15 -24.40 -39.02
CA ILE C 246 -4.13 -24.33 -40.05
C ILE C 246 -4.30 -25.51 -40.99
N VAL C 247 -4.37 -25.22 -42.28
CA VAL C 247 -4.64 -26.21 -43.32
C VAL C 247 -3.41 -26.28 -44.22
N LEU C 248 -2.84 -27.47 -44.34
CA LEU C 248 -1.69 -27.68 -45.22
C LEU C 248 -2.15 -27.71 -46.67
N PRO C 249 -1.61 -26.87 -47.55
CA PRO C 249 -2.06 -26.85 -48.94
C PRO C 249 -1.83 -28.19 -49.64
N GLU C 250 -2.92 -28.73 -50.20
CA GLU C 250 -2.87 -29.95 -50.99
C GLU C 250 -2.84 -29.56 -52.46
N LYS C 251 -1.77 -29.96 -53.15
CA LYS C 251 -1.61 -29.59 -54.55
C LYS C 251 -0.61 -30.56 -55.19
N ASP C 252 -0.67 -30.63 -56.52
CA ASP C 252 0.23 -31.52 -57.26
C ASP C 252 1.67 -31.07 -57.16
N SER C 253 1.91 -29.76 -57.05
CA SER C 253 3.25 -29.24 -56.87
C SER C 253 3.15 -27.86 -56.23
N TRP C 254 4.25 -27.42 -55.63
CA TRP C 254 4.30 -26.14 -54.94
C TRP C 254 5.48 -25.33 -55.47
N THR C 255 5.25 -24.02 -55.65
CA THR C 255 6.31 -23.13 -56.06
C THR C 255 7.18 -22.75 -54.86
N VAL C 256 8.30 -22.08 -55.14
CA VAL C 256 9.23 -21.70 -54.08
C VAL C 256 8.53 -20.81 -53.05
N ASN C 257 7.69 -19.88 -53.52
CA ASN C 257 6.88 -19.10 -52.60
C ASN C 257 5.88 -19.98 -51.84
N ASP C 258 5.27 -20.95 -52.54
CA ASP C 258 4.28 -21.81 -51.90
C ASP C 258 4.89 -22.64 -50.78
N ILE C 259 6.16 -23.03 -50.92
CA ILE C 259 6.82 -23.80 -49.87
C ILE C 259 7.10 -22.93 -48.66
N GLN C 260 7.53 -21.68 -48.87
CA GLN C 260 7.83 -20.78 -47.76
C GLN C 260 6.63 -20.64 -46.84
N LYS C 261 5.45 -20.42 -47.41
CA LYS C 261 4.23 -20.32 -46.61
C LYS C 261 3.97 -21.60 -45.83
N LEU C 262 4.31 -22.76 -46.41
CA LEU C 262 4.04 -24.04 -45.74
C LEU C 262 4.99 -24.27 -44.57
N VAL C 263 6.28 -23.96 -44.76
CA VAL C 263 7.24 -24.13 -43.66
C VAL C 263 6.88 -23.18 -42.52
N GLY C 264 6.56 -21.93 -42.84
CA GLY C 264 6.14 -20.98 -41.83
C GLY C 264 4.85 -21.41 -41.15
N LYS C 265 3.90 -21.95 -41.92
CA LYS C 265 2.71 -22.52 -41.32
C LYS C 265 3.08 -23.65 -40.37
N LEU C 266 3.99 -24.54 -40.79
CA LEU C 266 4.38 -25.65 -39.93
C LEU C 266 5.16 -25.16 -38.72
N ASN C 267 5.98 -24.13 -38.89
CA ASN C 267 6.65 -23.51 -37.76
C ASN C 267 5.63 -23.01 -36.74
N TRP C 268 4.59 -22.31 -37.21
CA TRP C 268 3.54 -21.86 -36.32
C TRP C 268 2.87 -23.04 -35.62
N ALA C 269 2.73 -24.16 -36.33
CA ALA C 269 2.14 -25.35 -35.72
C ALA C 269 3.02 -25.91 -34.62
N SER C 270 4.35 -25.85 -34.81
CA SER C 270 5.27 -26.47 -33.87
C SER C 270 5.17 -25.90 -32.46
N GLN C 271 4.34 -24.87 -32.26
CA GLN C 271 4.10 -24.35 -30.91
C GLN C 271 3.32 -25.34 -30.05
N ILE C 272 2.36 -26.04 -30.64
CA ILE C 272 1.50 -26.92 -29.85
C ILE C 272 1.44 -28.32 -30.45
N TYR C 273 1.89 -28.48 -31.70
CA TYR C 273 1.84 -29.79 -32.35
C TYR C 273 3.18 -30.48 -32.20
N PRO C 274 3.27 -31.57 -31.45
CA PRO C 274 4.58 -32.20 -31.19
C PRO C 274 5.07 -33.04 -32.36
N GLY C 275 6.39 -33.09 -32.51
CA GLY C 275 7.01 -33.89 -33.54
C GLY C 275 7.02 -33.27 -34.92
N ILE C 276 6.52 -32.04 -35.08
CA ILE C 276 6.53 -31.39 -36.39
C ILE C 276 7.97 -31.16 -36.83
N LYS C 277 8.24 -31.46 -38.10
CA LYS C 277 9.55 -31.32 -38.70
C LYS C 277 9.44 -30.51 -39.99
N VAL C 278 10.45 -29.66 -40.23
CA VAL C 278 10.47 -28.81 -41.42
C VAL C 278 11.83 -28.83 -42.10
N ARG C 279 12.77 -29.65 -41.62
CA ARG C 279 14.14 -29.54 -42.10
C ARG C 279 14.25 -29.88 -43.59
N GLN C 280 13.54 -30.91 -44.05
CA GLN C 280 13.60 -31.27 -45.46
C GLN C 280 12.99 -30.17 -46.33
N LEU C 281 11.85 -29.62 -45.90
CA LEU C 281 11.29 -28.48 -46.62
C LEU C 281 12.21 -27.27 -46.57
N SER C 282 12.93 -27.08 -45.46
CA SER C 282 13.91 -26.00 -45.37
C SER C 282 15.06 -26.21 -46.34
N LYS C 283 15.51 -27.46 -46.50
CA LYS C 283 16.61 -27.73 -47.42
C LYS C 283 16.19 -27.50 -48.87
N LEU C 284 14.94 -27.82 -49.21
CA LEU C 284 14.43 -27.55 -50.56
C LEU C 284 14.48 -26.07 -50.88
N LEU C 285 14.08 -25.22 -49.92
CA LEU C 285 14.22 -23.77 -50.06
C LEU C 285 15.63 -23.34 -49.70
N ARG C 286 16.64 -24.02 -50.26
CA ARG C 286 18.03 -23.74 -49.91
C ARG C 286 18.45 -22.33 -50.27
N GLY C 287 17.76 -21.70 -51.20
CA GLY C 287 18.10 -20.37 -51.66
C GLY C 287 18.59 -20.39 -53.10
N THR C 288 19.17 -19.26 -53.50
CA THR C 288 19.76 -18.96 -54.81
C THR C 288 18.71 -18.84 -55.91
N LYS C 289 17.44 -19.11 -55.61
CA LYS C 289 16.36 -19.02 -56.58
C LYS C 289 15.34 -17.99 -56.13
N ALA C 290 14.67 -17.37 -57.10
CA ALA C 290 13.64 -16.38 -56.82
C ALA C 290 12.37 -17.07 -56.32
N LEU C 291 11.44 -16.26 -55.82
CA LEU C 291 10.20 -16.80 -55.27
C LEU C 291 9.35 -17.46 -56.35
N THR C 292 9.41 -16.94 -57.58
CA THR C 292 8.69 -17.52 -58.71
C THR C 292 9.60 -18.55 -59.38
N GLU C 293 9.72 -19.70 -58.73
CA GLU C 293 10.58 -20.78 -59.21
C GLU C 293 10.00 -22.11 -58.74
N VAL C 294 10.07 -23.12 -59.61
CA VAL C 294 9.58 -24.46 -59.30
C VAL C 294 10.71 -25.27 -58.69
N ILE C 295 10.46 -25.85 -57.53
CA ILE C 295 11.45 -26.64 -56.80
C ILE C 295 10.97 -28.08 -56.78
N PRO C 296 11.83 -29.07 -57.06
CA PRO C 296 11.39 -30.46 -57.06
C PRO C 296 11.00 -30.94 -55.66
N LEU C 297 10.02 -31.82 -55.64
CA LEU C 297 9.49 -32.37 -54.39
C LEU C 297 10.24 -33.67 -54.09
N THR C 298 11.26 -33.59 -53.24
CA THR C 298 12.03 -34.76 -52.85
C THR C 298 11.18 -35.71 -52.02
N GLU C 299 11.48 -37.00 -52.10
CA GLU C 299 10.69 -38.02 -51.40
C GLU C 299 10.72 -37.80 -49.89
N GLU C 300 11.88 -37.41 -49.36
CA GLU C 300 11.97 -37.14 -47.92
C GLU C 300 11.03 -36.02 -47.52
N ALA C 301 10.93 -34.98 -48.34
CA ALA C 301 9.99 -33.90 -48.09
C ALA C 301 8.54 -34.38 -48.20
N GLU C 302 8.25 -35.22 -49.20
CA GLU C 302 6.90 -35.77 -49.32
C GLU C 302 6.52 -36.55 -48.07
N LEU C 303 7.47 -37.30 -47.51
CA LEU C 303 7.24 -37.99 -46.25
C LEU C 303 6.85 -37.01 -45.15
N GLU C 304 7.49 -35.82 -45.14
CA GLU C 304 7.19 -34.83 -44.13
C GLU C 304 5.73 -34.40 -44.18
N LEU C 305 5.19 -34.21 -45.38
CA LEU C 305 3.81 -33.76 -45.51
C LEU C 305 2.84 -34.74 -44.87
N ALA C 306 2.94 -36.03 -45.20
CA ALA C 306 2.05 -37.02 -44.64
C ALA C 306 2.28 -37.21 -43.14
N GLU C 307 3.55 -37.14 -42.71
CA GLU C 307 3.84 -37.20 -41.27
C GLU C 307 3.20 -36.02 -40.56
N ASN C 308 3.42 -34.80 -41.07
CA ASN C 308 2.82 -33.62 -40.47
C ASN C 308 1.29 -33.68 -40.54
N ARG C 309 0.74 -34.17 -41.66
CA ARG C 309 -0.71 -34.23 -41.81
C ARG C 309 -1.33 -35.18 -40.80
N GLU C 310 -0.68 -36.31 -40.52
CA GLU C 310 -1.21 -37.23 -39.51
C GLU C 310 -1.19 -36.58 -38.13
N ILE C 311 -0.15 -35.78 -37.85
CA ILE C 311 -0.09 -35.04 -36.59
C ILE C 311 -1.27 -34.08 -36.47
N LEU C 312 -1.67 -33.48 -37.59
CA LEU C 312 -2.77 -32.52 -37.60
C LEU C 312 -4.15 -33.19 -37.64
N LYS C 313 -4.22 -34.52 -37.67
CA LYS C 313 -5.50 -35.21 -37.68
C LYS C 313 -6.28 -34.99 -36.39
N GLU C 314 -5.59 -35.03 -35.25
CA GLU C 314 -6.23 -34.82 -33.94
C GLU C 314 -5.88 -33.42 -33.43
N PRO C 315 -6.84 -32.51 -33.30
CA PRO C 315 -6.52 -31.18 -32.79
C PRO C 315 -5.99 -31.23 -31.37
N VAL C 316 -5.08 -30.31 -31.05
CA VAL C 316 -4.41 -30.27 -29.75
C VAL C 316 -4.66 -28.91 -29.12
N HIS C 317 -4.56 -28.86 -27.80
CA HIS C 317 -4.66 -27.62 -27.05
C HIS C 317 -3.47 -27.52 -26.11
N GLY C 318 -3.29 -26.34 -25.52
CA GLY C 318 -2.25 -26.11 -24.55
C GLY C 318 -2.82 -25.69 -23.19
N VAL C 319 -1.96 -25.74 -22.19
CA VAL C 319 -2.33 -25.48 -20.80
C VAL C 319 -1.83 -24.11 -20.40
N TYR C 320 -2.62 -23.41 -19.59
CA TYR C 320 -2.13 -22.16 -19.01
C TYR C 320 -1.21 -22.46 -17.83
N TYR C 321 -0.44 -21.45 -17.45
CA TYR C 321 0.61 -21.62 -16.45
C TYR C 321 0.04 -21.63 -15.04
N ASP C 322 0.56 -22.52 -14.22
CA ASP C 322 0.29 -22.54 -12.77
C ASP C 322 1.60 -22.32 -12.03
N PRO C 323 1.76 -21.19 -11.35
CA PRO C 323 3.05 -20.91 -10.68
C PRO C 323 3.41 -21.89 -9.58
N SER C 324 2.45 -22.65 -9.04
CA SER C 324 2.74 -23.57 -7.95
C SER C 324 3.46 -24.83 -8.43
N LYS C 325 3.01 -25.40 -9.54
CA LYS C 325 3.63 -26.61 -10.07
C LYS C 325 5.00 -26.29 -10.67
N ASP C 326 5.82 -27.31 -10.82
CA ASP C 326 7.14 -27.09 -11.39
C ASP C 326 7.08 -27.16 -12.92
N LEU C 327 8.15 -26.70 -13.55
CA LEU C 327 8.24 -26.60 -15.00
C LEU C 327 9.15 -27.70 -15.52
N ILE C 328 8.62 -28.54 -16.40
CA ILE C 328 9.33 -29.71 -16.92
C ILE C 328 9.45 -29.59 -18.43
N ALA C 329 10.61 -30.01 -18.97
CA ALA C 329 10.85 -30.01 -20.40
C ALA C 329 11.48 -31.34 -20.82
N GLU C 330 10.87 -32.00 -21.80
CA GLU C 330 11.38 -33.24 -22.38
C GLU C 330 11.81 -33.01 -23.81
N ILE C 331 12.91 -33.63 -24.21
CA ILE C 331 13.43 -33.53 -25.57
C ILE C 331 13.55 -34.92 -26.16
N GLN C 332 13.13 -35.08 -27.43
CA GLN C 332 13.28 -36.34 -28.14
C GLN C 332 13.95 -36.08 -29.48
N LYS C 333 14.99 -36.85 -29.79
CA LYS C 333 15.66 -36.71 -31.08
C LYS C 333 14.77 -37.24 -32.21
N GLN C 334 14.71 -36.48 -33.29
N GLN C 334 14.69 -36.47 -33.29
CA GLN C 334 13.94 -36.85 -34.46
CA GLN C 334 13.93 -36.85 -34.46
C GLN C 334 14.80 -36.71 -35.71
C GLN C 334 14.80 -36.71 -35.70
N GLY C 335 14.71 -37.70 -36.59
CA GLY C 335 15.48 -37.65 -37.83
C GLY C 335 16.97 -37.51 -37.58
N GLN C 336 17.61 -36.65 -38.37
CA GLN C 336 19.00 -36.27 -38.17
C GLN C 336 19.08 -34.77 -37.97
N GLY C 337 19.86 -34.34 -36.98
CA GLY C 337 20.00 -32.93 -36.71
C GLY C 337 18.71 -32.21 -36.42
N GLN C 338 17.69 -32.92 -35.95
CA GLN C 338 16.41 -32.35 -35.57
C GLN C 338 16.04 -32.81 -34.18
N TRP C 339 15.49 -31.91 -33.38
CA TRP C 339 15.05 -32.23 -32.02
C TRP C 339 13.72 -31.56 -31.78
N THR C 340 12.79 -32.30 -31.16
CA THR C 340 11.51 -31.77 -30.74
C THR C 340 11.41 -31.83 -29.22
N TYR C 341 10.63 -30.92 -28.65
CA TYR C 341 10.50 -30.84 -27.21
C TYR C 341 9.08 -30.44 -26.82
N GLN C 342 8.70 -30.82 -25.60
CA GLN C 342 7.44 -30.42 -24.99
C GLN C 342 7.68 -29.96 -23.55
N ILE C 343 7.17 -28.77 -23.22
CA ILE C 343 7.26 -28.23 -21.86
C ILE C 343 5.90 -28.45 -21.19
N TYR C 344 5.92 -29.08 -20.03
CA TYR C 344 4.69 -29.43 -19.32
C TYR C 344 4.87 -29.26 -17.83
N GLN C 345 3.85 -28.69 -17.18
CA GLN C 345 3.82 -28.67 -15.72
C GLN C 345 3.37 -30.02 -15.17
N GLU C 346 2.42 -30.66 -15.82
CA GLU C 346 1.92 -31.96 -15.41
C GLU C 346 1.99 -32.91 -16.59
N PRO C 347 2.14 -34.21 -16.34
CA PRO C 347 2.26 -35.17 -17.44
C PRO C 347 0.99 -35.21 -18.27
N PHE C 348 1.17 -35.46 -19.56
CA PHE C 348 0.11 -35.51 -20.57
C PHE C 348 -0.59 -34.18 -20.77
N LYS C 349 -0.08 -33.10 -20.19
CA LYS C 349 -0.67 -31.76 -20.28
C LYS C 349 0.47 -30.78 -20.55
N ASN C 350 0.72 -30.49 -21.82
CA ASN C 350 1.85 -29.67 -22.23
C ASN C 350 1.43 -28.20 -22.28
N LEU C 351 2.20 -27.36 -21.60
CA LEU C 351 2.00 -25.91 -21.74
C LEU C 351 2.27 -25.48 -23.17
N LYS C 352 3.39 -25.91 -23.73
CA LYS C 352 3.78 -25.55 -25.08
C LYS C 352 4.63 -26.68 -25.62
N THR C 353 4.79 -26.69 -26.94
CA THR C 353 5.61 -27.68 -27.61
C THR C 353 6.51 -26.96 -28.61
N GLY C 354 7.64 -27.58 -28.96
CA GLY C 354 8.58 -26.90 -29.83
C GLY C 354 9.63 -27.81 -30.43
N LYS C 355 10.52 -27.19 -31.20
CA LYS C 355 11.55 -27.95 -31.91
C LYS C 355 12.81 -27.12 -32.03
N TYR C 356 13.92 -27.81 -32.24
CA TYR C 356 15.21 -27.18 -32.50
C TYR C 356 15.93 -27.98 -33.58
N ALA C 357 16.15 -27.36 -34.73
CA ALA C 357 16.77 -28.04 -35.86
C ALA C 357 18.05 -27.37 -36.34
N ARG C 358 18.47 -26.27 -35.70
CA ARG C 358 19.65 -25.57 -36.16
C ARG C 358 20.91 -26.42 -35.96
N MET C 359 21.85 -26.27 -36.88
CA MET C 359 23.21 -26.76 -36.71
C MET C 359 24.12 -25.54 -36.58
N ARG C 360 24.89 -25.49 -35.50
CA ARG C 360 25.76 -24.33 -35.28
C ARG C 360 26.81 -24.22 -36.37
N GLY C 361 27.55 -25.31 -36.61
CA GLY C 361 28.58 -25.30 -37.62
C GLY C 361 28.31 -26.30 -38.73
N ALA C 362 29.31 -26.50 -39.59
CA ALA C 362 29.19 -27.53 -40.62
C ALA C 362 29.19 -28.92 -40.00
N HIS C 363 30.03 -29.15 -39.00
CA HIS C 363 30.23 -30.46 -38.40
C HIS C 363 29.84 -30.41 -36.93
N THR C 364 28.91 -31.28 -36.53
CA THR C 364 28.41 -31.32 -35.16
C THR C 364 28.14 -32.76 -34.77
N ASN C 365 27.92 -32.98 -33.48
CA ASN C 365 27.62 -34.30 -32.94
C ASN C 365 26.34 -34.23 -32.13
N ASP C 366 25.86 -35.40 -31.71
CA ASP C 366 24.56 -35.49 -31.06
C ASP C 366 24.58 -34.80 -29.70
N VAL C 367 25.64 -35.01 -28.91
CA VAL C 367 25.68 -34.40 -27.59
C VAL C 367 25.80 -32.89 -27.71
N LYS C 368 26.65 -32.40 -28.61
CA LYS C 368 26.81 -30.96 -28.75
C LYS C 368 25.49 -30.29 -29.14
N GLN C 369 24.72 -30.93 -30.02
CA GLN C 369 23.44 -30.36 -30.44
C GLN C 369 22.42 -30.38 -29.31
N LEU C 370 22.40 -31.45 -28.51
CA LEU C 370 21.44 -31.53 -27.41
C LEU C 370 21.66 -30.41 -26.39
N THR C 371 22.91 -30.03 -26.17
CA THR C 371 23.20 -28.89 -25.30
C THR C 371 22.53 -27.63 -25.83
N GLU C 372 22.74 -27.35 -27.12
CA GLU C 372 22.17 -26.15 -27.72
C GLU C 372 20.65 -26.15 -27.66
N ALA C 373 20.04 -27.34 -27.68
CA ALA C 373 18.60 -27.43 -27.52
C ALA C 373 18.17 -26.97 -26.13
N VAL C 374 18.96 -27.34 -25.10
CA VAL C 374 18.61 -26.93 -23.73
C VAL C 374 18.80 -25.43 -23.56
N GLN C 375 19.86 -24.87 -24.14
CA GLN C 375 20.08 -23.43 -24.06
C GLN C 375 18.93 -22.66 -24.68
N LYS C 376 18.39 -23.17 -25.79
CA LYS C 376 17.25 -22.51 -26.42
C LYS C 376 16.01 -22.58 -25.53
N ILE C 377 15.78 -23.72 -24.88
CA ILE C 377 14.61 -23.84 -24.00
C ILE C 377 14.80 -23.00 -22.75
N THR C 378 16.02 -22.99 -22.19
CA THR C 378 16.31 -22.16 -21.03
C THR C 378 15.94 -20.71 -21.29
N THR C 379 16.46 -20.15 -22.39
CA THR C 379 16.14 -18.77 -22.75
C THR C 379 14.65 -18.61 -23.04
N GLU C 380 14.07 -19.57 -23.76
CA GLU C 380 12.63 -19.52 -24.01
C GLU C 380 11.86 -19.52 -22.70
N SER C 381 12.24 -20.41 -21.79
CA SER C 381 11.49 -20.57 -20.54
C SER C 381 11.63 -19.34 -19.67
N ILE C 382 12.81 -18.72 -19.63
CA ILE C 382 12.98 -17.49 -18.87
C ILE C 382 12.11 -16.39 -19.43
N VAL C 383 11.98 -16.33 -20.76
CA VAL C 383 11.17 -15.26 -21.36
C VAL C 383 9.68 -15.46 -21.08
N ILE C 384 9.18 -16.69 -21.18
CA ILE C 384 7.74 -16.91 -21.09
C ILE C 384 7.28 -16.97 -19.65
N TRP C 385 8.01 -17.69 -18.78
CA TRP C 385 7.59 -17.90 -17.40
C TRP C 385 8.50 -17.24 -16.38
N GLY C 386 9.67 -16.77 -16.78
CA GLY C 386 10.60 -16.18 -15.83
C GLY C 386 11.34 -17.17 -14.96
N LYS C 387 11.32 -18.46 -15.30
CA LYS C 387 12.08 -19.46 -14.56
C LYS C 387 12.69 -20.45 -15.55
N THR C 388 13.68 -21.21 -15.07
CA THR C 388 14.22 -22.28 -15.91
C THR C 388 13.57 -23.60 -15.58
N PRO C 389 13.31 -24.43 -16.59
CA PRO C 389 12.58 -25.67 -16.35
C PRO C 389 13.50 -26.80 -15.92
N LYS C 390 12.90 -27.81 -15.29
CA LYS C 390 13.57 -29.08 -15.06
C LYS C 390 13.54 -29.89 -16.35
N PHE C 391 14.69 -30.44 -16.72
CA PHE C 391 14.85 -31.10 -18.03
C PHE C 391 14.86 -32.61 -17.88
N LYS C 392 14.11 -33.29 -18.73
CA LYS C 392 14.21 -34.73 -18.91
C LYS C 392 14.82 -35.01 -20.28
N LEU C 393 16.00 -35.62 -20.30
CA LEU C 393 16.78 -35.77 -21.52
C LEU C 393 17.11 -37.23 -21.79
N PRO C 394 17.07 -37.66 -23.08
CA PRO C 394 17.40 -39.03 -23.45
C PRO C 394 18.89 -39.25 -23.69
N ILE C 395 19.72 -38.87 -22.72
CA ILE C 395 21.15 -39.08 -22.78
C ILE C 395 21.60 -39.62 -21.42
N GLN C 396 22.65 -40.44 -21.44
CA GLN C 396 23.16 -41.03 -20.21
C GLN C 396 24.01 -40.04 -19.44
N LYS C 397 24.21 -40.34 -18.15
CA LYS C 397 25.06 -39.49 -17.32
C LYS C 397 26.52 -39.63 -17.71
N GLU C 398 27.00 -40.87 -17.87
CA GLU C 398 28.40 -41.08 -18.26
C GLU C 398 28.68 -40.51 -19.63
N THR C 399 27.71 -40.61 -20.54
CA THR C 399 27.86 -40.05 -21.88
C THR C 399 28.11 -38.55 -21.80
N TRP C 400 27.30 -37.84 -21.00
CA TRP C 400 27.53 -36.41 -20.84
C TRP C 400 28.86 -36.14 -20.14
N GLU C 401 29.19 -36.94 -19.12
CA GLU C 401 30.41 -36.70 -18.36
C GLU C 401 31.64 -36.80 -19.25
N THR C 402 31.73 -37.88 -20.04
CA THR C 402 32.90 -38.06 -20.90
C THR C 402 33.02 -36.94 -21.91
N TRP C 403 31.90 -36.53 -22.51
CA TRP C 403 31.94 -35.44 -23.49
C TRP C 403 32.41 -34.14 -22.85
N TRP C 404 31.84 -33.78 -21.70
CA TRP C 404 32.16 -32.51 -21.08
C TRP C 404 33.65 -32.43 -20.73
N THR C 405 34.18 -33.49 -20.11
CA THR C 405 35.58 -33.49 -19.73
C THR C 405 36.50 -33.42 -20.94
N GLU C 406 36.14 -34.13 -22.01
CA GLU C 406 36.96 -34.10 -23.22
C GLU C 406 36.82 -32.78 -23.98
N TYR C 407 35.68 -32.10 -23.83
CA TYR C 407 35.42 -30.92 -24.65
C TYR C 407 36.31 -29.76 -24.23
N TRP C 408 37.04 -29.20 -25.19
CA TRP C 408 37.89 -28.04 -24.94
C TRP C 408 37.10 -26.78 -24.63
N GLN C 409 35.80 -26.77 -24.94
CA GLN C 409 34.96 -25.62 -24.73
C GLN C 409 34.17 -25.77 -23.43
N ALA C 410 33.98 -24.65 -22.74
CA ALA C 410 33.19 -24.67 -21.52
C ALA C 410 31.73 -24.90 -21.86
N THR C 411 31.10 -25.81 -21.13
CA THR C 411 29.70 -26.15 -21.36
C THR C 411 29.03 -26.40 -20.02
N TRP C 412 27.83 -25.87 -19.84
CA TRP C 412 27.06 -26.07 -18.63
C TRP C 412 25.64 -26.51 -18.97
N ILE C 413 25.17 -27.54 -18.27
CA ILE C 413 23.82 -28.07 -18.44
C ILE C 413 23.12 -28.01 -17.09
N PRO C 414 21.89 -27.50 -17.00
CA PRO C 414 21.17 -27.53 -15.73
C PRO C 414 20.95 -28.96 -15.26
N GLU C 415 20.46 -29.07 -14.02
CA GLU C 415 20.13 -30.37 -13.47
C GLU C 415 19.08 -31.06 -14.34
N TRP C 416 19.29 -32.35 -14.59
CA TRP C 416 18.41 -33.07 -15.50
C TRP C 416 18.29 -34.52 -15.04
N GLU C 417 17.33 -35.23 -15.63
CA GLU C 417 17.11 -36.64 -15.36
C GLU C 417 17.06 -37.42 -16.67
N PHE C 418 17.72 -38.57 -16.68
CA PHE C 418 17.74 -39.43 -17.85
C PHE C 418 16.38 -40.07 -18.09
N VAL C 419 15.97 -40.13 -19.35
CA VAL C 419 14.80 -40.88 -19.79
C VAL C 419 15.25 -41.92 -20.80
N ASN C 420 14.67 -43.10 -20.74
CA ASN C 420 15.07 -44.19 -21.63
C ASN C 420 14.32 -44.17 -22.95
N THR C 421 13.56 -43.12 -23.22
CA THR C 421 12.83 -43.03 -24.48
C THR C 421 13.81 -43.07 -25.65
N PRO C 422 13.64 -43.97 -26.61
CA PRO C 422 14.59 -44.08 -27.71
C PRO C 422 14.38 -42.96 -28.71
N PRO C 423 15.40 -42.64 -29.51
CA PRO C 423 16.78 -43.15 -29.46
C PRO C 423 17.67 -42.35 -28.50
N LEU C 424 18.51 -43.05 -27.74
CA LEU C 424 19.37 -42.39 -26.77
C LEU C 424 20.57 -41.76 -27.47
N VAL C 425 21.01 -40.62 -26.95
CA VAL C 425 22.16 -39.92 -27.50
C VAL C 425 23.43 -40.59 -27.00
N LYS C 426 24.34 -40.89 -27.92
CA LYS C 426 25.56 -41.59 -27.57
C LYS C 426 26.71 -41.12 -28.45
N LEU C 427 27.92 -41.39 -27.98
CA LEU C 427 29.14 -41.10 -28.74
C LEU C 427 29.49 -42.32 -29.57
N TRP C 428 29.59 -42.14 -30.89
CA TRP C 428 29.75 -43.26 -31.80
C TRP C 428 31.17 -43.78 -31.92
N TYR C 429 32.16 -43.02 -31.45
CA TYR C 429 33.55 -43.46 -31.49
C TYR C 429 34.38 -42.58 -30.56
N GLN C 430 35.49 -43.13 -30.10
CA GLN C 430 36.44 -42.42 -29.25
C GLN C 430 37.82 -42.53 -29.87
N LEU C 431 38.44 -41.39 -30.16
CA LEU C 431 39.80 -41.40 -30.67
C LEU C 431 40.75 -41.84 -29.57
N GLU C 432 41.62 -42.80 -29.87
CA GLU C 432 42.60 -43.23 -28.89
C GLU C 432 43.47 -42.06 -28.46
N LYS C 433 43.69 -41.94 -27.15
CA LYS C 433 44.52 -40.87 -26.62
C LYS C 433 46.01 -41.16 -26.74
N GLU C 434 46.38 -42.42 -26.97
CA GLU C 434 47.78 -42.78 -27.10
C GLU C 434 48.00 -43.53 -28.40
N PRO C 435 49.22 -43.49 -28.95
CA PRO C 435 49.53 -44.27 -30.15
C PRO C 435 49.29 -45.75 -29.93
N ILE C 436 48.91 -46.43 -31.00
CA ILE C 436 48.49 -47.82 -30.92
C ILE C 436 49.70 -48.70 -31.18
N VAL C 437 50.11 -49.46 -30.16
CA VAL C 437 51.25 -50.35 -30.29
C VAL C 437 50.89 -51.51 -31.22
N GLY C 438 51.72 -51.74 -32.24
CA GLY C 438 51.47 -52.82 -33.16
C GLY C 438 50.45 -52.53 -34.25
N ALA C 439 50.11 -51.27 -34.48
CA ALA C 439 49.17 -50.88 -35.52
C ALA C 439 49.88 -50.08 -36.61
N GLU C 440 49.37 -50.18 -37.83
CA GLU C 440 50.03 -49.56 -38.97
C GLU C 440 49.95 -48.04 -38.91
N THR C 441 50.99 -47.38 -39.39
CA THR C 441 51.11 -45.93 -39.33
C THR C 441 51.04 -45.35 -40.74
N PHE C 442 50.04 -44.51 -40.99
CA PHE C 442 49.82 -43.86 -42.29
C PHE C 442 50.20 -42.39 -42.18
N TYR C 443 51.24 -41.98 -42.88
CA TYR C 443 51.60 -40.57 -42.96
C TYR C 443 50.88 -39.99 -44.17
N VAL C 444 49.72 -39.39 -43.95
CA VAL C 444 48.87 -38.93 -45.05
C VAL C 444 48.89 -37.41 -45.12
N ASP C 445 48.65 -36.90 -46.33
CA ASP C 445 48.60 -35.47 -46.60
C ASP C 445 48.04 -35.27 -48.01
N GLY C 446 47.44 -34.11 -48.21
CA GLY C 446 46.88 -33.77 -49.50
C GLY C 446 47.19 -32.33 -49.85
N ALA C 447 46.85 -31.96 -51.09
CA ALA C 447 47.03 -30.61 -51.58
C ALA C 447 46.32 -30.45 -52.92
N ALA C 448 46.14 -29.20 -53.32
CA ALA C 448 45.45 -28.87 -54.57
C ALA C 448 45.95 -27.51 -55.05
N ASN C 449 45.31 -26.99 -56.09
CA ASN C 449 45.81 -25.83 -56.81
C ASN C 449 44.66 -24.85 -57.03
N ARG C 450 45.04 -23.65 -57.54
CA ARG C 450 44.09 -22.54 -57.68
C ARG C 450 42.95 -22.93 -58.62
N GLU C 451 43.25 -23.62 -59.71
CA GLU C 451 42.19 -24.18 -60.54
C GLU C 451 41.52 -25.31 -59.76
N THR C 452 40.18 -25.24 -59.66
CA THR C 452 39.45 -26.16 -58.80
C THR C 452 39.62 -27.60 -59.25
N LYS C 453 39.77 -27.81 -60.56
CA LYS C 453 39.94 -29.17 -61.10
C LYS C 453 41.15 -29.86 -60.50
N LEU C 454 42.10 -29.10 -59.95
CA LEU C 454 43.26 -29.71 -59.33
C LEU C 454 42.85 -30.47 -58.08
N GLY C 455 43.44 -31.65 -57.89
CA GLY C 455 43.32 -32.34 -56.63
C GLY C 455 44.14 -33.61 -56.57
N LYS C 456 44.85 -33.80 -55.47
CA LYS C 456 45.58 -35.02 -55.19
C LYS C 456 45.46 -35.29 -53.70
N ALA C 457 45.15 -36.53 -53.33
CA ALA C 457 45.16 -36.95 -51.93
C ALA C 457 45.89 -38.27 -51.84
N GLY C 458 46.90 -38.34 -50.97
CA GLY C 458 47.71 -39.54 -50.91
C GLY C 458 48.20 -39.86 -49.52
N TYR C 459 48.76 -41.06 -49.40
CA TYR C 459 49.32 -41.53 -48.14
C TYR C 459 50.58 -42.33 -48.41
N VAL C 460 51.43 -42.42 -47.39
CA VAL C 460 52.59 -43.29 -47.36
C VAL C 460 52.61 -43.96 -45.99
N THR C 461 52.77 -45.29 -45.98
CA THR C 461 52.72 -46.03 -44.73
C THR C 461 54.09 -46.57 -44.36
N ASN C 462 54.21 -46.94 -43.08
CA ASN C 462 55.46 -47.52 -42.56
C ASN C 462 55.73 -48.87 -43.19
N LYS C 463 54.67 -49.63 -43.48
CA LYS C 463 54.84 -50.96 -44.09
C LYS C 463 55.35 -50.89 -45.53
N GLY C 464 55.46 -49.70 -46.12
CA GLY C 464 55.91 -49.53 -47.49
C GLY C 464 54.83 -49.10 -48.46
N ARG C 465 53.55 -49.29 -48.10
CA ARG C 465 52.47 -48.99 -49.02
C ARG C 465 52.40 -47.50 -49.32
N GLN C 466 52.08 -47.18 -50.56
CA GLN C 466 51.86 -45.81 -50.99
C GLN C 466 50.64 -45.80 -51.90
N LYS C 467 50.05 -44.61 -52.07
CA LYS C 467 49.00 -44.39 -53.06
C LYS C 467 48.71 -42.89 -53.18
N VAL C 468 48.32 -42.42 -54.37
CA VAL C 468 47.70 -41.11 -54.49
C VAL C 468 46.51 -41.26 -55.42
N VAL C 469 45.45 -40.51 -55.15
CA VAL C 469 44.18 -40.64 -55.88
C VAL C 469 43.87 -39.30 -56.52
N PRO C 470 43.51 -39.28 -57.82
CA PRO C 470 43.28 -38.00 -58.49
C PRO C 470 41.95 -37.40 -58.11
N LEU C 471 41.90 -36.07 -58.01
CA LEU C 471 40.74 -35.37 -57.51
C LEU C 471 40.42 -34.15 -58.36
N THR C 472 39.14 -33.79 -58.40
CA THR C 472 38.63 -32.69 -59.19
C THR C 472 37.69 -31.85 -58.34
N ASN C 473 37.58 -30.57 -58.72
CA ASN C 473 36.74 -29.57 -58.05
C ASN C 473 36.88 -29.67 -56.54
N THR C 474 38.12 -29.66 -56.07
CA THR C 474 38.44 -29.85 -54.66
C THR C 474 39.24 -28.66 -54.15
N THR C 475 39.06 -28.34 -52.87
CA THR C 475 39.82 -27.29 -52.20
C THR C 475 41.01 -27.93 -51.48
N ASN C 476 42.04 -27.12 -51.24
CA ASN C 476 43.17 -27.58 -50.44
C ASN C 476 42.71 -28.17 -49.12
N GLN C 477 41.73 -27.53 -48.47
CA GLN C 477 41.21 -28.06 -47.23
C GLN C 477 40.54 -29.41 -47.43
N LYS C 478 39.81 -29.57 -48.53
CA LYS C 478 39.08 -30.81 -48.74
C LYS C 478 40.02 -31.97 -49.09
N THR C 479 41.13 -31.71 -49.80
CA THR C 479 42.07 -32.80 -50.08
C THR C 479 42.68 -33.34 -48.78
N GLU C 480 42.95 -32.44 -47.82
CA GLU C 480 43.50 -32.86 -46.55
C GLU C 480 42.53 -33.78 -45.80
N LEU C 481 41.24 -33.47 -45.85
CA LEU C 481 40.25 -34.39 -45.30
C LEU C 481 40.10 -35.63 -46.17
N GLN C 482 40.23 -35.48 -47.49
CA GLN C 482 40.18 -36.63 -48.39
C GLN C 482 41.33 -37.59 -48.11
N ALA C 483 42.51 -37.05 -47.82
CA ALA C 483 43.64 -37.90 -47.46
C ALA C 483 43.35 -38.73 -46.22
N ILE C 484 42.80 -38.10 -45.17
CA ILE C 484 42.43 -38.85 -43.98
C ILE C 484 41.43 -39.94 -44.32
N TYR C 485 40.46 -39.61 -45.17
CA TYR C 485 39.50 -40.62 -45.62
C TYR C 485 40.19 -41.75 -46.36
N LEU C 486 41.19 -41.41 -47.17
CA LEU C 486 41.89 -42.42 -47.94
C LEU C 486 42.56 -43.45 -47.03
N ALA C 487 43.23 -42.99 -45.99
CA ALA C 487 43.92 -43.91 -45.09
C ALA C 487 42.94 -44.74 -44.27
N LEU C 488 41.76 -44.21 -43.97
CA LEU C 488 40.77 -44.98 -43.23
C LEU C 488 40.27 -46.17 -44.05
N GLN C 489 40.10 -45.99 -45.36
CA GLN C 489 39.63 -47.07 -46.22
C GLN C 489 40.68 -48.19 -46.33
N ASP C 490 41.92 -47.82 -46.65
CA ASP C 490 42.96 -48.82 -46.89
C ASP C 490 43.51 -49.44 -45.61
N SER C 491 43.08 -48.98 -44.44
CA SER C 491 43.62 -49.47 -43.19
C SER C 491 42.78 -50.63 -42.64
N GLY C 492 43.34 -51.29 -41.63
CA GLY C 492 42.61 -52.27 -40.84
C GLY C 492 41.84 -51.60 -39.71
N LEU C 493 41.28 -52.46 -38.84
CA LEU C 493 40.44 -51.93 -37.76
C LEU C 493 41.24 -51.07 -36.78
N GLU C 494 42.53 -51.33 -36.61
CA GLU C 494 43.39 -50.54 -35.75
C GLU C 494 44.42 -49.79 -36.61
N VAL C 495 44.52 -48.48 -36.43
CA VAL C 495 45.24 -47.65 -37.39
C VAL C 495 45.79 -46.39 -36.71
N ASN C 496 46.98 -45.97 -37.14
CA ASN C 496 47.60 -44.71 -36.73
C ASN C 496 47.72 -43.79 -37.93
N ILE C 497 47.20 -42.56 -37.80
CA ILE C 497 47.18 -41.57 -38.87
C ILE C 497 47.92 -40.33 -38.42
N VAL C 498 48.72 -39.74 -39.30
CA VAL C 498 49.33 -38.44 -39.05
C VAL C 498 49.06 -37.53 -40.24
N THR C 499 48.65 -36.29 -39.94
CA THR C 499 48.41 -35.28 -40.97
C THR C 499 49.12 -33.99 -40.58
N ASP C 500 49.43 -33.18 -41.58
CA ASP C 500 50.06 -31.89 -41.38
C ASP C 500 49.05 -30.74 -41.48
N SER C 501 47.77 -31.06 -41.41
CA SER C 501 46.70 -30.08 -41.60
C SER C 501 46.03 -29.80 -40.26
N GLN C 502 46.29 -28.62 -39.71
CA GLN C 502 45.58 -28.22 -38.49
C GLN C 502 44.08 -28.21 -38.73
N TYR C 503 43.65 -27.75 -39.90
CA TYR C 503 42.23 -27.73 -40.24
C TYR C 503 41.62 -29.13 -40.14
N ALA C 504 42.23 -30.11 -40.82
CA ALA C 504 41.65 -31.44 -40.82
C ALA C 504 41.67 -32.05 -39.42
N LEU C 505 42.74 -31.78 -38.66
CA LEU C 505 42.77 -32.23 -37.28
C LEU C 505 41.63 -31.62 -36.48
N GLY C 506 41.29 -30.37 -36.77
CA GLY C 506 40.24 -29.69 -36.02
C GLY C 506 38.89 -30.34 -36.17
N ILE C 507 38.50 -30.65 -37.40
CA ILE C 507 37.17 -31.24 -37.63
C ILE C 507 37.08 -32.62 -36.98
N ILE C 508 38.14 -33.42 -37.12
CA ILE C 508 38.05 -34.81 -36.69
C ILE C 508 38.10 -34.94 -35.18
N GLN C 509 39.02 -34.22 -34.52
CA GLN C 509 39.07 -34.26 -33.07
C GLN C 509 37.79 -33.77 -32.42
N ALA C 510 37.02 -32.93 -33.11
CA ALA C 510 35.73 -32.50 -32.61
C ALA C 510 34.76 -33.65 -32.39
N GLN C 511 35.10 -34.85 -32.83
CA GLN C 511 34.22 -36.02 -32.71
C GLN C 511 32.87 -35.77 -33.37
N PRO C 512 32.80 -35.30 -34.61
CA PRO C 512 31.49 -35.02 -35.20
C PRO C 512 30.73 -36.31 -35.47
N ASP C 513 29.42 -36.27 -35.24
CA ASP C 513 28.54 -37.39 -35.54
C ASP C 513 27.71 -37.15 -36.78
N LYS C 514 27.68 -35.93 -37.28
CA LYS C 514 26.97 -35.59 -38.52
C LYS C 514 27.65 -34.36 -39.11
N SER C 515 27.45 -34.15 -40.40
CA SER C 515 28.11 -33.03 -41.06
C SER C 515 27.36 -32.68 -42.34
N GLU C 516 27.78 -31.58 -42.96
CA GLU C 516 27.26 -31.12 -44.23
C GLU C 516 28.12 -31.62 -45.40
N SER C 517 29.45 -31.66 -45.24
CA SER C 517 30.31 -32.21 -46.28
C SER C 517 30.06 -33.70 -46.42
N GLU C 518 29.84 -34.15 -47.66
CA GLU C 518 29.68 -35.58 -47.88
CA GLU C 518 29.68 -35.59 -47.89
C GLU C 518 30.91 -36.36 -47.47
N LEU C 519 32.09 -35.76 -47.64
CA LEU C 519 33.34 -36.40 -47.24
C LEU C 519 33.37 -36.67 -45.75
N VAL C 520 32.98 -35.69 -44.93
CA VAL C 520 33.06 -35.85 -43.48
C VAL C 520 32.10 -36.94 -43.02
N ASN C 521 30.95 -37.07 -43.67
CA ASN C 521 30.03 -38.15 -43.32
C ASN C 521 30.68 -39.51 -43.56
N GLN C 522 31.40 -39.66 -44.68
CA GLN C 522 32.07 -40.92 -44.97
C GLN C 522 33.22 -41.17 -44.00
N ILE C 523 34.00 -40.13 -43.69
CA ILE C 523 35.04 -40.26 -42.67
C ILE C 523 34.44 -40.72 -41.34
N ILE C 524 33.27 -40.17 -41.00
CA ILE C 524 32.60 -40.56 -39.76
C ILE C 524 32.23 -42.05 -39.80
N GLU C 525 31.66 -42.49 -40.92
CA GLU C 525 31.31 -43.90 -41.06
C GLU C 525 32.52 -44.79 -40.86
N GLN C 526 33.65 -44.42 -41.48
CA GLN C 526 34.87 -45.21 -41.33
C GLN C 526 35.30 -45.26 -39.87
N LEU C 527 35.31 -44.11 -39.19
CA LEU C 527 35.74 -44.08 -37.79
C LEU C 527 34.84 -44.94 -36.92
N ILE C 528 33.58 -45.12 -37.31
CA ILE C 528 32.69 -46.00 -36.55
C ILE C 528 33.09 -47.45 -36.73
N LYS C 529 33.38 -47.87 -37.97
CA LYS C 529 33.73 -49.27 -38.22
C LYS C 529 35.07 -49.64 -37.58
N LYS C 530 35.98 -48.68 -37.45
CA LYS C 530 37.28 -48.95 -36.86
C LYS C 530 37.15 -49.25 -35.37
N GLU C 531 38.15 -49.95 -34.85
CA GLU C 531 38.21 -50.26 -33.42
C GLU C 531 39.05 -49.25 -32.65
N LYS C 532 40.29 -49.03 -33.09
CA LYS C 532 41.20 -48.08 -32.45
C LYS C 532 41.77 -47.19 -33.54
N VAL C 533 41.61 -45.87 -33.37
CA VAL C 533 42.18 -44.90 -34.28
C VAL C 533 42.93 -43.86 -33.46
N TYR C 534 44.20 -43.63 -33.81
CA TYR C 534 44.98 -42.56 -33.22
C TYR C 534 45.37 -41.58 -34.31
N LEU C 535 45.31 -40.29 -33.99
CA LEU C 535 45.57 -39.24 -34.96
C LEU C 535 46.59 -38.26 -34.40
N ALA C 536 47.64 -38.00 -35.15
CA ALA C 536 48.70 -37.11 -34.73
C ALA C 536 48.83 -35.97 -35.72
N TRP C 537 49.37 -34.85 -35.25
CA TRP C 537 49.67 -33.70 -36.08
C TRP C 537 51.17 -33.48 -36.10
N VAL C 538 51.70 -33.07 -37.25
CA VAL C 538 53.09 -32.64 -37.34
C VAL C 538 53.13 -31.30 -38.04
N PRO C 539 54.13 -30.48 -37.78
CA PRO C 539 54.28 -29.23 -38.54
C PRO C 539 54.62 -29.52 -39.99
N ALA C 540 53.85 -28.92 -40.90
CA ALA C 540 54.09 -29.12 -42.31
C ALA C 540 55.43 -28.53 -42.74
N HIS C 541 56.11 -29.21 -43.67
CA HIS C 541 57.37 -28.74 -44.26
C HIS C 541 58.45 -28.53 -43.22
N LYS C 542 58.39 -29.29 -42.13
CA LYS C 542 59.37 -29.20 -41.06
C LYS C 542 60.45 -30.26 -41.17
N GLY C 543 60.53 -30.95 -42.32
CA GLY C 543 61.47 -32.03 -42.48
C GLY C 543 61.10 -33.31 -41.77
N ILE C 544 59.85 -33.44 -41.32
CA ILE C 544 59.40 -34.69 -40.71
C ILE C 544 59.43 -35.80 -41.76
N GLY C 545 59.94 -36.96 -41.38
CA GLY C 545 60.24 -38.00 -42.36
C GLY C 545 59.01 -38.45 -43.14
N GLY C 546 57.96 -38.85 -42.43
CA GLY C 546 56.77 -39.33 -43.10
C GLY C 546 56.05 -38.24 -43.87
N ASN C 547 55.88 -37.08 -43.25
CA ASN C 547 55.13 -35.99 -43.87
C ASN C 547 55.78 -35.52 -45.16
N GLU C 548 57.12 -35.46 -45.18
CA GLU C 548 57.83 -34.92 -46.34
C GLU C 548 57.58 -35.77 -47.58
N GLN C 549 57.50 -37.09 -47.41
CA GLN C 549 57.32 -37.97 -48.55
C GLN C 549 55.96 -37.77 -49.20
N VAL C 550 54.88 -37.79 -48.41
CA VAL C 550 53.55 -37.56 -48.99
C VAL C 550 53.47 -36.18 -49.61
N ASP C 551 54.07 -35.19 -48.97
CA ASP C 551 54.03 -33.84 -49.52
C ASP C 551 54.73 -33.77 -50.87
N LYS C 552 55.80 -34.56 -51.05
CA LYS C 552 56.45 -34.61 -52.35
C LYS C 552 55.59 -35.33 -53.38
N LEU C 553 54.96 -36.44 -52.99
CA LEU C 553 54.09 -37.18 -53.90
C LEU C 553 52.89 -36.33 -54.29
N VAL C 554 52.23 -35.73 -53.31
CA VAL C 554 50.99 -35.01 -53.53
C VAL C 554 51.29 -33.62 -54.05
N SER C 555 50.42 -33.12 -54.92
CA SER C 555 50.58 -31.81 -55.55
C SER C 555 51.98 -31.65 -56.17
N ALA C 556 52.39 -32.66 -56.93
CA ALA C 556 53.63 -32.56 -57.70
C ALA C 556 53.51 -31.46 -58.75
N GLY C 557 52.35 -31.36 -59.40
CA GLY C 557 52.09 -30.23 -60.27
C GLY C 557 51.67 -28.98 -59.52
N ILE C 558 51.10 -29.14 -58.33
CA ILE C 558 50.66 -28.00 -57.53
C ILE C 558 51.65 -27.71 -56.40
N ILE D 5 23.16 21.77 -7.30
CA ILE D 5 23.66 20.79 -8.26
C ILE D 5 24.99 21.23 -8.85
N GLU D 6 26.05 21.16 -8.03
CA GLU D 6 27.40 21.50 -8.48
C GLU D 6 27.99 20.30 -9.21
N THR D 7 27.44 20.03 -10.38
CA THR D 7 27.73 18.82 -11.14
C THR D 7 28.56 19.18 -12.37
N VAL D 8 29.77 18.65 -12.45
CA VAL D 8 30.63 18.87 -13.60
C VAL D 8 29.92 18.38 -14.86
N PRO D 9 29.87 19.17 -15.94
CA PRO D 9 29.28 18.67 -17.18
C PRO D 9 30.19 17.65 -17.86
N VAL D 10 29.59 16.56 -18.33
CA VAL D 10 30.28 15.48 -19.02
C VAL D 10 29.73 15.40 -20.44
N LYS D 11 30.63 15.28 -21.41
CA LYS D 11 30.24 15.23 -22.82
C LYS D 11 30.58 13.87 -23.43
N LEU D 12 29.80 13.50 -24.44
CA LEU D 12 30.11 12.31 -25.23
C LEU D 12 31.29 12.58 -26.14
N LYS D 13 31.95 11.49 -26.56
CA LYS D 13 33.07 11.61 -27.49
C LYS D 13 32.57 12.18 -28.81
N PRO D 14 33.41 12.94 -29.52
CA PRO D 14 32.96 13.54 -30.79
C PRO D 14 32.51 12.48 -31.78
N GLY D 15 31.36 12.74 -32.41
CA GLY D 15 30.74 11.76 -33.29
C GLY D 15 30.24 10.51 -32.60
N MET D 16 29.57 10.65 -31.46
CA MET D 16 29.08 9.51 -30.70
C MET D 16 27.67 9.78 -30.20
N ASP D 17 26.94 8.70 -29.95
CA ASP D 17 25.57 8.75 -29.43
C ASP D 17 25.48 7.97 -28.12
N GLY D 18 24.27 7.87 -27.59
CA GLY D 18 24.01 7.12 -26.38
C GLY D 18 24.06 5.63 -26.62
N PRO D 19 24.08 4.85 -25.53
CA PRO D 19 24.36 3.40 -25.65
C PRO D 19 23.39 2.64 -26.54
N LYS D 20 22.10 2.64 -26.21
CA LYS D 20 21.06 1.95 -26.99
C LYS D 20 21.32 0.44 -27.11
N VAL D 21 21.53 -0.23 -25.97
CA VAL D 21 21.86 -1.65 -25.94
C VAL D 21 20.74 -2.43 -25.27
N LYS D 22 20.41 -3.60 -25.83
CA LYS D 22 19.22 -4.34 -25.46
C LYS D 22 19.34 -4.97 -24.06
N GLN D 23 18.19 -5.15 -23.42
CA GLN D 23 18.10 -5.67 -22.06
C GLN D 23 17.95 -7.19 -22.10
N TRP D 24 18.94 -7.91 -21.58
CA TRP D 24 18.91 -9.36 -21.59
CA TRP D 24 18.89 -9.36 -21.60
C TRP D 24 17.73 -9.85 -20.75
N PRO D 25 17.06 -10.95 -21.14
CA PRO D 25 15.94 -11.44 -20.33
C PRO D 25 16.40 -11.95 -18.98
N LEU D 26 15.60 -11.66 -17.95
CA LEU D 26 15.93 -12.00 -16.57
C LEU D 26 14.85 -12.87 -15.95
N THR D 27 15.26 -13.68 -14.98
CA THR D 27 14.29 -14.49 -14.26
C THR D 27 13.49 -13.61 -13.30
N GLU D 28 12.37 -14.17 -12.83
CA GLU D 28 11.44 -13.40 -12.02
C GLU D 28 12.09 -12.90 -10.73
N GLU D 29 12.75 -13.80 -10.00
CA GLU D 29 13.32 -13.42 -8.71
C GLU D 29 14.32 -12.28 -8.86
N LYS D 30 15.08 -12.27 -9.95
CA LYS D 30 16.01 -11.17 -10.19
C LYS D 30 15.27 -9.90 -10.58
N ILE D 31 14.13 -10.03 -11.25
CA ILE D 31 13.35 -8.86 -11.64
C ILE D 31 12.74 -8.20 -10.40
N LYS D 32 12.14 -9.00 -9.51
CA LYS D 32 11.59 -8.46 -8.28
C LYS D 32 12.68 -7.78 -7.45
N ALA D 33 13.86 -8.38 -7.38
CA ALA D 33 14.97 -7.77 -6.67
C ALA D 33 15.31 -6.41 -7.24
N LEU D 34 15.36 -6.29 -8.57
CA LEU D 34 15.66 -5.01 -9.18
C LEU D 34 14.58 -3.98 -8.88
N VAL D 35 13.31 -4.40 -8.88
CA VAL D 35 12.22 -3.47 -8.61
C VAL D 35 12.35 -2.89 -7.20
N GLU D 36 12.64 -3.76 -6.22
CA GLU D 36 12.76 -3.32 -4.84
C GLU D 36 13.91 -2.34 -4.68
N ILE D 37 15.06 -2.64 -5.26
CA ILE D 37 16.22 -1.74 -5.20
C ILE D 37 15.88 -0.42 -5.87
N CYS D 38 15.23 -0.48 -7.03
CA CYS D 38 15.00 0.74 -7.81
C CYS D 38 13.91 1.61 -7.20
N THR D 39 12.93 1.01 -6.53
CA THR D 39 11.91 1.80 -5.84
C THR D 39 12.54 2.60 -4.70
N GLU D 40 13.35 1.95 -3.87
CA GLU D 40 14.02 2.65 -2.79
C GLU D 40 14.94 3.73 -3.32
N MET D 41 15.72 3.41 -4.36
CA MET D 41 16.60 4.40 -4.98
C MET D 41 15.81 5.57 -5.55
N GLU D 42 14.60 5.31 -6.06
CA GLU D 42 13.78 6.40 -6.57
C GLU D 42 13.33 7.31 -5.44
N LYS D 43 12.98 6.72 -4.30
CA LYS D 43 12.63 7.48 -3.11
C LYS D 43 13.80 8.36 -2.68
N GLU D 44 14.99 7.80 -2.64
CA GLU D 44 16.19 8.56 -2.29
C GLU D 44 16.62 9.51 -3.39
N GLY D 45 15.88 9.61 -4.50
CA GLY D 45 16.23 10.51 -5.58
C GLY D 45 17.40 10.09 -6.42
N LYS D 46 17.94 8.88 -6.20
CA LYS D 46 19.07 8.42 -6.98
C LYS D 46 18.68 8.25 -8.45
N ILE D 47 17.51 7.67 -8.70
CA ILE D 47 17.00 7.41 -10.04
C ILE D 47 15.54 7.83 -10.09
N SER D 48 15.05 8.05 -11.31
CA SER D 48 13.66 8.42 -11.50
C SER D 48 13.19 7.96 -12.87
N LYS D 49 11.88 7.82 -13.00
CA LYS D 49 11.27 7.34 -14.24
C LYS D 49 11.59 8.29 -15.39
N ILE D 50 11.48 7.77 -16.61
CA ILE D 50 11.76 8.53 -17.81
C ILE D 50 10.71 8.21 -18.86
N GLY D 51 10.43 9.18 -19.72
CA GLY D 51 9.40 9.05 -20.72
C GLY D 51 9.92 8.39 -21.98
N PRO D 52 9.06 8.23 -22.98
CA PRO D 52 9.48 7.61 -24.23
C PRO D 52 10.38 8.50 -25.08
N GLU D 53 10.66 9.72 -24.64
CA GLU D 53 11.59 10.59 -25.37
C GLU D 53 13.04 10.12 -25.25
N ASN D 54 13.33 9.24 -24.29
CA ASN D 54 14.68 8.70 -24.15
C ASN D 54 14.79 7.40 -24.93
N PRO D 55 15.60 7.34 -25.98
CA PRO D 55 15.78 6.09 -26.71
C PRO D 55 16.98 5.26 -26.26
N TYR D 56 17.84 5.81 -25.40
CA TYR D 56 19.02 5.09 -24.96
C TYR D 56 18.66 4.06 -23.92
N ASN D 57 19.52 3.06 -23.77
CA ASN D 57 19.32 2.00 -22.80
C ASN D 57 20.68 1.40 -22.41
N THR D 58 20.72 0.78 -21.24
CA THR D 58 21.93 0.17 -20.68
C THR D 58 21.47 -1.06 -19.88
N PRO D 59 22.12 -2.22 -20.05
CA PRO D 59 21.63 -3.43 -19.40
C PRO D 59 21.92 -3.45 -17.91
N VAL D 60 21.01 -4.09 -17.17
CA VAL D 60 21.12 -4.20 -15.72
C VAL D 60 20.88 -5.65 -15.32
N PHE D 61 21.61 -6.11 -14.31
CA PHE D 61 21.50 -7.47 -13.80
C PHE D 61 21.43 -7.42 -12.27
N ALA D 62 20.96 -8.52 -11.69
CA ALA D 62 20.90 -8.70 -10.25
C ALA D 62 21.98 -9.68 -9.83
N ILE D 63 22.85 -9.27 -8.91
CA ILE D 63 23.92 -10.13 -8.42
C ILE D 63 24.01 -10.03 -6.90
N LYS D 64 24.70 -11.00 -6.31
CA LYS D 64 24.96 -11.02 -4.88
C LYS D 64 26.47 -10.93 -4.67
N LYS D 65 26.90 -10.09 -3.72
CA LYS D 65 28.31 -9.92 -3.42
C LYS D 65 28.68 -10.71 -2.17
N LYS D 66 29.76 -11.49 -2.26
CA LYS D 66 30.24 -12.35 -1.17
C LYS D 66 29.15 -13.30 -0.67
N ASP D 67 28.25 -13.69 -1.57
CA ASP D 67 27.11 -14.55 -1.25
C ASP D 67 26.21 -13.94 -0.19
N SER D 68 26.11 -12.61 -0.15
CA SER D 68 25.19 -11.97 0.78
C SER D 68 23.75 -12.30 0.39
N THR D 69 22.90 -12.42 1.40
CA THR D 69 21.50 -12.75 1.16
C THR D 69 20.78 -11.67 0.37
N LYS D 70 21.15 -10.41 0.56
CA LYS D 70 20.50 -9.30 -0.15
C LYS D 70 21.06 -9.17 -1.57
N TRP D 71 20.14 -8.94 -2.52
CA TRP D 71 20.53 -8.74 -3.90
C TRP D 71 21.14 -7.36 -4.11
N ARG D 72 22.01 -7.26 -5.11
CA ARG D 72 22.67 -6.00 -5.46
C ARG D 72 22.44 -5.70 -6.94
N LYS D 73 22.23 -4.42 -7.24
CA LYS D 73 22.02 -3.98 -8.61
C LYS D 73 23.35 -3.82 -9.33
N LEU D 74 23.42 -4.33 -10.56
CA LEU D 74 24.63 -4.28 -11.37
C LEU D 74 24.27 -3.77 -12.77
N VAL D 75 25.09 -2.88 -13.30
CA VAL D 75 24.81 -2.24 -14.57
C VAL D 75 26.02 -2.42 -15.51
N ASP D 76 25.74 -2.78 -16.76
CA ASP D 76 26.77 -3.01 -17.77
C ASP D 76 26.93 -1.72 -18.58
N PHE D 77 27.72 -0.81 -18.03
CA PHE D 77 27.95 0.49 -18.65
C PHE D 77 29.05 0.46 -19.70
N ARG D 78 29.46 -0.73 -20.15
CA ARG D 78 30.62 -0.83 -21.03
C ARG D 78 30.47 0.05 -22.26
N GLU D 79 29.28 0.02 -22.88
CA GLU D 79 29.05 0.85 -24.05
C GLU D 79 29.05 2.34 -23.68
N LEU D 80 28.30 2.70 -22.64
CA LEU D 80 28.34 4.09 -22.18
C LEU D 80 29.74 4.49 -21.75
N ASN D 81 30.45 3.58 -21.06
CA ASN D 81 31.83 3.87 -20.65
C ASN D 81 32.71 4.16 -21.85
N LYS D 82 32.48 3.45 -22.96
CA LYS D 82 33.30 3.68 -24.16
C LYS D 82 33.16 5.11 -24.66
N ARG D 83 31.92 5.63 -24.71
CA ARG D 83 31.70 6.94 -25.29
C ARG D 83 32.18 8.08 -24.39
N THR D 84 32.06 7.91 -23.07
CA THR D 84 32.34 8.97 -22.12
C THR D 84 33.74 8.93 -21.54
N GLN D 85 34.57 7.96 -21.92
CA GLN D 85 35.90 7.82 -21.33
C GLN D 85 36.87 8.90 -21.79
N ASP D 86 36.48 9.77 -22.73
CA ASP D 86 37.37 10.81 -23.20
C ASP D 86 37.80 11.73 -22.05
N PHE D 87 36.84 12.19 -21.25
CA PHE D 87 37.15 13.07 -20.13
C PHE D 87 37.80 12.29 -18.99
N TRP D 88 37.32 11.07 -18.73
CA TRP D 88 37.80 10.29 -17.60
C TRP D 88 39.20 9.69 -17.81
N GLU D 89 39.63 9.47 -19.07
CA GLU D 89 40.95 8.90 -19.32
C GLU D 89 42.07 9.90 -19.13
N VAL D 90 41.85 11.17 -19.44
CA VAL D 90 42.89 12.18 -19.39
C VAL D 90 42.59 13.24 -18.33
N GLN D 91 41.40 13.85 -18.41
CA GLN D 91 41.10 15.01 -17.57
C GLN D 91 41.05 14.64 -16.09
N LEU D 92 40.57 13.44 -15.75
CA LEU D 92 40.43 13.07 -14.35
C LEU D 92 40.82 11.63 -14.10
N GLY D 93 41.77 11.11 -14.87
CA GLY D 93 42.20 9.74 -14.67
C GLY D 93 42.99 9.57 -13.39
N ILE D 94 42.70 8.49 -12.67
CA ILE D 94 43.43 8.15 -11.45
C ILE D 94 44.75 7.49 -11.86
N PRO D 95 45.90 8.04 -11.47
CA PRO D 95 47.18 7.47 -11.91
C PRO D 95 47.42 6.08 -11.31
N HIS D 96 48.23 5.28 -12.01
CA HIS D 96 48.46 3.89 -11.65
C HIS D 96 49.88 3.67 -11.15
N PRO D 97 50.05 3.10 -9.94
CA PRO D 97 51.41 2.83 -9.43
C PRO D 97 51.94 1.46 -9.84
N ALA D 98 53.17 1.43 -10.37
CA ALA D 98 53.77 0.17 -10.76
C ALA D 98 54.05 -0.72 -9.55
N GLY D 99 54.45 -0.12 -8.43
CA GLY D 99 54.87 -0.89 -7.26
C GLY D 99 53.76 -1.67 -6.59
N LEU D 100 52.51 -1.50 -7.02
CA LEU D 100 51.40 -2.22 -6.42
C LEU D 100 51.51 -3.73 -6.65
N LYS D 101 52.01 -4.15 -7.80
CA LYS D 101 52.21 -5.58 -8.05
C LYS D 101 53.37 -6.13 -7.25
N LYS D 102 54.36 -5.29 -6.92
CA LYS D 102 55.49 -5.72 -6.11
C LYS D 102 55.14 -5.87 -4.64
N LYS D 103 53.99 -5.33 -4.21
CA LYS D 103 53.60 -5.41 -2.81
C LYS D 103 53.32 -6.85 -2.37
N LYS D 104 53.70 -7.16 -1.13
CA LYS D 104 53.50 -8.50 -0.59
C LYS D 104 52.06 -8.74 -0.14
N SER D 105 51.28 -7.67 0.06
CA SER D 105 49.88 -7.80 0.43
C SER D 105 49.08 -6.74 -0.31
N VAL D 106 47.78 -6.98 -0.43
CA VAL D 106 46.86 -6.03 -1.04
C VAL D 106 45.46 -6.36 -0.56
N THR D 107 44.58 -5.36 -0.54
CA THR D 107 43.20 -5.55 -0.15
C THR D 107 42.35 -4.57 -0.95
N VAL D 108 41.27 -5.08 -1.55
CA VAL D 108 40.41 -4.29 -2.43
C VAL D 108 39.18 -3.85 -1.63
N LEU D 109 38.90 -2.54 -1.68
CA LEU D 109 37.82 -1.94 -0.93
C LEU D 109 36.80 -1.34 -1.89
N ASP D 110 35.53 -1.66 -1.68
CA ASP D 110 34.45 -1.10 -2.49
C ASP D 110 34.14 0.31 -2.01
N VAL D 111 34.20 1.27 -2.93
CA VAL D 111 33.99 2.68 -2.60
C VAL D 111 32.77 3.19 -3.36
N GLY D 112 31.79 2.32 -3.59
CA GLY D 112 30.67 2.67 -4.44
C GLY D 112 29.66 3.61 -3.83
N ASP D 113 29.43 3.51 -2.51
CA ASP D 113 28.38 4.30 -1.89
C ASP D 113 28.67 5.80 -1.95
N ALA D 114 29.95 6.17 -2.01
CA ALA D 114 30.32 7.59 -2.03
C ALA D 114 29.92 8.27 -3.34
N TYR D 115 29.90 7.54 -4.45
CA TYR D 115 29.52 8.15 -5.72
C TYR D 115 28.07 8.64 -5.69
N PHE D 116 27.18 7.88 -5.04
CA PHE D 116 25.75 8.17 -5.14
C PHE D 116 25.34 9.46 -4.43
N SER D 117 26.10 9.87 -3.41
CA SER D 117 25.80 11.15 -2.78
C SER D 117 26.04 12.30 -3.74
N VAL D 118 27.12 12.25 -4.51
CA VAL D 118 27.49 13.33 -5.44
C VAL D 118 26.44 13.42 -6.55
N PRO D 119 26.06 14.61 -7.01
CA PRO D 119 25.10 14.71 -8.11
C PRO D 119 25.79 14.55 -9.47
N LEU D 120 24.94 14.50 -10.50
CA LEU D 120 25.37 14.26 -11.88
C LEU D 120 24.80 15.34 -12.79
N ASP D 121 25.56 15.69 -13.82
CA ASP D 121 25.11 16.68 -14.79
C ASP D 121 23.75 16.26 -15.37
N GLU D 122 22.83 17.22 -15.40
CA GLU D 122 21.47 16.93 -15.85
C GLU D 122 21.46 16.52 -17.32
N ASP D 123 22.30 17.15 -18.13
CA ASP D 123 22.31 16.84 -19.56
C ASP D 123 22.79 15.42 -19.81
N PHE D 124 23.59 14.85 -18.91
CA PHE D 124 24.14 13.52 -19.08
C PHE D 124 23.23 12.42 -18.59
N ARG D 125 22.17 12.76 -17.83
CA ARG D 125 21.36 11.74 -17.16
C ARG D 125 20.61 10.86 -18.13
N LYS D 126 20.28 11.37 -19.33
CA LYS D 126 19.54 10.56 -20.27
C LYS D 126 20.37 9.39 -20.78
N TYR D 127 21.69 9.53 -20.85
CA TYR D 127 22.55 8.44 -21.32
C TYR D 127 22.67 7.32 -20.31
N THR D 128 22.24 7.55 -19.07
CA THR D 128 22.28 6.53 -18.03
C THR D 128 21.00 5.72 -17.97
N ALA D 129 20.17 5.79 -19.01
CA ALA D 129 18.88 5.10 -18.99
C ALA D 129 19.07 3.60 -18.88
N PHE D 130 18.21 2.97 -18.07
CA PHE D 130 18.20 1.53 -17.94
C PHE D 130 16.76 1.05 -17.79
N THR D 131 16.56 -0.25 -18.01
CA THR D 131 15.22 -0.83 -18.08
C THR D 131 15.14 -2.07 -17.21
N ILE D 132 13.99 -2.24 -16.57
CA ILE D 132 13.64 -3.48 -15.88
C ILE D 132 12.67 -4.25 -16.78
N PRO D 133 13.02 -5.45 -17.22
CA PRO D 133 12.14 -6.18 -18.15
C PRO D 133 10.95 -6.77 -17.45
N SER D 134 9.92 -7.07 -18.24
CA SER D 134 8.76 -7.79 -17.75
C SER D 134 8.74 -9.20 -18.35
N ILE D 135 8.08 -10.10 -17.63
CA ILE D 135 7.96 -11.48 -18.06
C ILE D 135 6.93 -11.59 -19.16
N ASN D 136 7.30 -12.27 -20.25
CA ASN D 136 6.34 -12.69 -21.27
C ASN D 136 5.72 -11.50 -22.01
N ASN D 137 6.43 -10.37 -22.03
CA ASN D 137 6.00 -9.18 -22.79
C ASN D 137 4.59 -8.73 -22.43
N GLU D 138 4.19 -8.93 -21.18
CA GLU D 138 2.83 -8.62 -20.78
C GLU D 138 2.67 -7.14 -20.46
N THR D 139 3.64 -6.56 -19.75
CA THR D 139 3.59 -5.15 -19.38
C THR D 139 4.80 -4.44 -19.98
N PRO D 140 4.70 -3.12 -20.21
CA PRO D 140 5.75 -2.43 -20.98
C PRO D 140 7.16 -2.48 -20.39
N GLY D 141 7.32 -2.46 -19.07
CA GLY D 141 8.65 -2.43 -18.51
C GLY D 141 9.07 -1.07 -18.01
N ILE D 142 9.78 -1.02 -16.88
CA ILE D 142 10.01 0.21 -16.14
C ILE D 142 11.29 0.88 -16.62
N ARG D 143 11.21 2.18 -16.91
CA ARG D 143 12.33 2.93 -17.44
C ARG D 143 12.77 4.00 -16.45
N TYR D 144 14.07 4.00 -16.13
CA TYR D 144 14.68 4.91 -15.17
C TYR D 144 15.91 5.56 -15.78
N GLN D 145 16.31 6.71 -15.23
CA GLN D 145 17.63 7.27 -15.50
C GLN D 145 18.27 7.73 -14.19
N TYR D 146 19.60 7.77 -14.18
CA TYR D 146 20.34 8.13 -12.99
C TYR D 146 20.39 9.65 -12.83
N ASN D 147 20.05 10.13 -11.63
CA ASN D 147 20.19 11.53 -11.26
C ASN D 147 21.51 11.84 -10.57
N VAL D 148 22.21 10.81 -10.11
CA VAL D 148 23.50 10.97 -9.43
C VAL D 148 24.54 10.19 -10.23
N LEU D 149 25.79 10.19 -9.76
CA LEU D 149 26.85 9.49 -10.48
C LEU D 149 26.62 7.99 -10.43
N PRO D 150 26.45 7.33 -11.58
CA PRO D 150 26.17 5.89 -11.56
C PRO D 150 27.36 5.09 -11.05
N GLN D 151 27.06 3.94 -10.45
CA GLN D 151 28.09 3.18 -9.76
C GLN D 151 29.04 2.49 -10.73
N GLY D 152 28.51 1.96 -11.84
CA GLY D 152 29.38 1.27 -12.79
C GLY D 152 30.10 2.17 -13.76
N TRP D 153 29.64 3.41 -13.92
CA TRP D 153 30.24 4.32 -14.88
C TRP D 153 31.64 4.72 -14.45
N LYS D 154 32.59 4.73 -15.39
CA LYS D 154 33.96 5.10 -15.06
C LYS D 154 34.11 6.60 -14.84
N GLY D 155 33.15 7.40 -15.29
CA GLY D 155 33.20 8.83 -15.03
C GLY D 155 33.04 9.17 -13.57
N SER D 156 32.24 8.39 -12.83
CA SER D 156 32.04 8.66 -11.41
C SER D 156 33.33 8.63 -10.60
N PRO D 157 34.22 7.63 -10.72
CA PRO D 157 35.51 7.73 -10.03
C PRO D 157 36.33 8.93 -10.45
N ALA D 158 36.26 9.30 -11.72
CA ALA D 158 37.04 10.43 -12.22
C ALA D 158 36.55 11.75 -11.63
N ILE D 159 35.23 11.95 -11.60
CA ILE D 159 34.66 13.17 -11.04
C ILE D 159 34.99 13.27 -9.54
N PHE D 160 34.90 12.16 -8.83
CA PHE D 160 35.12 12.12 -7.39
C PHE D 160 36.60 12.01 -7.02
N GLN D 161 37.51 12.02 -8.01
CA GLN D 161 38.93 11.91 -7.74
C GLN D 161 39.43 13.09 -6.92
N SER D 162 38.95 14.30 -7.23
CA SER D 162 39.39 15.48 -6.51
C SER D 162 39.03 15.40 -5.03
N SER D 163 37.76 15.12 -4.72
CA SER D 163 37.38 14.94 -3.33
C SER D 163 37.96 13.67 -2.74
N MET D 164 38.28 12.69 -3.59
CA MET D 164 38.98 11.50 -3.11
C MET D 164 40.37 11.85 -2.61
N THR D 165 41.04 12.80 -3.28
CA THR D 165 42.35 13.25 -2.82
C THR D 165 42.28 13.78 -1.40
N LYS D 166 41.30 14.65 -1.12
CA LYS D 166 41.10 15.14 0.25
C LYS D 166 40.69 14.01 1.19
N ILE D 167 40.01 12.99 0.68
CA ILE D 167 39.60 11.87 1.53
C ILE D 167 40.80 11.11 2.04
N LEU D 168 41.78 10.83 1.17
CA LEU D 168 42.95 10.05 1.53
C LEU D 168 44.09 10.88 2.11
N GLU D 169 43.98 12.22 2.08
CA GLU D 169 45.07 13.06 2.57
C GLU D 169 45.45 12.76 4.02
N PRO D 170 44.52 12.60 4.97
CA PRO D 170 44.96 12.28 6.34
C PRO D 170 45.74 10.97 6.45
N PHE D 171 45.22 9.89 5.87
CA PHE D 171 45.87 8.58 6.03
C PHE D 171 47.11 8.43 5.15
N LYS D 172 47.16 9.11 4.00
CA LYS D 172 48.31 8.97 3.10
C LYS D 172 49.56 9.59 3.72
N LYS D 173 49.42 10.73 4.38
CA LYS D 173 50.56 11.36 5.02
C LYS D 173 51.10 10.50 6.16
N GLN D 174 50.21 9.89 6.95
CA GLN D 174 50.64 9.12 8.13
C GLN D 174 51.48 7.91 7.73
N ASN D 175 51.24 7.34 6.55
CA ASN D 175 52.00 6.20 6.07
C ASN D 175 52.38 6.42 4.62
N PRO D 176 53.53 7.08 4.37
CA PRO D 176 53.93 7.34 2.97
C PRO D 176 54.25 6.10 2.17
N ASP D 177 54.61 4.98 2.83
CA ASP D 177 54.94 3.75 2.12
C ASP D 177 53.71 3.02 1.60
N ILE D 178 52.58 3.10 2.32
CA ILE D 178 51.36 2.46 1.87
C ILE D 178 50.93 3.06 0.54
N VAL D 179 50.50 2.20 -0.39
CA VAL D 179 50.04 2.60 -1.71
C VAL D 179 48.53 2.43 -1.78
N ILE D 180 47.86 3.44 -2.34
CA ILE D 180 46.42 3.41 -2.53
C ILE D 180 46.13 3.75 -3.98
N TYR D 181 45.73 2.74 -4.76
CA TYR D 181 45.23 2.92 -6.12
C TYR D 181 43.76 2.54 -6.16
N GLN D 182 42.98 3.29 -6.93
CA GLN D 182 41.57 3.01 -7.09
C GLN D 182 41.27 2.78 -8.55
N TYR D 183 40.58 1.67 -8.84
CA TYR D 183 39.95 1.47 -10.13
C TYR D 183 38.52 1.98 -10.06
N MET D 184 37.84 1.93 -11.21
CA MET D 184 36.44 2.30 -11.23
C MET D 184 35.67 1.43 -10.24
N ASP D 185 35.17 2.05 -9.17
CA ASP D 185 34.32 1.46 -8.13
C ASP D 185 35.12 0.61 -7.14
N ASP D 186 36.43 0.46 -7.31
CA ASP D 186 37.22 -0.38 -6.43
C ASP D 186 38.45 0.38 -5.97
N LEU D 187 38.78 0.23 -4.68
CA LEU D 187 39.95 0.87 -4.10
C LEU D 187 40.94 -0.22 -3.70
N TYR D 188 42.17 -0.12 -4.18
CA TYR D 188 43.19 -1.14 -3.96
C TYR D 188 44.23 -0.60 -3.00
N VAL D 189 44.35 -1.25 -1.85
CA VAL D 189 45.27 -0.83 -0.78
C VAL D 189 46.20 -1.99 -0.46
N GLY D 190 47.50 -1.78 -0.66
CA GLY D 190 48.47 -2.83 -0.46
C GLY D 190 49.70 -2.32 0.25
N SER D 191 50.42 -3.27 0.85
CA SER D 191 51.63 -2.98 1.60
C SER D 191 52.51 -4.21 1.63
N ASP D 192 53.73 -4.04 2.15
CA ASP D 192 54.66 -5.15 2.35
C ASP D 192 54.72 -5.60 3.81
N LEU D 193 53.83 -5.10 4.66
CA LEU D 193 53.90 -5.35 6.09
C LEU D 193 53.28 -6.70 6.43
N GLU D 194 53.31 -7.03 7.73
CA GLU D 194 52.75 -8.28 8.21
C GLU D 194 51.24 -8.32 7.97
N ILE D 195 50.74 -9.52 7.66
CA ILE D 195 49.32 -9.68 7.34
C ILE D 195 48.46 -9.27 8.53
N GLY D 196 48.84 -9.70 9.74
CA GLY D 196 48.13 -9.26 10.93
C GLY D 196 48.19 -7.77 11.11
N GLN D 197 49.34 -7.16 10.81
CA GLN D 197 49.45 -5.70 10.82
C GLN D 197 48.80 -5.08 9.59
N HIS D 198 48.86 -5.77 8.44
CA HIS D 198 48.16 -5.29 7.24
C HIS D 198 46.65 -5.27 7.46
N ARG D 199 46.10 -6.32 8.07
CA ARG D 199 44.67 -6.36 8.34
C ARG D 199 44.25 -5.28 9.34
N THR D 200 45.16 -4.86 10.23
CA THR D 200 44.84 -3.81 11.19
C THR D 200 44.86 -2.43 10.54
N LYS D 201 45.79 -2.18 9.61
CA LYS D 201 45.83 -0.90 8.91
C LYS D 201 44.73 -0.77 7.86
N ILE D 202 44.20 -1.89 7.36
CA ILE D 202 43.04 -1.83 6.48
C ILE D 202 41.83 -1.33 7.23
N GLU D 203 41.66 -1.78 8.47
CA GLU D 203 40.58 -1.26 9.32
C GLU D 203 40.73 0.23 9.55
N GLU D 204 41.98 0.71 9.68
CA GLU D 204 42.22 2.15 9.86
C GLU D 204 41.68 2.94 8.68
N LEU D 205 41.96 2.47 7.46
CA LEU D 205 41.38 3.10 6.28
C LEU D 205 39.85 3.01 6.29
N ARG D 206 39.32 1.94 6.88
CA ARG D 206 37.86 1.83 7.01
C ARG D 206 37.31 2.83 8.02
N GLN D 207 38.07 3.09 9.10
CA GLN D 207 37.65 4.06 10.08
C GLN D 207 37.86 5.50 9.60
N HIS D 208 38.98 5.73 8.91
CA HIS D 208 39.20 7.05 8.33
C HIS D 208 38.13 7.39 7.30
N LEU D 209 37.73 6.41 6.50
CA LEU D 209 36.65 6.56 5.53
C LEU D 209 35.30 6.16 6.11
N LEU D 210 35.22 5.86 7.41
CA LEU D 210 33.93 5.55 8.02
C LEU D 210 32.96 6.71 7.87
N ARG D 211 33.47 7.93 7.69
CA ARG D 211 32.63 9.06 7.34
C ARG D 211 32.23 8.96 5.87
N TRP D 212 30.93 8.77 5.63
CA TRP D 212 30.35 8.71 4.27
C TRP D 212 31.08 7.71 3.38
N GLY D 213 31.24 6.48 3.89
CA GLY D 213 31.96 5.45 3.16
C GLY D 213 31.44 4.07 3.48
N LEU D 214 31.97 3.08 2.74
CA LEU D 214 31.58 1.69 2.92
C LEU D 214 32.64 0.91 3.71
N TYR D 232 38.94 -10.07 0.94
CA TYR D 232 39.99 -11.03 1.27
C TYR D 232 41.35 -10.55 0.78
N GLU D 233 42.39 -10.93 1.50
CA GLU D 233 43.74 -10.48 1.19
C GLU D 233 44.20 -11.05 -0.14
N LEU D 234 44.78 -10.19 -0.99
CA LEU D 234 45.38 -10.59 -2.25
C LEU D 234 46.87 -10.31 -2.19
N HIS D 235 47.68 -11.28 -2.61
CA HIS D 235 49.12 -11.18 -2.49
C HIS D 235 49.75 -10.95 -3.86
N PRO D 236 50.09 -9.70 -4.21
CA PRO D 236 50.63 -9.46 -5.55
C PRO D 236 52.09 -9.88 -5.72
N ASP D 237 52.90 -9.86 -4.66
CA ASP D 237 54.30 -10.23 -4.81
C ASP D 237 54.45 -11.70 -5.18
N LYS D 238 53.58 -12.57 -4.65
CA LYS D 238 53.62 -14.00 -4.94
C LYS D 238 52.87 -14.31 -6.23
N TRP D 239 53.34 -13.71 -7.32
CA TRP D 239 52.81 -13.91 -8.65
C TRP D 239 53.93 -14.34 -9.58
N THR D 240 53.75 -15.48 -10.26
CA THR D 240 54.79 -16.09 -11.07
C THR D 240 54.20 -16.57 -12.40
N VAL D 241 54.95 -16.35 -13.49
CA VAL D 241 54.55 -16.84 -14.80
C VAL D 241 54.85 -18.34 -14.90
N GLN D 242 54.23 -18.98 -15.90
CA GLN D 242 54.32 -20.42 -16.07
C GLN D 242 55.30 -20.76 -17.19
N PRO D 243 56.39 -21.49 -16.91
CA PRO D 243 57.26 -21.96 -17.98
C PRO D 243 56.76 -23.27 -18.56
N ILE D 244 57.18 -23.53 -19.80
CA ILE D 244 56.78 -24.75 -20.51
C ILE D 244 58.04 -25.46 -20.96
N VAL D 245 58.13 -26.76 -20.65
CA VAL D 245 59.22 -27.62 -21.11
C VAL D 245 58.81 -29.08 -20.94
N LEU D 246 59.37 -29.97 -21.77
CA LEU D 246 59.17 -31.42 -21.61
C LEU D 246 60.49 -32.15 -21.84
N PRO D 247 61.48 -31.96 -20.97
CA PRO D 247 62.72 -32.74 -21.06
C PRO D 247 62.70 -34.05 -20.29
N GLU D 248 61.54 -34.44 -19.75
CA GLU D 248 61.49 -35.54 -18.79
C GLU D 248 61.78 -36.89 -19.43
N LYS D 249 61.35 -37.09 -20.68
CA LYS D 249 61.41 -38.42 -21.29
C LYS D 249 62.85 -38.90 -21.43
N ASP D 250 63.15 -40.04 -20.78
CA ASP D 250 64.45 -40.67 -20.93
C ASP D 250 64.50 -41.46 -22.22
N SER D 251 63.46 -42.24 -22.49
CA SER D 251 63.28 -42.94 -23.75
C SER D 251 62.12 -42.31 -24.51
N TRP D 252 62.36 -41.97 -25.77
CA TRP D 252 61.40 -41.22 -26.59
C TRP D 252 60.92 -42.06 -27.77
N THR D 253 59.61 -42.14 -27.95
CA THR D 253 59.04 -42.77 -29.12
C THR D 253 58.96 -41.77 -30.27
N VAL D 254 58.72 -42.28 -31.48
CA VAL D 254 58.62 -41.41 -32.65
C VAL D 254 57.53 -40.37 -32.45
N ASN D 255 56.37 -40.80 -31.94
CA ASN D 255 55.30 -39.85 -31.65
C ASN D 255 55.74 -38.84 -30.58
N ASP D 256 56.49 -39.31 -29.58
CA ASP D 256 57.02 -38.40 -28.56
C ASP D 256 57.95 -37.36 -29.18
N ILE D 257 58.78 -37.77 -30.12
CA ILE D 257 59.66 -36.82 -30.78
C ILE D 257 58.87 -35.90 -31.68
N GLN D 258 57.86 -36.44 -32.37
CA GLN D 258 57.01 -35.61 -33.22
C GLN D 258 56.36 -34.50 -32.42
N LYS D 259 55.69 -34.86 -31.31
CA LYS D 259 55.03 -33.87 -30.47
C LYS D 259 56.04 -32.85 -29.93
N LEU D 260 57.20 -33.34 -29.51
CA LEU D 260 58.25 -32.43 -29.03
C LEU D 260 58.68 -31.47 -30.11
N VAL D 261 58.86 -31.96 -31.34
CA VAL D 261 59.21 -31.07 -32.44
C VAL D 261 58.08 -30.09 -32.69
N GLY D 262 56.83 -30.54 -32.52
CA GLY D 262 55.70 -29.64 -32.71
C GLY D 262 55.70 -28.49 -31.74
N LYS D 263 55.85 -28.78 -30.44
CA LYS D 263 55.90 -27.73 -29.44
C LYS D 263 57.07 -26.79 -29.68
N LEU D 264 58.21 -27.33 -30.14
CA LEU D 264 59.39 -26.50 -30.38
C LEU D 264 59.12 -25.46 -31.46
N ASN D 265 58.46 -25.85 -32.54
CA ASN D 265 58.23 -24.90 -33.62
C ASN D 265 57.26 -23.81 -33.19
N TRP D 266 56.28 -24.18 -32.36
CA TRP D 266 55.36 -23.18 -31.82
C TRP D 266 56.10 -22.16 -30.98
N ALA D 267 57.06 -22.62 -30.17
CA ALA D 267 57.86 -21.72 -29.35
C ALA D 267 58.75 -20.80 -30.19
N SER D 268 58.99 -21.16 -31.45
CA SER D 268 59.85 -20.33 -32.29
C SER D 268 59.29 -18.92 -32.45
N GLN D 269 57.98 -18.77 -32.37
CA GLN D 269 57.37 -17.45 -32.48
C GLN D 269 57.50 -16.64 -31.19
N ILE D 270 57.35 -17.31 -30.04
CA ILE D 270 57.37 -16.61 -28.75
C ILE D 270 58.79 -16.13 -28.43
N TYR D 271 59.78 -16.99 -28.65
CA TYR D 271 61.17 -16.61 -28.41
C TYR D 271 61.84 -16.24 -29.71
N PRO D 272 62.56 -15.11 -29.77
CA PRO D 272 63.23 -14.73 -31.02
C PRO D 272 64.19 -15.78 -31.54
N GLY D 273 64.79 -16.56 -30.66
CA GLY D 273 65.55 -17.73 -31.07
C GLY D 273 65.08 -18.96 -30.31
N ILE D 274 64.87 -20.07 -31.02
CA ILE D 274 64.45 -21.32 -30.41
C ILE D 274 65.31 -22.46 -30.93
N LYS D 275 65.28 -23.57 -30.21
CA LYS D 275 66.07 -24.73 -30.59
C LYS D 275 65.63 -25.26 -31.94
N VAL D 276 66.61 -25.40 -32.85
CA VAL D 276 66.32 -25.95 -34.16
C VAL D 276 65.85 -27.39 -34.01
N ARG D 277 65.01 -27.82 -34.94
CA ARG D 277 64.53 -29.21 -34.97
C ARG D 277 65.65 -30.12 -35.45
N GLN D 278 66.63 -30.31 -34.56
CA GLN D 278 67.65 -31.32 -34.82
C GLN D 278 67.04 -32.72 -34.87
N LEU D 279 65.91 -32.90 -34.21
CA LEU D 279 65.22 -34.18 -34.17
C LEU D 279 64.43 -34.47 -35.44
N SER D 280 64.32 -33.48 -36.33
CA SER D 280 63.78 -33.74 -37.66
C SER D 280 64.63 -34.76 -38.41
N LYS D 281 65.95 -34.70 -38.23
CA LYS D 281 66.82 -35.74 -38.77
C LYS D 281 66.69 -37.03 -37.97
N LEU D 282 66.29 -36.94 -36.70
CA LEU D 282 66.10 -38.15 -35.91
C LEU D 282 64.96 -39.00 -36.43
N LEU D 283 63.94 -38.37 -37.02
CA LEU D 283 62.79 -39.09 -37.59
C LEU D 283 62.77 -38.81 -39.09
N ARG D 284 63.44 -39.68 -39.86
CA ARG D 284 63.52 -39.55 -41.31
C ARG D 284 62.97 -40.82 -41.95
N GLY D 285 62.24 -40.64 -43.04
CA GLY D 285 61.55 -41.75 -43.65
C GLY D 285 60.25 -42.07 -42.93
N THR D 286 59.77 -43.29 -43.20
CA THR D 286 58.50 -43.76 -42.68
C THR D 286 58.76 -44.80 -41.61
N LYS D 287 58.68 -44.38 -40.35
CA LYS D 287 58.85 -45.26 -39.20
C LYS D 287 57.62 -45.16 -38.32
N ALA D 288 57.10 -46.31 -37.91
CA ALA D 288 55.90 -46.34 -37.09
C ALA D 288 56.09 -45.51 -35.83
N LEU D 289 55.04 -44.78 -35.44
CA LEU D 289 55.15 -43.90 -34.29
C LEU D 289 55.44 -44.70 -33.02
N THR D 290 54.84 -45.87 -32.88
CA THR D 290 55.06 -46.71 -31.70
C THR D 290 56.54 -47.05 -31.51
N GLU D 291 57.31 -47.08 -32.59
CA GLU D 291 58.72 -47.44 -32.49
C GLU D 291 59.48 -46.43 -31.66
N VAL D 292 60.49 -46.92 -30.93
CA VAL D 292 61.35 -46.10 -30.10
C VAL D 292 62.69 -45.93 -30.81
N ILE D 293 63.22 -44.70 -30.81
CA ILE D 293 64.54 -44.47 -31.38
C ILE D 293 65.43 -43.81 -30.32
N PRO D 294 66.70 -44.20 -30.23
CA PRO D 294 67.59 -43.55 -29.27
C PRO D 294 67.88 -42.11 -29.66
N LEU D 295 67.95 -41.24 -28.66
CA LEU D 295 68.28 -39.85 -28.90
C LEU D 295 69.76 -39.71 -29.25
N THR D 296 70.04 -38.96 -30.31
CA THR D 296 71.42 -38.76 -30.72
C THR D 296 72.10 -37.72 -29.84
N GLU D 297 73.41 -37.56 -30.05
CA GLU D 297 74.19 -36.62 -29.23
C GLU D 297 73.71 -35.20 -29.43
N GLU D 298 73.48 -34.78 -30.69
CA GLU D 298 72.96 -33.44 -30.93
C GLU D 298 71.55 -33.28 -30.39
N ALA D 299 70.81 -34.38 -30.26
CA ALA D 299 69.46 -34.32 -29.70
C ALA D 299 69.49 -33.97 -28.23
N GLU D 300 70.33 -34.65 -27.44
CA GLU D 300 70.47 -34.30 -26.04
C GLU D 300 70.92 -32.86 -25.87
N LEU D 301 71.75 -32.35 -26.78
CA LEU D 301 72.21 -30.96 -26.70
C LEU D 301 71.09 -29.98 -27.03
N GLU D 302 70.28 -30.28 -28.04
CA GLU D 302 69.21 -29.37 -28.44
C GLU D 302 68.02 -29.41 -27.49
N LEU D 303 67.77 -30.55 -26.82
CA LEU D 303 66.67 -30.63 -25.87
C LEU D 303 66.99 -29.85 -24.59
N ALA D 304 68.19 -30.04 -24.05
CA ALA D 304 68.58 -29.31 -22.85
C ALA D 304 68.73 -27.82 -23.11
N GLU D 305 69.31 -27.45 -24.26
CA GLU D 305 69.48 -26.03 -24.58
C GLU D 305 68.14 -25.33 -24.75
N ASN D 306 67.16 -26.03 -25.35
CA ASN D 306 65.81 -25.47 -25.46
C ASN D 306 65.18 -25.28 -24.09
N ARG D 307 65.36 -26.26 -23.19
CA ARG D 307 64.77 -26.16 -21.86
C ARG D 307 65.22 -24.90 -21.14
N GLU D 308 66.46 -24.48 -21.37
CA GLU D 308 66.94 -23.23 -20.78
C GLU D 308 66.26 -22.02 -21.43
N ILE D 309 66.17 -22.02 -22.77
CA ILE D 309 65.47 -20.93 -23.45
C ILE D 309 64.00 -20.93 -23.08
N LEU D 310 63.47 -22.07 -22.60
CA LEU D 310 62.09 -22.15 -22.17
C LEU D 310 61.87 -21.58 -20.77
N LYS D 311 62.87 -21.69 -19.89
CA LYS D 311 62.78 -21.08 -18.56
C LYS D 311 63.10 -19.60 -18.58
N GLU D 312 64.04 -19.18 -19.43
CA GLU D 312 64.41 -17.77 -19.52
C GLU D 312 63.25 -16.95 -20.07
N PRO D 313 62.93 -15.80 -19.48
CA PRO D 313 61.78 -15.03 -19.94
C PRO D 313 62.03 -14.36 -21.29
N VAL D 314 60.95 -14.21 -22.06
CA VAL D 314 61.06 -13.60 -23.37
C VAL D 314 61.59 -12.19 -23.25
N HIS D 315 62.48 -11.81 -24.16
CA HIS D 315 63.01 -10.46 -24.21
C HIS D 315 62.24 -9.64 -25.23
N GLY D 316 62.21 -8.33 -25.01
CA GLY D 316 61.50 -7.42 -25.88
C GLY D 316 60.03 -7.23 -25.56
N VAL D 317 59.52 -7.89 -24.52
CA VAL D 317 58.11 -7.79 -24.16
C VAL D 317 57.94 -6.59 -23.25
N TYR D 318 57.33 -5.52 -23.78
CA TYR D 318 57.12 -4.30 -23.00
C TYR D 318 55.72 -3.78 -23.24
N TYR D 319 55.00 -3.56 -22.15
CA TYR D 319 53.61 -3.11 -22.20
C TYR D 319 53.51 -1.74 -22.88
N ASP D 320 52.53 -1.60 -23.77
CA ASP D 320 52.28 -0.35 -24.50
C ASP D 320 50.92 0.21 -24.09
N PRO D 321 50.86 1.34 -23.40
CA PRO D 321 49.58 1.83 -22.89
C PRO D 321 48.54 2.09 -23.97
N SER D 322 48.96 2.55 -25.15
CA SER D 322 48.01 2.93 -26.19
C SER D 322 47.25 1.73 -26.73
N LYS D 323 47.92 0.60 -26.87
CA LYS D 323 47.23 -0.62 -27.33
C LYS D 323 46.37 -1.20 -26.21
N ASP D 324 45.47 -2.10 -26.59
CA ASP D 324 44.54 -2.72 -25.65
C ASP D 324 45.00 -4.14 -25.31
N LEU D 325 45.07 -4.43 -24.01
CA LEU D 325 45.45 -5.77 -23.56
C LEU D 325 44.35 -6.77 -23.90
N ILE D 326 44.76 -7.97 -24.29
CA ILE D 326 43.84 -9.06 -24.59
C ILE D 326 44.28 -10.30 -23.81
N ALA D 327 43.30 -11.08 -23.35
CA ALA D 327 43.56 -12.29 -22.60
C ALA D 327 42.83 -13.45 -23.25
N GLU D 328 43.52 -14.60 -23.33
CA GLU D 328 43.01 -15.80 -23.96
C GLU D 328 43.05 -16.93 -22.94
N ILE D 329 42.04 -17.80 -22.97
CA ILE D 329 41.87 -18.86 -21.98
C ILE D 329 41.67 -20.19 -22.68
N GLN D 330 42.32 -21.24 -22.18
CA GLN D 330 42.12 -22.60 -22.67
C GLN D 330 41.74 -23.48 -21.50
N LYS D 331 40.64 -24.23 -21.67
CA LYS D 331 40.20 -25.21 -20.69
C LYS D 331 41.08 -26.45 -20.81
N GLN D 332 42.04 -26.59 -19.88
CA GLN D 332 42.89 -27.77 -19.89
C GLN D 332 42.15 -29.00 -19.40
N GLY D 333 41.22 -28.84 -18.47
CA GLY D 333 40.50 -29.96 -17.88
C GLY D 333 40.89 -30.16 -16.42
N GLN D 334 40.10 -31.02 -15.77
CA GLN D 334 40.27 -31.33 -14.34
C GLN D 334 40.25 -30.07 -13.48
N GLY D 335 39.27 -29.20 -13.74
CA GLY D 335 39.13 -27.97 -12.98
C GLY D 335 40.31 -27.04 -13.08
N GLN D 336 41.13 -27.16 -14.13
CA GLN D 336 42.30 -26.33 -14.31
C GLN D 336 42.17 -25.57 -15.62
N TRP D 337 42.67 -24.33 -15.63
CA TRP D 337 42.55 -23.43 -16.76
C TRP D 337 43.85 -22.67 -16.94
N THR D 338 44.17 -22.34 -18.19
CA THR D 338 45.42 -21.66 -18.54
C THR D 338 45.11 -20.40 -19.33
N TYR D 339 45.92 -19.35 -19.12
CA TYR D 339 45.66 -18.06 -19.74
C TYR D 339 46.97 -17.35 -20.09
N GLN D 340 46.86 -16.44 -21.06
CA GLN D 340 47.95 -15.56 -21.48
C GLN D 340 47.38 -14.16 -21.68
N ILE D 341 48.15 -13.15 -21.29
CA ILE D 341 47.76 -11.75 -21.45
C ILE D 341 48.79 -11.11 -22.36
N TYR D 342 48.32 -10.55 -23.47
CA TYR D 342 49.23 -10.01 -24.48
C TYR D 342 48.60 -8.80 -25.14
N GLN D 343 49.43 -8.05 -25.86
CA GLN D 343 48.98 -6.94 -26.69
C GLN D 343 49.25 -7.14 -28.17
N GLU D 344 50.22 -7.96 -28.54
CA GLU D 344 50.50 -8.34 -29.91
C GLU D 344 50.58 -9.86 -29.97
N PRO D 345 50.23 -10.48 -31.10
CA PRO D 345 50.10 -11.95 -31.12
C PRO D 345 51.37 -12.69 -30.75
N PHE D 346 52.54 -12.20 -31.20
CA PHE D 346 53.78 -12.94 -31.00
C PHE D 346 54.26 -12.84 -29.56
N LYS D 347 54.20 -11.65 -28.96
CA LYS D 347 54.80 -11.37 -27.67
C LYS D 347 53.72 -11.27 -26.60
N ASN D 348 53.86 -12.08 -25.55
CA ASN D 348 52.92 -12.10 -24.44
C ASN D 348 53.57 -11.47 -23.22
N LEU D 349 52.78 -10.69 -22.47
CA LEU D 349 53.29 -10.06 -21.25
C LEU D 349 53.27 -11.02 -20.06
N LYS D 350 52.23 -11.82 -19.93
CA LYS D 350 52.12 -12.73 -18.79
C LYS D 350 51.37 -13.98 -19.21
N THR D 351 51.80 -15.13 -18.71
CA THR D 351 51.15 -16.41 -18.95
C THR D 351 50.97 -17.10 -17.60
N GLY D 352 49.77 -17.65 -17.35
CA GLY D 352 49.48 -18.22 -16.06
C GLY D 352 48.49 -19.36 -16.11
N LYS D 353 48.16 -19.87 -14.91
CA LYS D 353 47.22 -20.96 -14.75
C LYS D 353 46.39 -20.74 -13.49
N TYR D 354 45.38 -21.58 -13.31
CA TYR D 354 44.48 -21.54 -12.17
C TYR D 354 43.99 -22.94 -11.88
N ALA D 355 43.67 -23.22 -10.61
CA ALA D 355 43.21 -24.53 -10.19
C ALA D 355 42.04 -24.41 -9.23
N ARG D 356 41.06 -25.31 -9.41
CA ARG D 356 39.90 -25.48 -8.51
C ARG D 356 39.00 -26.61 -9.01
N THR D 362 33.10 -26.40 -9.36
CA THR D 362 32.43 -27.49 -10.07
C THR D 362 32.04 -27.10 -11.50
N ASN D 363 30.86 -26.50 -11.65
CA ASN D 363 30.34 -26.02 -12.92
C ASN D 363 31.44 -25.39 -13.77
N ASP D 364 31.51 -25.83 -15.03
CA ASP D 364 32.51 -25.27 -15.94
C ASP D 364 32.32 -23.78 -16.11
N VAL D 365 31.08 -23.33 -16.26
CA VAL D 365 30.82 -21.90 -16.37
C VAL D 365 31.16 -21.20 -15.06
N LYS D 366 30.99 -21.88 -13.93
CA LYS D 366 31.38 -21.29 -12.65
C LYS D 366 32.89 -21.07 -12.59
N GLN D 367 33.67 -22.07 -13.01
CA GLN D 367 35.12 -21.93 -12.98
C GLN D 367 35.59 -20.86 -13.96
N LEU D 368 34.92 -20.76 -15.11
CA LEU D 368 35.29 -19.75 -16.09
C LEU D 368 35.04 -18.34 -15.56
N THR D 369 33.85 -18.09 -15.02
CA THR D 369 33.56 -16.78 -14.45
C THR D 369 34.50 -16.47 -13.30
N GLU D 370 34.73 -17.45 -12.42
CA GLU D 370 35.68 -17.24 -11.33
C GLU D 370 37.06 -16.88 -11.87
N ALA D 371 37.51 -17.59 -12.91
CA ALA D 371 38.83 -17.32 -13.47
C ALA D 371 38.86 -15.96 -14.16
N VAL D 372 37.80 -15.61 -14.88
CA VAL D 372 37.79 -14.35 -15.61
C VAL D 372 37.97 -13.17 -14.66
N GLN D 373 37.24 -13.20 -13.53
CA GLN D 373 37.36 -12.13 -12.55
C GLN D 373 38.77 -12.05 -11.98
N LYS D 374 39.38 -13.21 -11.70
CA LYS D 374 40.73 -13.23 -11.15
C LYS D 374 41.74 -12.61 -12.12
N ILE D 375 41.63 -12.93 -13.41
CA ILE D 375 42.56 -12.34 -14.37
C ILE D 375 42.34 -10.85 -14.50
N THR D 376 41.10 -10.38 -14.37
CA THR D 376 40.84 -8.96 -14.44
C THR D 376 41.43 -8.22 -13.24
N THR D 377 41.31 -8.80 -12.04
CA THR D 377 41.91 -8.19 -10.87
C THR D 377 43.42 -8.05 -11.05
N GLU D 378 44.07 -9.13 -11.52
CA GLU D 378 45.51 -9.12 -11.70
C GLU D 378 45.92 -8.07 -12.75
N SER D 379 45.22 -8.02 -13.88
CA SER D 379 45.55 -7.03 -14.91
C SER D 379 45.29 -5.62 -14.42
N ILE D 380 44.26 -5.41 -13.59
CA ILE D 380 44.07 -4.12 -12.95
C ILE D 380 45.27 -3.80 -12.06
N VAL D 381 45.70 -4.78 -11.26
CA VAL D 381 46.77 -4.55 -10.31
C VAL D 381 48.10 -4.30 -11.01
N ILE D 382 48.34 -4.99 -12.13
CA ILE D 382 49.65 -4.93 -12.78
C ILE D 382 49.77 -3.71 -13.68
N TRP D 383 48.74 -3.39 -14.46
CA TRP D 383 48.79 -2.26 -15.39
C TRP D 383 47.71 -1.21 -15.17
N GLY D 384 46.66 -1.51 -14.41
CA GLY D 384 45.53 -0.60 -14.32
C GLY D 384 44.62 -0.64 -15.52
N LYS D 385 44.29 -1.83 -16.02
CA LYS D 385 43.48 -1.96 -17.22
C LYS D 385 42.80 -3.33 -17.21
N THR D 386 41.70 -3.44 -17.97
CA THR D 386 41.00 -4.71 -18.13
C THR D 386 41.22 -5.27 -19.54
N PRO D 387 41.40 -6.58 -19.66
CA PRO D 387 41.68 -7.19 -20.97
C PRO D 387 40.41 -7.51 -21.74
N LYS D 388 40.61 -7.89 -23.00
CA LYS D 388 39.50 -8.10 -23.92
C LYS D 388 38.75 -9.40 -23.66
N PHE D 389 39.45 -10.44 -23.19
CA PHE D 389 38.82 -11.67 -22.68
C PHE D 389 37.97 -12.38 -23.74
N LYS D 390 38.66 -12.92 -24.74
CA LYS D 390 38.02 -13.83 -25.71
C LYS D 390 37.80 -15.20 -25.04
N LEU D 391 36.52 -15.57 -24.82
CA LEU D 391 36.23 -16.69 -23.94
C LEU D 391 35.83 -17.94 -24.71
N PRO D 392 36.26 -19.11 -24.25
CA PRO D 392 35.93 -20.39 -24.92
C PRO D 392 34.63 -20.99 -24.40
N ILE D 393 33.51 -20.40 -24.82
CA ILE D 393 32.19 -20.88 -24.42
C ILE D 393 31.18 -20.32 -25.41
N GLN D 394 30.09 -21.06 -25.62
CA GLN D 394 29.01 -20.55 -26.46
C GLN D 394 28.47 -19.24 -25.87
N LYS D 395 28.24 -18.28 -26.76
CA LYS D 395 27.80 -16.95 -26.33
C LYS D 395 26.50 -17.02 -25.55
N GLU D 396 25.53 -17.79 -26.04
CA GLU D 396 24.22 -17.87 -25.38
C GLU D 396 24.34 -18.46 -23.98
N THR D 397 25.16 -19.49 -23.82
CA THR D 397 25.37 -20.08 -22.50
C THR D 397 26.02 -19.08 -21.55
N TRP D 398 27.00 -18.32 -22.06
CA TRP D 398 27.69 -17.34 -21.22
C TRP D 398 26.75 -16.19 -20.85
N GLU D 399 26.03 -15.65 -21.83
CA GLU D 399 25.09 -14.57 -21.56
C GLU D 399 23.92 -15.04 -20.70
N THR D 400 23.72 -16.35 -20.54
CA THR D 400 22.63 -16.89 -19.74
C THR D 400 23.00 -17.08 -18.28
N TRP D 401 24.22 -17.52 -17.97
CA TRP D 401 24.57 -17.88 -16.60
C TRP D 401 25.65 -17.03 -15.96
N TRP D 402 26.24 -16.05 -16.66
CA TRP D 402 27.41 -15.38 -16.11
C TRP D 402 27.07 -14.54 -14.89
N THR D 403 25.83 -14.01 -14.80
CA THR D 403 25.46 -13.23 -13.62
C THR D 403 25.28 -14.09 -12.37
N GLU D 404 25.21 -15.41 -12.52
CA GLU D 404 24.93 -16.27 -11.38
C GLU D 404 26.11 -16.37 -10.44
N TYR D 405 27.34 -16.22 -10.94
CA TYR D 405 28.52 -16.32 -10.11
C TYR D 405 29.38 -15.05 -10.16
N TRP D 406 28.90 -14.00 -10.81
CA TRP D 406 29.69 -12.77 -10.91
C TRP D 406 29.69 -12.04 -9.59
N GLN D 407 30.87 -11.71 -9.08
CA GLN D 407 31.01 -11.10 -7.76
C GLN D 407 31.79 -9.80 -7.81
N ALA D 408 31.77 -9.11 -8.95
CA ALA D 408 32.52 -7.87 -9.09
C ALA D 408 31.62 -6.80 -9.66
N THR D 409 31.99 -5.55 -9.42
CA THR D 409 31.21 -4.42 -9.92
C THR D 409 31.52 -4.11 -11.38
N TRP D 410 32.80 -4.15 -11.77
CA TRP D 410 33.18 -3.91 -13.15
C TRP D 410 32.79 -5.09 -14.03
N ILE D 411 32.74 -4.83 -15.34
CA ILE D 411 32.56 -5.90 -16.33
C ILE D 411 33.51 -5.61 -17.49
N PRO D 412 34.40 -6.55 -17.84
CA PRO D 412 35.30 -6.33 -18.97
C PRO D 412 34.63 -6.63 -20.31
N GLU D 413 35.26 -6.14 -21.37
CA GLU D 413 34.83 -6.52 -22.71
C GLU D 413 35.02 -8.02 -22.91
N TRP D 414 34.32 -8.56 -23.90
CA TRP D 414 34.56 -9.96 -24.23
C TRP D 414 34.08 -10.26 -25.64
N GLU D 415 34.68 -11.31 -26.22
CA GLU D 415 34.16 -12.01 -27.38
C GLU D 415 34.23 -13.50 -27.07
N PHE D 416 33.74 -14.32 -27.99
CA PHE D 416 33.72 -15.76 -27.81
C PHE D 416 34.44 -16.41 -28.99
N VAL D 417 35.26 -17.42 -28.67
CA VAL D 417 36.20 -17.99 -29.64
C VAL D 417 36.23 -19.52 -29.48
N ASN D 418 36.42 -20.21 -30.60
CA ASN D 418 36.67 -21.64 -30.61
C ASN D 418 38.17 -21.90 -30.45
N THR D 419 38.52 -22.59 -29.36
CA THR D 419 39.93 -22.82 -29.03
C THR D 419 40.60 -23.70 -30.08
N PRO D 420 41.72 -23.28 -30.64
CA PRO D 420 42.47 -24.15 -31.55
C PRO D 420 43.13 -25.29 -30.80
N PRO D 421 43.63 -26.32 -31.50
CA PRO D 421 44.32 -27.42 -30.81
C PRO D 421 45.70 -27.03 -30.31
N LEU D 422 45.77 -25.97 -29.49
CA LEU D 422 46.99 -25.59 -28.80
C LEU D 422 46.90 -25.87 -27.31
N VAL D 423 45.94 -26.69 -26.88
CA VAL D 423 45.78 -27.01 -25.45
C VAL D 423 46.98 -27.77 -24.93
N LYS D 424 47.65 -28.55 -25.80
CA LYS D 424 48.87 -29.26 -25.39
C LYS D 424 49.94 -28.27 -24.96
N LEU D 425 50.11 -27.19 -25.70
CA LEU D 425 51.01 -26.11 -25.33
C LEU D 425 50.33 -25.27 -24.25
N TRP D 426 51.06 -24.98 -23.17
CA TRP D 426 50.44 -24.31 -22.03
C TRP D 426 50.03 -22.88 -22.36
N TYR D 427 50.83 -22.17 -23.16
CA TYR D 427 50.52 -20.79 -23.52
C TYR D 427 49.76 -20.70 -24.83
MG MG E . -19.59 46.33 48.26
C10 29T F . -39.21 -13.71 25.64
C11 29T F . -37.90 -12.67 27.15
C14 29T F . -38.63 -13.81 26.90
C16 29T F . -38.79 -14.92 27.77
C00 29T F . -40.88 -10.70 19.87
C01 29T F . -39.89 -11.16 19.01
C02 29T F . -38.93 -12.02 19.45
C03 29T F . -38.94 -12.44 20.77
C04 29T F . -39.93 -11.99 21.63
C05 29T F . -40.91 -11.10 21.19
O0A 29T F . -39.87 -12.46 22.94
C0C 29T F . -39.06 -11.84 23.86
C0V 29T F . -38.83 -12.48 25.10
N0W 29T F . -38.02 -11.86 26.05
C0X 29T F . -37.47 -10.62 25.81
C0Y 29T F . -37.70 -9.98 24.64
C0Z 29T F . -38.50 -10.59 23.66
N19 29T F . -38.85 -15.87 28.42
O0B 29T F . -41.85 -10.72 22.11
C0D 29T F . -42.87 -9.83 21.62
C0E 29T F . -43.85 -9.61 22.74
N0H 29T F . -44.42 -10.88 23.24
C0K 29T F . -45.50 -11.43 22.58
N0M 29T F . -45.96 -12.61 23.10
C0N 29T F . -45.44 -13.29 24.19
C0O 29T F . -44.32 -12.65 24.81
C0P 29T F . -43.87 -11.49 24.32
O0Q 29T F . -46.02 -10.91 21.60
O0S 29T F . -45.96 -14.34 24.55
MG MG G . 50.83 -30.42 -48.06
C10 29T H . -6.58 -11.89 -24.55
C11 29T H . -4.98 -11.39 -26.03
C14 29T H . -6.35 -11.64 -25.89
C16 29T H . -7.30 -11.61 -26.94
C00 29T H . -5.31 -12.74 -17.99
C01 29T H . -5.14 -11.43 -17.57
C02 29T H . -5.23 -10.40 -18.47
C03 29T H . -5.50 -10.66 -19.81
C04 29T H . -5.74 -11.96 -20.21
C05 29T H . -5.62 -13.02 -19.32
O0A 29T H . -5.97 -12.28 -21.55
C0C 29T H . -5.03 -11.92 -22.50
C0V 29T H . -5.38 -11.83 -23.88
N0W 29T H . -4.40 -11.51 -24.80
C0X 29T H . -3.08 -11.36 -24.43
C0Y 29T H . -2.73 -11.51 -23.13
C0Z 29T H . -3.69 -11.82 -22.16
N19 29T H . -8.08 -11.45 -27.75
O0B 29T H . -5.79 -14.27 -19.84
C0D 29T H . -5.57 -15.39 -18.99
C0E 29T H . -5.79 -16.62 -19.84
N0H 29T H . -7.12 -16.65 -20.48
C0K 29T H . -8.18 -17.14 -19.74
N0M 29T H . -9.39 -17.15 -20.40
C0N 29T H . -9.62 -16.74 -21.70
C0O 29T H . -8.46 -16.26 -22.38
C0P 29T H . -7.30 -16.24 -21.76
O0Q 29T H . -8.07 -17.53 -18.58
O0S 29T H . -10.76 -16.82 -22.16
#